data_2EBT
#
_entry.id   2EBT
#
loop_
_entity.id
_entity.type
_entity.pdbx_description
1 polymer 'Krueppel-like factor 5'
2 non-polymer 'ZINC ION'
#
_entity_poly.entity_id   1
_entity_poly.type   'polypeptide(L)'
_entity_poly.pdbx_seq_one_letter_code
;GSSGSSGPDLEKRRIHYCDYPGCTKVYTKSSHLKAHLRTHTGEKPYKCTWEGCDWRFARSDELTRHYRKHTGAKPFQCGV
CNRSFSRSDHLALHMKRHQN
;
_entity_poly.pdbx_strand_id   A
#
# COMPACT_ATOMS: atom_id res chain seq x y z
N GLY A 1 -4.35 3.38 -36.12
CA GLY A 1 -4.04 3.48 -34.71
C GLY A 1 -4.19 2.16 -33.99
N SER A 2 -3.15 1.34 -34.00
CA SER A 2 -3.18 0.04 -33.35
C SER A 2 -1.97 -0.13 -32.42
N SER A 3 -0.81 0.32 -32.89
CA SER A 3 0.42 0.20 -32.12
C SER A 3 0.35 1.07 -30.85
N GLY A 4 1.38 0.98 -30.04
CA GLY A 4 1.42 1.75 -28.81
C GLY A 4 2.82 1.89 -28.24
N SER A 5 2.97 2.74 -27.23
CA SER A 5 4.27 2.96 -26.61
C SER A 5 4.13 3.86 -25.38
N SER A 6 4.70 3.41 -24.26
CA SER A 6 4.64 4.17 -23.02
C SER A 6 6.04 4.32 -22.41
N GLY A 7 6.13 5.11 -21.35
CA GLY A 7 7.40 5.33 -20.68
C GLY A 7 7.27 6.15 -19.42
N PRO A 8 8.12 5.86 -18.43
CA PRO A 8 8.12 6.58 -17.15
C PRO A 8 8.60 8.01 -17.28
N ASP A 9 8.82 8.67 -16.14
CA ASP A 9 9.29 10.06 -16.14
C ASP A 9 10.12 10.34 -14.90
N LEU A 10 10.70 11.53 -14.84
CA LEU A 10 11.53 11.92 -13.70
C LEU A 10 11.48 13.43 -13.50
N GLU A 11 11.68 13.86 -12.25
CA GLU A 11 11.65 15.28 -11.91
C GLU A 11 12.25 15.53 -10.53
N LYS A 12 12.59 16.78 -10.25
CA LYS A 12 13.17 17.15 -8.97
C LYS A 12 12.50 16.39 -7.83
N ARG A 13 13.18 16.30 -6.69
CA ARG A 13 12.64 15.61 -5.53
C ARG A 13 11.63 16.47 -4.79
N ARG A 14 10.35 16.15 -4.95
CA ARG A 14 9.29 16.90 -4.30
C ARG A 14 8.50 16.01 -3.34
N ILE A 15 7.63 16.62 -2.54
CA ILE A 15 6.83 15.89 -1.58
C ILE A 15 5.54 15.38 -2.22
N HIS A 16 5.34 14.07 -2.18
CA HIS A 16 4.13 13.46 -2.76
C HIS A 16 3.05 13.29 -1.70
N TYR A 17 1.84 13.72 -2.02
CA TYR A 17 0.73 13.62 -1.09
C TYR A 17 -0.27 12.57 -1.56
N CYS A 18 -0.55 11.60 -0.70
CA CYS A 18 -1.48 10.53 -1.01
C CYS A 18 -2.80 11.10 -1.54
N ASP A 19 -3.21 10.64 -2.72
CA ASP A 19 -4.46 11.10 -3.32
C ASP A 19 -5.66 10.36 -2.74
N TYR A 20 -5.64 10.14 -1.44
CA TYR A 20 -6.72 9.45 -0.76
C TYR A 20 -7.39 10.34 0.28
N PRO A 21 -8.73 10.25 0.36
CA PRO A 21 -9.52 11.05 1.31
C PRO A 21 -9.29 10.61 2.75
N GLY A 22 -9.03 11.58 3.62
CA GLY A 22 -8.80 11.28 5.02
C GLY A 22 -7.35 10.95 5.32
N CYS A 23 -6.75 10.10 4.49
CA CYS A 23 -5.36 9.71 4.67
C CYS A 23 -4.46 10.93 4.84
N THR A 24 -3.51 10.84 5.76
CA THR A 24 -2.59 11.94 6.02
C THR A 24 -1.14 11.47 5.96
N LYS A 25 -0.87 10.53 5.05
CA LYS A 25 0.48 10.00 4.88
C LYS A 25 1.13 10.55 3.62
N VAL A 26 2.39 10.94 3.73
CA VAL A 26 3.13 11.47 2.59
C VAL A 26 4.52 10.85 2.50
N TYR A 27 5.13 10.98 1.32
CA TYR A 27 6.46 10.43 1.10
C TYR A 27 7.14 11.12 -0.08
N THR A 28 8.44 11.39 0.07
CA THR A 28 9.20 12.05 -0.97
C THR A 28 9.74 11.04 -1.98
N LYS A 29 8.95 10.00 -2.24
CA LYS A 29 9.34 8.96 -3.19
C LYS A 29 8.14 8.47 -3.98
N SER A 30 8.35 8.18 -5.26
CA SER A 30 7.27 7.69 -6.12
C SER A 30 7.11 6.18 -5.99
N SER A 31 8.17 5.52 -5.54
CA SER A 31 8.15 4.07 -5.36
C SER A 31 7.53 3.69 -4.02
N HIS A 32 7.91 4.42 -2.98
CA HIS A 32 7.39 4.16 -1.64
C HIS A 32 5.89 4.41 -1.58
N LEU A 33 5.45 5.49 -2.23
CA LEU A 33 4.04 5.84 -2.25
C LEU A 33 3.19 4.72 -2.84
N LYS A 34 3.53 4.32 -4.06
CA LYS A 34 2.81 3.25 -4.74
C LYS A 34 2.60 2.06 -3.81
N ALA A 35 3.62 1.73 -3.02
CA ALA A 35 3.54 0.62 -2.09
C ALA A 35 2.50 0.89 -1.00
N HIS A 36 2.41 2.14 -0.57
CA HIS A 36 1.47 2.53 0.47
C HIS A 36 0.03 2.43 -0.04
N LEU A 37 -0.21 3.00 -1.22
CA LEU A 37 -1.55 2.97 -1.81
C LEU A 37 -2.12 1.56 -1.79
N ARG A 38 -1.26 0.57 -1.97
CA ARG A 38 -1.68 -0.82 -1.97
C ARG A 38 -2.64 -1.10 -0.82
N THR A 39 -2.46 -0.39 0.28
CA THR A 39 -3.30 -0.56 1.45
C THR A 39 -4.72 -0.04 1.19
N HIS A 40 -4.81 1.10 0.50
CA HIS A 40 -6.10 1.70 0.18
C HIS A 40 -6.86 0.84 -0.83
N THR A 41 -6.14 0.33 -1.82
CA THR A 41 -6.75 -0.50 -2.85
C THR A 41 -6.75 -1.97 -2.43
N GLY A 42 -7.94 -2.59 -2.45
CA GLY A 42 -8.07 -3.98 -2.06
C GLY A 42 -9.47 -4.52 -2.28
N GLU A 43 -10.00 -5.19 -1.26
CA GLU A 43 -11.33 -5.76 -1.35
C GLU A 43 -11.77 -6.34 0.00
N LYS A 44 -13.01 -6.05 0.40
CA LYS A 44 -13.54 -6.53 1.66
C LYS A 44 -14.93 -7.12 1.47
N PRO A 45 -15.00 -8.37 1.01
CA PRO A 45 -16.25 -9.08 0.78
C PRO A 45 -16.98 -9.42 2.07
N TYR A 46 -16.22 -9.81 3.09
CA TYR A 46 -16.78 -10.16 4.39
C TYR A 46 -17.40 -8.94 5.06
N LYS A 47 -18.70 -9.00 5.33
CA LYS A 47 -19.41 -7.90 5.97
C LYS A 47 -20.05 -8.37 7.27
N CYS A 48 -19.99 -7.51 8.29
CA CYS A 48 -20.57 -7.83 9.59
C CYS A 48 -22.10 -7.79 9.52
N THR A 49 -22.71 -8.98 9.59
CA THR A 49 -24.16 -9.09 9.53
C THR A 49 -24.79 -8.80 10.90
N TRP A 50 -24.36 -7.69 11.50
CA TRP A 50 -24.87 -7.31 12.81
C TRP A 50 -25.82 -6.12 12.69
N GLU A 51 -26.65 -5.92 13.71
CA GLU A 51 -27.60 -4.81 13.71
C GLU A 51 -26.90 -3.48 13.99
N GLY A 52 -26.92 -2.59 12.99
CA GLY A 52 -26.27 -1.30 13.14
C GLY A 52 -24.89 -1.26 12.53
N CYS A 53 -24.10 -2.30 12.79
CA CYS A 53 -22.75 -2.38 12.26
C CYS A 53 -22.77 -2.43 10.73
N ASP A 54 -21.94 -1.60 10.10
CA ASP A 54 -21.85 -1.56 8.65
C ASP A 54 -20.40 -1.61 8.19
N TRP A 55 -19.57 -2.31 8.95
CA TRP A 55 -18.15 -2.43 8.62
C TRP A 55 -17.91 -3.67 7.76
N ARG A 56 -16.68 -3.81 7.26
CA ARG A 56 -16.32 -4.95 6.43
C ARG A 56 -14.86 -5.32 6.64
N PHE A 57 -14.53 -6.58 6.36
CA PHE A 57 -13.16 -7.07 6.51
C PHE A 57 -12.74 -7.89 5.29
N ALA A 58 -11.45 -8.20 5.21
CA ALA A 58 -10.91 -8.98 4.10
C ALA A 58 -10.62 -10.42 4.53
N ARG A 59 -10.04 -10.57 5.72
CA ARG A 59 -9.71 -11.90 6.24
C ARG A 59 -10.87 -12.47 7.03
N SER A 60 -11.20 -13.72 6.76
CA SER A 60 -12.30 -14.39 7.45
C SER A 60 -12.08 -14.38 8.96
N ASP A 61 -10.88 -14.76 9.39
CA ASP A 61 -10.55 -14.80 10.81
C ASP A 61 -10.72 -13.41 11.44
N GLU A 62 -10.25 -12.39 10.73
CA GLU A 62 -10.36 -11.02 11.23
C GLU A 62 -11.79 -10.71 11.67
N LEU A 63 -12.75 -10.98 10.80
CA LEU A 63 -14.15 -10.73 11.09
C LEU A 63 -14.59 -11.52 12.32
N THR A 64 -14.44 -12.83 12.26
CA THR A 64 -14.82 -13.70 13.38
C THR A 64 -14.50 -13.05 14.72
N ARG A 65 -13.25 -12.64 14.88
CA ARG A 65 -12.80 -12.00 16.12
C ARG A 65 -13.63 -10.75 16.40
N HIS A 66 -13.75 -9.89 15.39
CA HIS A 66 -14.51 -8.65 15.53
C HIS A 66 -15.94 -8.93 16.01
N TYR A 67 -16.58 -9.92 15.39
CA TYR A 67 -17.95 -10.28 15.75
C TYR A 67 -18.06 -10.56 17.25
N ARG A 68 -17.02 -11.16 17.80
CA ARG A 68 -16.99 -11.49 19.22
C ARG A 68 -17.42 -10.29 20.06
N LYS A 69 -16.93 -9.11 19.70
CA LYS A 69 -17.25 -7.89 20.41
C LYS A 69 -18.76 -7.74 20.59
N HIS A 70 -19.51 -8.08 19.54
CA HIS A 70 -20.97 -7.99 19.58
C HIS A 70 -21.56 -9.11 20.44
N THR A 71 -21.00 -10.31 20.29
CA THR A 71 -21.48 -11.46 21.06
C THR A 71 -20.81 -11.52 22.42
N GLY A 72 -20.42 -10.36 22.95
CA GLY A 72 -19.78 -10.31 24.24
C GLY A 72 -20.21 -9.11 25.06
N ALA A 73 -19.34 -8.10 25.12
CA ALA A 73 -19.63 -6.89 25.87
C ALA A 73 -19.93 -5.72 24.93
N LYS A 74 -20.68 -4.75 25.42
CA LYS A 74 -21.03 -3.58 24.63
C LYS A 74 -20.72 -2.29 25.38
N PRO A 75 -20.12 -1.31 24.68
CA PRO A 75 -19.76 -0.02 25.27
C PRO A 75 -20.99 0.82 25.60
N PHE A 76 -22.17 0.27 25.38
CA PHE A 76 -23.42 0.97 25.66
C PHE A 76 -24.48 0.01 26.17
N GLN A 77 -24.85 0.17 27.43
CA GLN A 77 -25.87 -0.68 28.05
C GLN A 77 -26.84 0.14 28.90
N CYS A 78 -28.13 -0.06 28.68
CA CYS A 78 -29.15 0.66 29.42
C CYS A 78 -29.19 0.21 30.88
N GLY A 79 -30.03 0.86 31.67
CA GLY A 79 -30.14 0.52 33.08
C GLY A 79 -31.40 -0.27 33.39
N VAL A 80 -32.55 0.32 33.04
CA VAL A 80 -33.83 -0.33 33.29
C VAL A 80 -33.94 -1.65 32.53
N CYS A 81 -34.00 -1.57 31.21
CA CYS A 81 -34.10 -2.75 30.37
C CYS A 81 -32.80 -3.55 30.39
N ASN A 82 -31.70 -2.87 30.70
CA ASN A 82 -30.39 -3.50 30.75
C ASN A 82 -30.04 -4.12 29.40
N ARG A 83 -30.39 -3.43 28.33
CA ARG A 83 -30.11 -3.92 26.98
C ARG A 83 -28.77 -3.39 26.48
N SER A 84 -28.39 -3.78 25.27
CA SER A 84 -27.12 -3.36 24.68
C SER A 84 -27.38 -2.62 23.36
N PHE A 85 -26.55 -1.62 23.09
CA PHE A 85 -26.67 -0.83 21.87
C PHE A 85 -25.30 -0.61 21.23
N SER A 86 -25.30 -0.32 19.93
CA SER A 86 -24.06 -0.09 19.19
C SER A 86 -23.66 1.38 19.27
N ARG A 87 -24.62 2.27 19.04
CA ARG A 87 -24.35 3.70 19.08
C ARG A 87 -24.79 4.30 20.42
N SER A 88 -24.22 5.45 20.77
CA SER A 88 -24.54 6.12 22.02
C SER A 88 -25.86 6.87 21.91
N ASP A 89 -25.96 7.75 20.91
CA ASP A 89 -27.17 8.53 20.69
C ASP A 89 -28.42 7.67 20.86
N HIS A 90 -28.37 6.47 20.29
CA HIS A 90 -29.50 5.55 20.37
C HIS A 90 -29.88 5.29 21.83
N LEU A 91 -28.89 5.01 22.66
CA LEU A 91 -29.12 4.74 24.07
C LEU A 91 -29.76 5.95 24.76
N ALA A 92 -29.14 7.12 24.58
CA ALA A 92 -29.66 8.35 25.18
C ALA A 92 -31.12 8.57 24.80
N LEU A 93 -31.40 8.59 23.51
CA LEU A 93 -32.76 8.79 23.01
C LEU A 93 -33.67 7.66 23.47
N HIS A 94 -33.13 6.44 23.50
CA HIS A 94 -33.89 5.27 23.90
C HIS A 94 -34.56 5.50 25.26
N MET A 95 -33.77 5.96 26.22
CA MET A 95 -34.28 6.22 27.57
C MET A 95 -35.70 6.77 27.51
N LYS A 96 -35.93 7.73 26.63
CA LYS A 96 -37.25 8.32 26.47
C LYS A 96 -38.35 7.29 26.66
N ARG A 97 -38.23 6.18 25.94
CA ARG A 97 -39.22 5.10 26.03
C ARG A 97 -39.54 4.78 27.48
N HIS A 98 -38.51 4.63 28.30
CA HIS A 98 -38.68 4.33 29.71
C HIS A 98 -39.49 5.41 30.40
N GLN A 99 -38.92 6.62 30.48
CA GLN A 99 -39.58 7.74 31.12
C GLN A 99 -40.86 8.11 30.37
N ASN A 100 -41.64 9.01 30.96
CA ASN A 100 -42.90 9.45 30.36
C ASN A 100 -42.66 9.99 28.95
N GLY A 1 54.99 17.97 9.52
CA GLY A 1 53.63 17.49 9.56
C GLY A 1 52.64 18.45 8.90
N SER A 2 51.47 17.93 8.56
CA SER A 2 50.44 18.75 7.91
C SER A 2 49.05 18.15 8.13
N SER A 3 48.03 18.83 7.63
CA SER A 3 46.65 18.38 7.77
C SER A 3 45.71 19.20 6.91
N GLY A 4 44.44 18.82 6.90
CA GLY A 4 43.46 19.54 6.10
C GLY A 4 42.14 18.80 6.03
N SER A 5 41.09 19.52 5.62
CA SER A 5 39.76 18.93 5.51
C SER A 5 38.77 19.92 4.89
N SER A 6 37.80 19.40 4.14
CA SER A 6 36.80 20.24 3.50
C SER A 6 35.65 19.40 2.96
N GLY A 7 34.62 20.07 2.46
CA GLY A 7 33.47 19.37 1.91
C GLY A 7 32.33 20.30 1.57
N PRO A 8 31.68 20.06 0.43
CA PRO A 8 30.55 20.87 -0.03
C PRO A 8 29.30 20.68 0.83
N ASP A 9 28.21 21.32 0.43
CA ASP A 9 26.96 21.22 1.16
C ASP A 9 25.77 21.45 0.24
N LEU A 10 24.87 20.48 0.19
CA LEU A 10 23.68 20.57 -0.66
C LEU A 10 22.74 19.40 -0.42
N GLU A 11 21.45 19.60 -0.71
CA GLU A 11 20.46 18.57 -0.52
C GLU A 11 19.20 18.86 -1.34
N LYS A 12 18.45 17.81 -1.66
CA LYS A 12 17.22 17.96 -2.44
C LYS A 12 16.37 16.70 -2.36
N ARG A 13 15.06 16.87 -2.43
CA ARG A 13 14.14 15.73 -2.37
C ARG A 13 12.70 16.19 -2.62
N ARG A 14 11.98 15.42 -3.43
CA ARG A 14 10.60 15.74 -3.76
C ARG A 14 9.64 15.21 -2.70
N ILE A 15 8.36 15.47 -2.88
CA ILE A 15 7.34 15.01 -1.95
C ILE A 15 6.06 14.63 -2.67
N HIS A 16 5.27 13.76 -2.03
CA HIS A 16 4.02 13.30 -2.62
C HIS A 16 3.01 12.96 -1.52
N TYR A 17 1.80 13.47 -1.66
CA TYR A 17 0.74 13.22 -0.68
C TYR A 17 -0.27 12.21 -1.22
N CYS A 18 -0.59 11.21 -0.40
CA CYS A 18 -1.55 10.18 -0.79
C CYS A 18 -2.79 10.79 -1.42
N ASP A 19 -3.23 10.20 -2.53
CA ASP A 19 -4.40 10.70 -3.24
C ASP A 19 -5.68 10.05 -2.68
N TYR A 20 -5.74 9.93 -1.36
CA TYR A 20 -6.89 9.34 -0.69
C TYR A 20 -7.54 10.33 0.26
N PRO A 21 -8.88 10.36 0.27
CA PRO A 21 -9.65 11.26 1.13
C PRO A 21 -9.56 10.86 2.60
N GLY A 22 -8.85 11.66 3.39
CA GLY A 22 -8.71 11.37 4.81
C GLY A 22 -7.29 10.97 5.18
N CYS A 23 -6.65 10.22 4.29
CA CYS A 23 -5.27 9.78 4.53
C CYS A 23 -4.31 10.95 4.56
N THR A 24 -3.47 11.01 5.59
CA THR A 24 -2.50 12.08 5.74
C THR A 24 -1.07 11.56 5.61
N LYS A 25 -0.88 10.62 4.69
CA LYS A 25 0.44 10.04 4.46
C LYS A 25 1.18 10.78 3.36
N VAL A 26 2.51 10.73 3.40
CA VAL A 26 3.34 11.39 2.40
C VAL A 26 4.72 10.76 2.32
N TYR A 27 5.22 10.59 1.09
CA TYR A 27 6.53 9.99 0.88
C TYR A 27 7.36 10.82 -0.10
N THR A 28 8.58 11.14 0.29
CA THR A 28 9.48 11.93 -0.54
C THR A 28 9.45 11.43 -1.98
N LYS A 29 9.65 10.14 -2.17
CA LYS A 29 9.65 9.53 -3.49
C LYS A 29 8.28 8.94 -3.82
N SER A 30 7.92 8.97 -5.10
CA SER A 30 6.64 8.44 -5.54
C SER A 30 6.65 6.91 -5.53
N SER A 31 7.85 6.34 -5.40
CA SER A 31 7.99 4.89 -5.38
C SER A 31 7.41 4.30 -4.10
N HIS A 32 7.74 4.93 -2.97
CA HIS A 32 7.25 4.47 -1.67
C HIS A 32 5.74 4.60 -1.59
N LEU A 33 5.21 5.68 -2.16
CA LEU A 33 3.77 5.93 -2.15
C LEU A 33 3.01 4.77 -2.76
N LYS A 34 3.33 4.45 -4.02
CA LYS A 34 2.67 3.35 -4.72
C LYS A 34 2.53 2.13 -3.80
N ALA A 35 3.58 1.82 -3.06
CA ALA A 35 3.56 0.70 -2.14
C ALA A 35 2.51 0.89 -1.05
N HIS A 36 2.49 2.09 -0.47
CA HIS A 36 1.53 2.39 0.59
C HIS A 36 0.10 2.24 0.09
N LEU A 37 -0.21 2.92 -1.02
CA LEU A 37 -1.56 2.86 -1.60
C LEU A 37 -2.16 1.47 -1.44
N ARG A 38 -1.37 0.45 -1.74
CA ARG A 38 -1.83 -0.93 -1.62
C ARG A 38 -2.73 -1.10 -0.41
N THR A 39 -2.25 -0.64 0.75
CA THR A 39 -3.01 -0.74 1.99
C THR A 39 -4.49 -0.43 1.75
N HIS A 40 -4.76 0.67 1.07
CA HIS A 40 -6.13 1.07 0.79
C HIS A 40 -6.82 0.04 -0.10
N THR A 41 -6.16 -0.35 -1.18
CA THR A 41 -6.70 -1.33 -2.11
C THR A 41 -6.70 -2.72 -1.50
N GLY A 42 -7.76 -3.48 -1.75
CA GLY A 42 -7.87 -4.82 -1.22
C GLY A 42 -8.01 -5.87 -2.31
N GLU A 43 -9.25 -6.11 -2.73
CA GLU A 43 -9.52 -7.09 -3.77
C GLU A 43 -10.53 -6.55 -4.78
N LYS A 44 -10.21 -6.70 -6.06
CA LYS A 44 -11.10 -6.22 -7.12
C LYS A 44 -11.36 -7.33 -8.15
N PRO A 45 -12.41 -8.12 -7.89
CA PRO A 45 -12.80 -9.23 -8.77
C PRO A 45 -13.36 -8.73 -10.11
N TYR A 46 -13.65 -7.44 -10.17
CA TYR A 46 -14.21 -6.85 -11.39
C TYR A 46 -13.11 -6.15 -12.19
N LYS A 47 -12.96 -6.56 -13.44
CA LYS A 47 -11.96 -5.97 -14.33
C LYS A 47 -12.60 -5.47 -15.62
N CYS A 48 -11.95 -4.49 -16.26
CA CYS A 48 -12.45 -3.93 -17.50
C CYS A 48 -12.05 -4.79 -18.69
N THR A 49 -13.06 -5.33 -19.38
CA THR A 49 -12.83 -6.19 -20.53
C THR A 49 -12.56 -5.36 -21.78
N TRP A 50 -11.76 -4.32 -21.64
CA TRP A 50 -11.42 -3.44 -22.76
C TRP A 50 -9.98 -3.65 -23.21
N GLU A 51 -9.69 -3.24 -24.44
CA GLU A 51 -8.35 -3.39 -24.99
C GLU A 51 -7.42 -2.28 -24.49
N GLY A 52 -6.45 -2.65 -23.66
CA GLY A 52 -5.53 -1.68 -23.12
C GLY A 52 -5.78 -1.36 -21.67
N CYS A 53 -7.07 -1.24 -21.32
CA CYS A 53 -7.45 -0.93 -19.94
C CYS A 53 -7.20 -2.13 -19.03
N ASP A 54 -6.37 -1.92 -18.01
CA ASP A 54 -6.05 -2.98 -17.06
C ASP A 54 -6.44 -2.58 -15.64
N TRP A 55 -7.49 -1.76 -15.54
CA TRP A 55 -7.97 -1.31 -14.24
C TRP A 55 -9.01 -2.26 -13.67
N ARG A 56 -9.29 -2.14 -12.38
CA ARG A 56 -10.27 -3.00 -11.72
C ARG A 56 -11.05 -2.21 -10.67
N PHE A 57 -12.02 -2.88 -10.05
CA PHE A 57 -12.85 -2.24 -9.03
C PHE A 57 -13.35 -3.27 -8.01
N ALA A 58 -13.79 -2.78 -6.86
CA ALA A 58 -14.29 -3.66 -5.81
C ALA A 58 -15.76 -4.00 -6.01
N ARG A 59 -16.55 -2.97 -6.30
CA ARG A 59 -17.99 -3.16 -6.53
C ARG A 59 -18.29 -3.33 -8.01
N SER A 60 -19.51 -3.76 -8.33
CA SER A 60 -19.92 -3.97 -9.70
C SER A 60 -20.33 -2.64 -10.35
N ASP A 61 -21.08 -1.84 -9.60
CA ASP A 61 -21.54 -0.55 -10.10
C ASP A 61 -20.36 0.32 -10.53
N GLU A 62 -19.35 0.39 -9.67
CA GLU A 62 -18.16 1.19 -9.97
C GLU A 62 -17.68 0.95 -11.39
N LEU A 63 -17.45 -0.32 -11.72
CA LEU A 63 -16.99 -0.69 -13.05
C LEU A 63 -17.93 -0.16 -14.13
N THR A 64 -19.22 -0.28 -13.87
CA THR A 64 -20.23 0.18 -14.83
C THR A 64 -20.00 1.64 -15.21
N ARG A 65 -19.88 2.49 -14.19
CA ARG A 65 -19.65 3.92 -14.42
C ARG A 65 -18.32 4.15 -15.12
N HIS A 66 -17.34 3.29 -14.84
CA HIS A 66 -16.02 3.40 -15.45
C HIS A 66 -16.07 3.03 -16.93
N TYR A 67 -16.89 2.03 -17.26
CA TYR A 67 -17.03 1.57 -18.63
C TYR A 67 -17.65 2.66 -19.51
N ARG A 68 -18.76 3.22 -19.03
CA ARG A 68 -19.45 4.27 -19.77
C ARG A 68 -18.46 5.16 -20.53
N LYS A 69 -17.49 5.70 -19.81
CA LYS A 69 -16.47 6.56 -20.40
C LYS A 69 -15.95 5.96 -21.71
N HIS A 70 -15.62 4.67 -21.67
CA HIS A 70 -15.11 3.98 -22.85
C HIS A 70 -16.09 4.11 -24.02
N THR A 71 -17.38 3.94 -23.73
CA THR A 71 -18.42 4.03 -24.74
C THR A 71 -18.83 5.47 -24.98
N GLY A 72 -17.94 6.40 -24.63
CA GLY A 72 -18.24 7.81 -24.82
C GLY A 72 -17.01 8.69 -24.62
N ALA A 73 -16.40 9.10 -25.72
CA ALA A 73 -15.21 9.96 -25.66
C ALA A 73 -15.56 11.40 -26.00
N LYS A 74 -15.42 12.29 -25.02
CA LYS A 74 -15.72 13.69 -25.23
C LYS A 74 -14.54 14.40 -25.90
N PRO A 75 -14.81 15.59 -26.46
CA PRO A 75 -13.78 16.40 -27.12
C PRO A 75 -12.76 16.98 -26.15
N PHE A 76 -12.91 16.64 -24.88
CA PHE A 76 -12.00 17.11 -23.85
C PHE A 76 -11.80 16.06 -22.76
N GLN A 77 -10.57 15.58 -22.63
CA GLN A 77 -10.24 14.57 -21.63
C GLN A 77 -9.03 14.99 -20.80
N CYS A 78 -8.97 14.53 -19.56
CA CYS A 78 -7.88 14.86 -18.67
C CYS A 78 -6.65 14.00 -18.97
N GLY A 79 -5.58 14.20 -18.20
CA GLY A 79 -4.36 13.44 -18.41
C GLY A 79 -4.07 12.52 -17.24
N VAL A 80 -3.93 13.08 -16.05
CA VAL A 80 -3.64 12.31 -14.86
C VAL A 80 -4.74 11.28 -14.58
N CYS A 81 -5.95 11.77 -14.37
CA CYS A 81 -7.09 10.90 -14.11
C CYS A 81 -7.71 10.40 -15.40
N ASN A 82 -7.48 11.14 -16.48
CA ASN A 82 -8.02 10.78 -17.78
C ASN A 82 -9.55 10.71 -17.74
N ARG A 83 -10.17 11.74 -17.18
CA ARG A 83 -11.62 11.80 -17.08
C ARG A 83 -12.21 12.60 -18.23
N SER A 84 -13.53 12.47 -18.41
CA SER A 84 -14.22 13.18 -19.48
C SER A 84 -14.85 14.47 -18.97
N PHE A 85 -14.97 15.45 -19.86
CA PHE A 85 -15.56 16.73 -19.49
C PHE A 85 -16.52 17.22 -20.57
N SER A 86 -17.25 18.29 -20.28
CA SER A 86 -18.21 18.85 -21.23
C SER A 86 -17.64 20.10 -21.89
N ARG A 87 -16.93 20.91 -21.12
CA ARG A 87 -16.33 22.13 -21.64
C ARG A 87 -14.82 22.12 -21.43
N SER A 88 -14.15 23.13 -22.00
CA SER A 88 -12.70 23.24 -21.87
C SER A 88 -12.31 24.00 -20.61
N ASP A 89 -13.27 24.70 -20.03
CA ASP A 89 -13.04 25.47 -18.81
C ASP A 89 -13.07 24.57 -17.59
N HIS A 90 -13.89 23.52 -17.65
CA HIS A 90 -14.02 22.58 -16.54
C HIS A 90 -12.78 21.70 -16.43
N LEU A 91 -12.25 21.27 -17.57
CA LEU A 91 -11.07 20.42 -17.60
C LEU A 91 -9.86 21.16 -17.07
N ALA A 92 -9.74 22.44 -17.42
CA ALA A 92 -8.63 23.27 -16.97
C ALA A 92 -8.70 23.52 -15.47
N LEU A 93 -9.83 24.08 -15.02
CA LEU A 93 -10.02 24.38 -13.61
C LEU A 93 -9.88 23.12 -12.76
N HIS A 94 -10.08 21.96 -13.39
CA HIS A 94 -9.97 20.69 -12.69
C HIS A 94 -8.52 20.21 -12.68
N MET A 95 -7.85 20.30 -13.82
CA MET A 95 -6.47 19.88 -13.94
C MET A 95 -5.65 20.35 -12.74
N LYS A 96 -5.66 21.66 -12.50
CA LYS A 96 -4.93 22.24 -11.38
C LYS A 96 -5.46 21.72 -10.05
N ARG A 97 -6.74 21.36 -10.03
CA ARG A 97 -7.36 20.85 -8.82
C ARG A 97 -6.65 19.59 -8.32
N HIS A 98 -6.14 18.80 -9.25
CA HIS A 98 -5.43 17.57 -8.91
C HIS A 98 -4.45 17.81 -7.76
N GLN A 99 -3.67 18.88 -7.88
CA GLN A 99 -2.69 19.23 -6.86
C GLN A 99 -3.32 19.22 -5.47
N ASN A 100 -2.76 18.41 -4.57
CA ASN A 100 -3.27 18.31 -3.21
C ASN A 100 -2.25 17.65 -2.30
N GLY A 1 45.54 32.03 14.74
CA GLY A 1 44.27 31.64 15.30
C GLY A 1 43.37 30.95 14.28
N SER A 2 42.07 31.11 14.45
CA SER A 2 41.11 30.51 13.54
C SER A 2 40.52 31.54 12.59
N SER A 3 39.98 31.08 11.46
CA SER A 3 39.39 31.96 10.47
C SER A 3 37.86 32.00 10.61
N GLY A 4 37.24 30.84 10.46
CA GLY A 4 35.80 30.75 10.57
C GLY A 4 35.10 30.94 9.23
N SER A 5 34.15 30.07 8.93
CA SER A 5 33.41 30.14 7.67
C SER A 5 32.11 29.36 7.76
N SER A 6 31.28 29.50 6.73
CA SER A 6 29.99 28.81 6.70
C SER A 6 29.48 28.69 5.27
N GLY A 7 28.47 27.85 5.07
CA GLY A 7 27.91 27.65 3.75
C GLY A 7 27.07 26.39 3.66
N PRO A 8 25.80 26.49 4.09
CA PRO A 8 24.87 25.35 4.08
C PRO A 8 24.46 24.97 2.66
N ASP A 9 23.80 23.83 2.52
CA ASP A 9 23.34 23.36 1.23
C ASP A 9 22.02 22.60 1.36
N LEU A 10 20.99 23.11 0.69
CA LEU A 10 19.67 22.48 0.74
C LEU A 10 19.51 21.46 -0.39
N GLU A 11 18.35 20.83 -0.46
CA GLU A 11 18.08 19.82 -1.48
C GLU A 11 16.72 20.07 -2.13
N LYS A 12 16.62 19.71 -3.41
CA LYS A 12 15.37 19.90 -4.16
C LYS A 12 14.70 18.55 -4.42
N ARG A 13 13.76 18.18 -3.55
CA ARG A 13 13.04 16.93 -3.70
C ARG A 13 11.54 17.14 -3.53
N ARG A 14 10.77 16.63 -4.49
CA ARG A 14 9.31 16.77 -4.45
C ARG A 14 8.70 15.75 -3.50
N ILE A 15 7.52 16.08 -2.97
CA ILE A 15 6.83 15.20 -2.03
C ILE A 15 5.46 14.80 -2.58
N HIS A 16 5.14 13.51 -2.46
CA HIS A 16 3.86 13.00 -2.94
C HIS A 16 2.92 12.72 -1.78
N TYR A 17 1.79 13.42 -1.75
CA TYR A 17 0.81 13.25 -0.68
C TYR A 17 -0.20 12.18 -1.04
N CYS A 18 -0.42 11.23 -0.13
CA CYS A 18 -1.37 10.15 -0.35
C CYS A 18 -2.58 10.64 -1.14
N ASP A 19 -2.90 9.94 -2.22
CA ASP A 19 -4.04 10.30 -3.05
C ASP A 19 -5.34 9.71 -2.49
N TYR A 20 -5.44 9.67 -1.17
CA TYR A 20 -6.62 9.14 -0.50
C TYR A 20 -7.31 10.21 0.33
N PRO A 21 -8.65 10.22 0.29
CA PRO A 21 -9.46 11.20 1.04
C PRO A 21 -9.41 10.94 2.54
N GLY A 22 -8.82 11.89 3.27
CA GLY A 22 -8.73 11.75 4.71
C GLY A 22 -7.31 11.44 5.17
N CYS A 23 -6.64 10.55 4.44
CA CYS A 23 -5.28 10.16 4.78
C CYS A 23 -4.34 11.37 4.75
N THR A 24 -3.35 11.36 5.63
CA THR A 24 -2.39 12.45 5.69
C THR A 24 -0.97 11.95 5.42
N LYS A 25 -0.81 10.63 5.39
CA LYS A 25 0.50 10.03 5.15
C LYS A 25 1.05 10.45 3.78
N VAL A 26 2.36 10.65 3.71
CA VAL A 26 3.01 11.06 2.48
C VAL A 26 4.28 10.27 2.23
N TYR A 27 5.01 10.63 1.18
CA TYR A 27 6.25 9.94 0.84
C TYR A 27 7.11 10.82 -0.06
N THR A 28 8.29 11.19 0.45
CA THR A 28 9.22 12.03 -0.30
C THR A 28 9.36 11.54 -1.74
N LYS A 29 9.40 10.22 -1.91
CA LYS A 29 9.53 9.63 -3.23
C LYS A 29 8.24 8.95 -3.66
N SER A 30 8.01 8.85 -4.96
CA SER A 30 6.81 8.22 -5.49
C SER A 30 6.90 6.71 -5.39
N SER A 31 7.99 6.15 -5.93
CA SER A 31 8.19 4.70 -5.91
C SER A 31 7.70 4.11 -4.60
N HIS A 32 7.98 4.78 -3.50
CA HIS A 32 7.56 4.32 -2.18
C HIS A 32 6.06 4.53 -1.97
N LEU A 33 5.56 5.67 -2.44
CA LEU A 33 4.15 6.00 -2.32
C LEU A 33 3.28 4.86 -2.82
N LYS A 34 3.74 4.18 -3.86
CA LYS A 34 3.01 3.07 -4.44
C LYS A 34 2.69 2.01 -3.38
N ALA A 35 3.71 1.63 -2.62
CA ALA A 35 3.54 0.63 -1.56
C ALA A 35 2.40 1.02 -0.62
N HIS A 36 2.02 2.29 -0.66
CA HIS A 36 0.94 2.80 0.19
C HIS A 36 -0.41 2.61 -0.49
N LEU A 37 -0.52 3.07 -1.72
CA LEU A 37 -1.77 2.96 -2.47
C LEU A 37 -2.26 1.52 -2.49
N ARG A 38 -1.33 0.57 -2.56
CA ARG A 38 -1.67 -0.84 -2.57
C ARG A 38 -2.63 -1.18 -1.44
N THR A 39 -2.46 -0.52 -0.30
CA THR A 39 -3.30 -0.76 0.86
C THR A 39 -4.60 0.03 0.76
N HIS A 40 -4.59 1.09 -0.05
CA HIS A 40 -5.77 1.94 -0.23
C HIS A 40 -6.61 1.43 -1.39
N THR A 41 -6.18 0.33 -2.00
CA THR A 41 -6.91 -0.26 -3.12
C THR A 41 -8.32 -0.67 -2.72
N GLY A 42 -8.40 -1.58 -1.74
CA GLY A 42 -9.69 -2.04 -1.28
C GLY A 42 -10.03 -3.42 -1.82
N GLU A 43 -10.95 -4.10 -1.14
CA GLU A 43 -11.37 -5.43 -1.55
C GLU A 43 -12.63 -5.38 -2.41
N LYS A 44 -12.53 -5.83 -3.65
CA LYS A 44 -13.66 -5.83 -4.56
C LYS A 44 -14.13 -7.25 -4.85
N PRO A 45 -15.00 -7.78 -3.97
CA PRO A 45 -15.54 -9.14 -4.10
C PRO A 45 -16.51 -9.25 -5.28
N TYR A 46 -17.04 -8.12 -5.72
CA TYR A 46 -17.98 -8.10 -6.83
C TYR A 46 -17.24 -8.19 -8.16
N LYS A 47 -17.41 -9.31 -8.85
CA LYS A 47 -16.78 -9.52 -10.14
C LYS A 47 -17.82 -9.77 -11.24
N CYS A 48 -17.73 -8.99 -12.31
CA CYS A 48 -18.66 -9.13 -13.43
C CYS A 48 -18.68 -10.58 -13.95
N THR A 49 -19.78 -11.28 -13.71
CA THR A 49 -19.92 -12.66 -14.15
C THR A 49 -20.20 -12.73 -15.65
N TRP A 50 -19.42 -12.00 -16.43
CA TRP A 50 -19.59 -11.97 -17.88
C TRP A 50 -18.46 -12.74 -18.57
N GLU A 51 -18.70 -13.16 -19.80
CA GLU A 51 -17.71 -13.89 -20.57
C GLU A 51 -16.72 -12.94 -21.24
N GLY A 52 -15.48 -12.95 -20.77
CA GLY A 52 -14.46 -12.09 -21.33
C GLY A 52 -14.16 -10.90 -20.44
N CYS A 53 -15.19 -10.37 -19.79
CA CYS A 53 -15.03 -9.22 -18.91
C CYS A 53 -14.16 -9.58 -17.70
N ASP A 54 -13.27 -8.67 -17.34
CA ASP A 54 -12.37 -8.89 -16.20
C ASP A 54 -12.40 -7.69 -15.25
N TRP A 55 -13.56 -7.05 -15.15
CA TRP A 55 -13.71 -5.88 -14.28
C TRP A 55 -14.30 -6.28 -12.94
N ARG A 56 -14.22 -5.38 -11.96
CA ARG A 56 -14.74 -5.63 -10.63
C ARG A 56 -15.16 -4.34 -9.95
N PHE A 57 -15.78 -4.47 -8.79
CA PHE A 57 -16.23 -3.30 -8.03
C PHE A 57 -16.28 -3.61 -6.53
N ALA A 58 -16.14 -2.56 -5.72
CA ALA A 58 -16.18 -2.73 -4.27
C ALA A 58 -17.61 -2.82 -3.76
N ARG A 59 -18.49 -2.02 -4.33
CA ARG A 59 -19.89 -2.02 -3.94
C ARG A 59 -20.77 -2.72 -4.98
N SER A 60 -21.70 -3.54 -4.51
CA SER A 60 -22.58 -4.27 -5.40
C SER A 60 -23.23 -3.35 -6.42
N ASP A 61 -23.93 -2.33 -5.92
CA ASP A 61 -24.60 -1.36 -6.79
C ASP A 61 -23.70 -0.98 -7.96
N GLU A 62 -22.49 -0.50 -7.65
CA GLU A 62 -21.54 -0.10 -8.67
C GLU A 62 -21.50 -1.12 -9.81
N LEU A 63 -21.19 -2.36 -9.47
CA LEU A 63 -21.12 -3.43 -10.46
C LEU A 63 -22.44 -3.58 -11.21
N THR A 64 -23.53 -3.73 -10.46
CA THR A 64 -24.85 -3.87 -11.06
C THR A 64 -25.01 -2.97 -12.26
N ARG A 65 -24.69 -1.69 -12.08
CA ARG A 65 -24.81 -0.70 -13.15
C ARG A 65 -23.95 -1.12 -14.35
N HIS A 66 -22.67 -1.35 -14.09
CA HIS A 66 -21.74 -1.76 -15.15
C HIS A 66 -22.25 -2.99 -15.89
N TYR A 67 -22.85 -3.91 -15.15
CA TYR A 67 -23.37 -5.14 -15.73
C TYR A 67 -24.43 -4.83 -16.77
N ARG A 68 -25.42 -4.01 -16.40
CA ARG A 68 -26.49 -3.64 -17.31
C ARG A 68 -25.96 -3.43 -18.72
N LYS A 69 -24.89 -2.64 -18.83
CA LYS A 69 -24.28 -2.35 -20.12
C LYS A 69 -24.16 -3.62 -20.96
N HIS A 70 -23.66 -4.68 -20.35
CA HIS A 70 -23.49 -5.97 -21.03
C HIS A 70 -24.83 -6.49 -21.53
N THR A 71 -25.84 -6.44 -20.66
CA THR A 71 -27.17 -6.91 -21.01
C THR A 71 -27.97 -5.84 -21.74
N GLY A 72 -27.26 -4.99 -22.48
CA GLY A 72 -27.92 -3.93 -23.22
C GLY A 72 -27.08 -3.42 -24.39
N ALA A 73 -27.15 -2.12 -24.63
CA ALA A 73 -26.39 -1.51 -25.72
C ALA A 73 -24.90 -1.83 -25.59
N LYS A 74 -24.17 -1.68 -26.70
CA LYS A 74 -22.74 -1.96 -26.71
C LYS A 74 -21.96 -0.73 -27.17
N PRO A 75 -20.80 -0.50 -26.53
CA PRO A 75 -19.93 0.64 -26.85
C PRO A 75 -19.27 0.49 -28.23
N PHE A 76 -19.17 -0.74 -28.70
CA PHE A 76 -18.56 -1.01 -30.00
C PHE A 76 -19.08 -2.33 -30.58
N GLN A 77 -19.82 -2.24 -31.67
CA GLN A 77 -20.37 -3.42 -32.31
C GLN A 77 -19.78 -3.61 -33.71
N CYS A 78 -19.04 -4.69 -33.89
CA CYS A 78 -18.42 -4.99 -35.18
C CYS A 78 -19.46 -5.03 -36.29
N GLY A 79 -18.99 -5.18 -37.53
CA GLY A 79 -19.90 -5.24 -38.66
C GLY A 79 -20.04 -6.65 -39.22
N VAL A 80 -18.94 -7.19 -39.72
CA VAL A 80 -18.94 -8.53 -40.29
C VAL A 80 -19.46 -9.55 -39.29
N CYS A 81 -18.70 -9.78 -38.23
CA CYS A 81 -19.07 -10.72 -37.19
C CYS A 81 -20.17 -10.14 -36.30
N ASN A 82 -20.12 -8.83 -36.07
CA ASN A 82 -21.09 -8.16 -35.24
C ASN A 82 -20.90 -8.52 -33.77
N ARG A 83 -19.65 -8.53 -33.33
CA ARG A 83 -19.32 -8.85 -31.94
C ARG A 83 -19.30 -7.60 -31.08
N SER A 84 -19.09 -7.79 -29.78
CA SER A 84 -19.05 -6.67 -28.85
C SER A 84 -17.65 -6.50 -28.27
N PHE A 85 -17.31 -5.27 -27.90
CA PHE A 85 -16.01 -4.97 -27.32
C PHE A 85 -16.13 -3.98 -26.17
N SER A 86 -15.03 -3.77 -25.46
CA SER A 86 -15.00 -2.86 -24.32
C SER A 86 -14.30 -1.56 -24.69
N ARG A 87 -13.15 -1.68 -25.35
CA ARG A 87 -12.39 -0.51 -25.75
C ARG A 87 -12.52 -0.26 -27.25
N SER A 88 -12.06 0.90 -27.70
CA SER A 88 -12.14 1.27 -29.11
C SER A 88 -11.09 0.51 -29.92
N ASP A 89 -9.83 0.69 -29.56
CA ASP A 89 -8.72 0.04 -30.26
C ASP A 89 -9.02 -1.44 -30.48
N HIS A 90 -9.56 -2.09 -29.45
CA HIS A 90 -9.90 -3.51 -29.53
C HIS A 90 -10.65 -3.81 -30.83
N LEU A 91 -11.65 -2.98 -31.14
CA LEU A 91 -12.44 -3.16 -32.34
C LEU A 91 -11.57 -3.02 -33.59
N ALA A 92 -10.91 -1.88 -33.73
CA ALA A 92 -10.05 -1.63 -34.88
C ALA A 92 -9.07 -2.79 -35.10
N LEU A 93 -8.37 -3.16 -34.03
CA LEU A 93 -7.40 -4.25 -34.11
C LEU A 93 -8.07 -5.54 -34.58
N HIS A 94 -9.15 -5.92 -33.90
CA HIS A 94 -9.88 -7.13 -34.24
C HIS A 94 -10.04 -7.26 -35.75
N MET A 95 -10.31 -6.13 -36.41
CA MET A 95 -10.48 -6.12 -37.85
C MET A 95 -9.42 -6.97 -38.55
N LYS A 96 -8.20 -6.90 -38.03
CA LYS A 96 -7.09 -7.67 -38.59
C LYS A 96 -7.55 -9.05 -39.03
N ARG A 97 -8.27 -9.74 -38.14
CA ARG A 97 -8.78 -11.07 -38.43
C ARG A 97 -9.70 -11.06 -39.65
N HIS A 98 -10.65 -10.13 -39.65
CA HIS A 98 -11.59 -10.01 -40.76
C HIS A 98 -10.86 -9.76 -42.07
N GLN A 99 -10.00 -8.74 -42.08
CA GLN A 99 -9.24 -8.39 -43.28
C GLN A 99 -8.18 -9.45 -43.57
N ASN A 100 -7.68 -9.46 -44.81
CA ASN A 100 -6.67 -10.41 -45.21
C ASN A 100 -5.40 -9.70 -45.67
N GLY A 1 43.85 46.16 9.07
CA GLY A 1 43.34 44.84 8.71
C GLY A 1 41.95 44.89 8.12
N SER A 2 41.55 43.80 7.47
CA SER A 2 40.23 43.74 6.84
C SER A 2 39.98 42.34 6.28
N SER A 3 38.71 42.05 6.00
CA SER A 3 38.32 40.75 5.47
C SER A 3 36.90 40.79 4.92
N GLY A 4 36.46 39.66 4.36
CA GLY A 4 35.12 39.58 3.81
C GLY A 4 34.84 38.25 3.13
N SER A 5 33.57 37.88 3.07
CA SER A 5 33.18 36.62 2.45
C SER A 5 31.69 36.64 2.07
N SER A 6 31.24 35.56 1.44
CA SER A 6 29.85 35.45 1.02
C SER A 6 29.55 34.06 0.49
N GLY A 7 28.27 33.75 0.33
CA GLY A 7 27.87 32.46 -0.18
C GLY A 7 26.38 32.36 -0.42
N PRO A 8 26.00 32.12 -1.69
CA PRO A 8 24.59 32.01 -2.08
C PRO A 8 23.94 30.73 -1.55
N ASP A 9 22.72 30.87 -1.04
CA ASP A 9 21.98 29.72 -0.50
C ASP A 9 21.20 29.01 -1.60
N LEU A 10 20.80 27.78 -1.32
CA LEU A 10 20.04 26.98 -2.28
C LEU A 10 19.51 25.71 -1.64
N GLU A 11 18.47 25.14 -2.24
CA GLU A 11 17.87 23.91 -1.73
C GLU A 11 16.90 23.31 -2.74
N LYS A 12 16.54 22.05 -2.53
CA LYS A 12 15.62 21.36 -3.42
C LYS A 12 15.02 20.12 -2.75
N ARG A 13 13.70 20.02 -2.76
CA ARG A 13 13.01 18.89 -2.15
C ARG A 13 11.63 18.71 -2.77
N ARG A 14 11.16 17.46 -2.79
CA ARG A 14 9.85 17.15 -3.36
C ARG A 14 9.12 16.12 -2.49
N ILE A 15 7.82 16.33 -2.31
CA ILE A 15 7.02 15.42 -1.50
C ILE A 15 5.73 15.05 -2.22
N HIS A 16 5.31 13.80 -2.07
CA HIS A 16 4.09 13.32 -2.71
C HIS A 16 3.00 13.06 -1.67
N TYR A 17 1.88 13.76 -1.79
CA TYR A 17 0.76 13.60 -0.87
C TYR A 17 -0.25 12.59 -1.40
N CYS A 18 -0.47 11.53 -0.64
CA CYS A 18 -1.41 10.49 -1.03
C CYS A 18 -2.71 11.11 -1.55
N ASP A 19 -3.11 10.71 -2.75
CA ASP A 19 -4.34 11.22 -3.36
C ASP A 19 -5.55 10.48 -2.83
N TYR A 20 -5.56 10.19 -1.53
CA TYR A 20 -6.67 9.49 -0.90
C TYR A 20 -7.33 10.35 0.15
N PRO A 21 -8.68 10.29 0.20
CA PRO A 21 -9.48 11.06 1.16
C PRO A 21 -9.31 10.56 2.59
N GLY A 22 -8.94 11.46 3.49
CA GLY A 22 -8.75 11.09 4.88
C GLY A 22 -7.31 10.79 5.21
N CYS A 23 -6.68 9.95 4.42
CA CYS A 23 -5.28 9.58 4.63
C CYS A 23 -4.39 10.82 4.69
N THR A 24 -3.53 10.87 5.70
CA THR A 24 -2.63 12.00 5.88
C THR A 24 -1.17 11.56 5.85
N LYS A 25 -0.85 10.65 4.93
CA LYS A 25 0.51 10.15 4.80
C LYS A 25 1.17 10.67 3.52
N VAL A 26 2.44 11.03 3.62
CA VAL A 26 3.18 11.53 2.48
C VAL A 26 4.53 10.84 2.33
N TYR A 27 5.12 10.94 1.15
CA TYR A 27 6.41 10.32 0.88
C TYR A 27 7.19 11.11 -0.16
N THR A 28 8.47 11.33 0.12
CA THR A 28 9.33 12.08 -0.78
C THR A 28 9.42 11.40 -2.14
N LYS A 29 9.61 10.08 -2.12
CA LYS A 29 9.71 9.31 -3.36
C LYS A 29 8.33 8.84 -3.82
N SER A 30 8.22 8.53 -5.10
CA SER A 30 6.96 8.07 -5.68
C SER A 30 6.75 6.59 -5.41
N SER A 31 7.66 5.77 -5.91
CA SER A 31 7.58 4.32 -5.72
C SER A 31 7.08 3.98 -4.33
N HIS A 32 7.73 4.55 -3.32
CA HIS A 32 7.35 4.31 -1.93
C HIS A 32 5.85 4.50 -1.73
N LEU A 33 5.31 5.54 -2.34
CA LEU A 33 3.88 5.83 -2.23
C LEU A 33 3.05 4.68 -2.77
N LYS A 34 3.47 4.14 -3.91
CA LYS A 34 2.77 3.03 -4.54
C LYS A 34 2.54 1.90 -3.55
N ALA A 35 3.61 1.45 -2.91
CA ALA A 35 3.51 0.37 -1.93
C ALA A 35 2.48 0.70 -0.85
N HIS A 36 2.50 1.95 -0.39
CA HIS A 36 1.56 2.39 0.65
C HIS A 36 0.13 2.32 0.14
N LEU A 37 -0.12 2.93 -1.02
CA LEU A 37 -1.45 2.94 -1.60
C LEU A 37 -2.16 1.61 -1.38
N ARG A 38 -1.46 0.51 -1.70
CA ARG A 38 -2.03 -0.82 -1.53
C ARG A 38 -2.88 -0.89 -0.28
N THR A 39 -2.33 -0.44 0.84
CA THR A 39 -3.04 -0.45 2.12
C THR A 39 -4.51 -0.06 1.93
N HIS A 40 -4.74 1.00 1.17
CA HIS A 40 -6.09 1.47 0.91
C HIS A 40 -6.86 0.48 0.04
N THR A 41 -6.19 -0.05 -0.99
CA THR A 41 -6.81 -1.00 -1.90
C THR A 41 -7.72 -1.97 -1.15
N GLY A 42 -8.94 -2.12 -1.63
CA GLY A 42 -9.89 -3.02 -0.99
C GLY A 42 -9.45 -4.47 -1.05
N GLU A 43 -10.20 -5.28 -1.77
CA GLU A 43 -9.89 -6.69 -1.92
C GLU A 43 -10.51 -7.26 -3.20
N LYS A 44 -9.65 -7.72 -4.11
CA LYS A 44 -10.11 -8.29 -5.37
C LYS A 44 -9.44 -9.64 -5.63
N PRO A 45 -10.11 -10.73 -5.22
CA PRO A 45 -9.59 -12.08 -5.41
C PRO A 45 -9.60 -12.51 -6.87
N TYR A 46 -10.43 -11.85 -7.67
CA TYR A 46 -10.54 -12.16 -9.09
C TYR A 46 -9.40 -11.51 -9.88
N LYS A 47 -8.58 -12.34 -10.52
CA LYS A 47 -7.47 -11.84 -11.31
C LYS A 47 -7.59 -12.30 -12.76
N CYS A 48 -7.14 -11.44 -13.68
CA CYS A 48 -7.19 -11.76 -15.10
C CYS A 48 -6.16 -12.81 -15.47
N THR A 49 -6.64 -13.98 -15.88
CA THR A 49 -5.76 -15.08 -16.26
C THR A 49 -5.28 -14.92 -17.70
N TRP A 50 -4.85 -13.70 -18.05
CA TRP A 50 -4.37 -13.42 -19.40
C TRP A 50 -2.85 -13.24 -19.40
N GLU A 51 -2.24 -13.37 -20.57
CA GLU A 51 -0.81 -13.22 -20.71
C GLU A 51 -0.40 -11.75 -20.71
N GLY A 52 0.35 -11.34 -19.69
CA GLY A 52 0.78 -9.96 -19.60
C GLY A 52 -0.13 -9.13 -18.71
N CYS A 53 -1.43 -9.21 -18.95
CA CYS A 53 -2.40 -8.46 -18.15
C CYS A 53 -2.32 -8.86 -16.69
N ASP A 54 -2.32 -7.86 -15.81
CA ASP A 54 -2.25 -8.09 -14.38
C ASP A 54 -3.32 -7.29 -13.64
N TRP A 55 -4.51 -7.19 -14.24
CA TRP A 55 -5.61 -6.45 -13.64
C TRP A 55 -6.48 -7.37 -12.80
N ARG A 56 -7.21 -6.78 -11.85
CA ARG A 56 -8.09 -7.55 -10.98
C ARG A 56 -9.45 -6.88 -10.87
N PHE A 57 -10.41 -7.58 -10.27
CA PHE A 57 -11.76 -7.06 -10.09
C PHE A 57 -12.41 -7.63 -8.84
N ALA A 58 -13.45 -6.95 -8.35
CA ALA A 58 -14.15 -7.39 -7.16
C ALA A 58 -15.28 -8.36 -7.51
N ARG A 59 -16.04 -8.01 -8.55
CA ARG A 59 -17.16 -8.84 -8.99
C ARG A 59 -16.70 -9.85 -10.03
N SER A 60 -17.25 -11.06 -9.95
CA SER A 60 -16.89 -12.11 -10.89
C SER A 60 -17.32 -11.76 -12.30
N ASP A 61 -18.25 -10.81 -12.42
CA ASP A 61 -18.75 -10.38 -13.71
C ASP A 61 -17.81 -9.36 -14.35
N GLU A 62 -17.29 -8.45 -13.52
CA GLU A 62 -16.38 -7.42 -14.00
C GLU A 62 -15.18 -8.04 -14.71
N LEU A 63 -14.72 -9.17 -14.20
CA LEU A 63 -13.57 -9.86 -14.79
C LEU A 63 -13.98 -10.58 -16.08
N THR A 64 -15.09 -11.29 -16.04
CA THR A 64 -15.59 -12.01 -17.20
C THR A 64 -15.82 -11.07 -18.37
N ARG A 65 -16.38 -9.90 -18.08
CA ARG A 65 -16.67 -8.91 -19.12
C ARG A 65 -15.37 -8.33 -19.68
N HIS A 66 -14.36 -8.19 -18.82
CA HIS A 66 -13.08 -7.65 -19.23
C HIS A 66 -12.33 -8.65 -20.11
N TYR A 67 -12.12 -9.85 -19.58
CA TYR A 67 -11.41 -10.90 -20.31
C TYR A 67 -11.83 -10.91 -21.78
N ARG A 68 -13.13 -10.93 -22.02
CA ARG A 68 -13.66 -10.94 -23.39
C ARG A 68 -12.81 -10.05 -24.30
N LYS A 69 -12.64 -8.80 -23.91
CA LYS A 69 -11.86 -7.85 -24.69
C LYS A 69 -10.61 -8.52 -25.27
N HIS A 70 -9.89 -9.23 -24.42
CA HIS A 70 -8.67 -9.93 -24.84
C HIS A 70 -8.95 -10.84 -26.03
N THR A 71 -10.01 -11.65 -25.91
CA THR A 71 -10.39 -12.57 -26.97
C THR A 71 -11.02 -11.83 -28.14
N GLY A 72 -11.52 -10.63 -27.87
CA GLY A 72 -12.15 -9.84 -28.92
C GLY A 72 -13.49 -10.41 -29.35
N ALA A 73 -13.95 -10.00 -30.52
CA ALA A 73 -15.22 -10.47 -31.05
C ALA A 73 -15.15 -11.94 -31.46
N LYS A 74 -14.22 -12.24 -32.37
CA LYS A 74 -14.04 -13.61 -32.84
C LYS A 74 -13.65 -14.54 -31.69
N PRO A 75 -13.87 -15.85 -31.90
CA PRO A 75 -13.55 -16.87 -30.90
C PRO A 75 -12.05 -17.04 -30.69
N PHE A 76 -11.27 -16.43 -31.59
CA PHE A 76 -9.82 -16.52 -31.51
C PHE A 76 -9.16 -15.20 -31.92
N GLN A 77 -8.39 -14.62 -31.01
CA GLN A 77 -7.72 -13.36 -31.28
C GLN A 77 -6.26 -13.42 -30.82
N CYS A 78 -5.36 -12.90 -31.66
CA CYS A 78 -3.94 -12.90 -31.35
C CYS A 78 -3.63 -11.90 -30.23
N GLY A 79 -2.36 -11.79 -29.88
CA GLY A 79 -1.95 -10.87 -28.83
C GLY A 79 -0.99 -9.81 -29.32
N VAL A 80 0.13 -10.27 -29.90
CA VAL A 80 1.14 -9.35 -30.42
C VAL A 80 0.57 -8.47 -31.52
N CYS A 81 0.01 -9.09 -32.54
CA CYS A 81 -0.58 -8.36 -33.66
C CYS A 81 -2.04 -8.03 -33.39
N ASN A 82 -2.70 -8.86 -32.60
CA ASN A 82 -4.10 -8.67 -32.26
C ASN A 82 -4.98 -8.83 -33.49
N ARG A 83 -4.79 -9.93 -34.21
CA ARG A 83 -5.57 -10.21 -35.42
C ARG A 83 -6.62 -11.28 -35.15
N SER A 84 -7.79 -11.12 -35.74
CA SER A 84 -8.89 -12.07 -35.57
C SER A 84 -8.83 -13.16 -36.64
N PHE A 85 -9.28 -14.36 -36.27
CA PHE A 85 -9.27 -15.48 -37.19
C PHE A 85 -10.46 -16.41 -36.92
N SER A 86 -11.14 -16.82 -37.98
CA SER A 86 -12.30 -17.70 -37.87
C SER A 86 -11.87 -19.12 -37.51
N ARG A 87 -10.83 -19.60 -38.20
CA ARG A 87 -10.32 -20.95 -37.96
C ARG A 87 -9.30 -20.94 -36.84
N SER A 88 -9.35 -21.96 -35.98
CA SER A 88 -8.42 -22.08 -34.86
C SER A 88 -7.01 -22.38 -35.35
N ASP A 89 -6.91 -23.30 -36.31
CA ASP A 89 -5.62 -23.68 -36.86
C ASP A 89 -4.86 -22.46 -37.38
N HIS A 90 -5.55 -21.61 -38.13
CA HIS A 90 -4.95 -20.40 -38.68
C HIS A 90 -4.14 -19.67 -37.62
N LEU A 91 -4.67 -19.61 -36.41
CA LEU A 91 -3.99 -18.94 -35.30
C LEU A 91 -2.71 -19.67 -34.92
N ALA A 92 -2.84 -20.94 -34.57
CA ALA A 92 -1.69 -21.76 -34.20
C ALA A 92 -0.56 -21.62 -35.22
N LEU A 93 -0.90 -21.78 -36.49
CA LEU A 93 0.09 -21.67 -37.56
C LEU A 93 0.64 -20.24 -37.65
N HIS A 94 -0.25 -19.27 -37.49
CA HIS A 94 0.14 -17.86 -37.56
C HIS A 94 1.28 -17.57 -36.59
N MET A 95 1.16 -18.09 -35.37
CA MET A 95 2.18 -17.89 -34.35
C MET A 95 3.58 -18.03 -34.93
N LYS A 96 3.77 -19.04 -35.76
CA LYS A 96 5.06 -19.29 -36.40
C LYS A 96 5.76 -17.98 -36.73
N ARG A 97 4.99 -17.02 -37.24
CA ARG A 97 5.54 -15.72 -37.59
C ARG A 97 6.04 -14.97 -36.36
N HIS A 98 5.19 -14.88 -35.34
CA HIS A 98 5.55 -14.20 -34.10
C HIS A 98 6.72 -14.90 -33.43
N GLN A 99 6.61 -16.22 -33.27
CA GLN A 99 7.67 -17.00 -32.63
C GLN A 99 9.04 -16.58 -33.14
N ASN A 100 10.08 -16.96 -32.40
CA ASN A 100 11.45 -16.61 -32.77
C ASN A 100 11.67 -16.82 -34.27
N GLY A 1 36.01 56.55 -0.75
CA GLY A 1 35.84 55.14 -1.07
C GLY A 1 34.41 54.69 -0.91
N SER A 2 34.13 53.45 -1.33
CA SER A 2 32.79 52.89 -1.24
C SER A 2 32.79 51.42 -1.65
N SER A 3 31.86 50.65 -1.08
CA SER A 3 31.74 49.23 -1.38
C SER A 3 30.45 48.66 -0.81
N GLY A 4 30.18 47.40 -1.13
CA GLY A 4 28.98 46.75 -0.64
C GLY A 4 28.98 45.25 -0.90
N SER A 5 27.87 44.60 -0.58
CA SER A 5 27.75 43.16 -0.77
C SER A 5 26.29 42.71 -0.68
N SER A 6 26.02 41.50 -1.13
CA SER A 6 24.67 40.96 -1.11
C SER A 6 24.66 39.47 -1.46
N GLY A 7 23.60 38.78 -1.08
CA GLY A 7 23.49 37.36 -1.36
C GLY A 7 22.16 36.78 -0.92
N PRO A 8 21.21 36.70 -1.85
CA PRO A 8 19.88 36.16 -1.57
C PRO A 8 19.89 34.66 -1.33
N ASP A 9 18.71 34.08 -1.17
CA ASP A 9 18.59 32.64 -0.92
C ASP A 9 17.25 32.12 -1.43
N LEU A 10 17.19 30.81 -1.68
CA LEU A 10 15.96 30.18 -2.17
C LEU A 10 15.85 28.75 -1.66
N GLU A 11 14.68 28.15 -1.86
CA GLU A 11 14.44 26.78 -1.42
C GLU A 11 13.21 26.20 -2.11
N LYS A 12 13.21 24.89 -2.30
CA LYS A 12 12.09 24.20 -2.95
C LYS A 12 12.15 22.70 -2.68
N ARG A 13 11.14 22.20 -1.98
CA ARG A 13 11.07 20.78 -1.64
C ARG A 13 9.91 20.10 -2.38
N ARG A 14 10.00 18.79 -2.54
CA ARG A 14 8.96 18.03 -3.22
C ARG A 14 8.36 16.98 -2.29
N ILE A 15 7.03 16.94 -2.24
CA ILE A 15 6.33 15.98 -1.40
C ILE A 15 5.18 15.32 -2.15
N HIS A 16 5.13 14.00 -2.10
CA HIS A 16 4.08 13.24 -2.78
C HIS A 16 2.91 12.98 -1.83
N TYR A 17 1.93 13.86 -1.86
CA TYR A 17 0.75 13.72 -1.00
C TYR A 17 -0.16 12.59 -1.49
N CYS A 18 -0.50 11.68 -0.59
CA CYS A 18 -1.37 10.56 -0.93
C CYS A 18 -2.68 11.04 -1.53
N ASP A 19 -3.03 10.48 -2.69
CA ASP A 19 -4.27 10.86 -3.37
C ASP A 19 -5.46 10.09 -2.80
N TYR A 20 -5.46 9.93 -1.48
CA TYR A 20 -6.55 9.21 -0.81
C TYR A 20 -7.27 10.12 0.18
N PRO A 21 -8.61 10.00 0.22
CA PRO A 21 -9.44 10.81 1.11
C PRO A 21 -9.27 10.43 2.58
N GLY A 22 -8.95 11.41 3.41
CA GLY A 22 -8.77 11.16 4.82
C GLY A 22 -7.30 10.93 5.19
N CYS A 23 -6.65 10.05 4.43
CA CYS A 23 -5.24 9.75 4.67
C CYS A 23 -4.41 11.03 4.72
N THR A 24 -3.53 11.10 5.72
CA THR A 24 -2.67 12.27 5.89
C THR A 24 -1.20 11.88 5.90
N LYS A 25 -0.84 10.90 5.07
CA LYS A 25 0.53 10.43 4.98
C LYS A 25 1.21 10.98 3.72
N VAL A 26 2.52 11.17 3.81
CA VAL A 26 3.29 11.68 2.68
C VAL A 26 4.70 11.09 2.66
N TYR A 27 5.23 10.90 1.47
CA TYR A 27 6.57 10.34 1.31
C TYR A 27 7.32 11.02 0.16
N THR A 28 8.62 11.23 0.35
CA THR A 28 9.44 11.87 -0.66
C THR A 28 9.94 10.86 -1.69
N LYS A 29 9.08 9.90 -2.03
CA LYS A 29 9.43 8.87 -2.99
C LYS A 29 8.24 8.55 -3.90
N SER A 30 8.52 8.13 -5.12
CA SER A 30 7.48 7.78 -6.07
C SER A 30 7.09 6.31 -5.94
N SER A 31 8.08 5.44 -5.95
CA SER A 31 7.83 4.00 -5.84
C SER A 31 7.20 3.66 -4.49
N HIS A 32 7.76 4.21 -3.43
CA HIS A 32 7.25 3.97 -2.09
C HIS A 32 5.76 4.27 -2.00
N LEU A 33 5.39 5.50 -2.37
CA LEU A 33 3.99 5.91 -2.35
C LEU A 33 3.08 4.80 -2.86
N LYS A 34 3.26 4.44 -4.12
CA LYS A 34 2.45 3.37 -4.72
C LYS A 34 2.29 2.20 -3.77
N ALA A 35 3.40 1.75 -3.19
CA ALA A 35 3.39 0.64 -2.25
C ALA A 35 2.45 0.93 -1.07
N HIS A 36 2.48 2.17 -0.60
CA HIS A 36 1.63 2.56 0.53
C HIS A 36 0.15 2.47 0.16
N LEU A 37 -0.18 2.95 -1.03
CA LEU A 37 -1.57 2.91 -1.50
C LEU A 37 -2.23 1.58 -1.15
N ARG A 38 -1.44 0.51 -1.17
CA ARG A 38 -1.95 -0.82 -0.85
C ARG A 38 -2.76 -0.79 0.43
N THR A 39 -2.18 -0.21 1.48
CA THR A 39 -2.85 -0.12 2.78
C THR A 39 -4.35 0.07 2.61
N HIS A 40 -4.74 1.08 1.84
CA HIS A 40 -6.14 1.37 1.60
C HIS A 40 -6.78 0.29 0.74
N THR A 41 -6.07 -0.13 -0.30
CA THR A 41 -6.56 -1.17 -1.19
C THR A 41 -7.33 -2.24 -0.43
N GLY A 42 -8.60 -2.43 -0.80
CA GLY A 42 -9.42 -3.42 -0.14
C GLY A 42 -10.67 -3.75 -0.92
N GLU A 43 -11.74 -2.98 -0.70
CA GLU A 43 -13.00 -3.20 -1.40
C GLU A 43 -12.76 -3.43 -2.88
N LYS A 44 -12.68 -4.69 -3.28
CA LYS A 44 -12.46 -5.04 -4.69
C LYS A 44 -13.52 -6.04 -5.16
N PRO A 45 -14.74 -5.54 -5.43
CA PRO A 45 -15.84 -6.37 -5.91
C PRO A 45 -15.62 -6.87 -7.33
N TYR A 46 -14.78 -6.18 -8.07
CA TYR A 46 -14.49 -6.55 -9.45
C TYR A 46 -13.41 -7.63 -9.51
N LYS A 47 -13.72 -8.73 -10.18
CA LYS A 47 -12.77 -9.84 -10.31
C LYS A 47 -12.64 -10.27 -11.77
N CYS A 48 -11.40 -10.41 -12.22
CA CYS A 48 -11.12 -10.82 -13.60
C CYS A 48 -11.63 -12.24 -13.85
N THR A 49 -12.62 -12.38 -14.71
CA THR A 49 -13.19 -13.68 -15.04
C THR A 49 -12.37 -14.38 -16.12
N TRP A 50 -11.04 -14.36 -15.94
CA TRP A 50 -10.14 -14.99 -16.90
C TRP A 50 -9.55 -16.27 -16.32
N GLU A 51 -9.75 -17.38 -17.03
CA GLU A 51 -9.23 -18.67 -16.59
C GLU A 51 -7.79 -18.54 -16.10
N GLY A 52 -7.58 -18.80 -14.82
CA GLY A 52 -6.25 -18.71 -14.25
C GLY A 52 -6.04 -17.43 -13.48
N CYS A 53 -6.44 -16.30 -14.06
CA CYS A 53 -6.29 -15.01 -13.41
C CYS A 53 -7.20 -14.90 -12.19
N ASP A 54 -6.65 -14.40 -11.10
CA ASP A 54 -7.41 -14.24 -9.86
C ASP A 54 -7.23 -12.85 -9.29
N TRP A 55 -6.89 -11.89 -10.16
CA TRP A 55 -6.68 -10.51 -9.74
C TRP A 55 -8.02 -9.77 -9.65
N ARG A 56 -8.03 -8.68 -8.90
CA ARG A 56 -9.24 -7.88 -8.73
C ARG A 56 -8.92 -6.39 -8.76
N PHE A 57 -9.93 -5.58 -9.07
CA PHE A 57 -9.74 -4.14 -9.14
C PHE A 57 -10.93 -3.42 -8.48
N ALA A 58 -10.82 -2.09 -8.37
CA ALA A 58 -11.87 -1.28 -7.77
C ALA A 58 -12.76 -0.65 -8.85
N ARG A 59 -12.13 -0.13 -9.89
CA ARG A 59 -12.87 0.51 -10.97
C ARG A 59 -13.07 -0.46 -12.13
N SER A 60 -14.29 -0.53 -12.64
CA SER A 60 -14.62 -1.43 -13.74
C SER A 60 -13.69 -1.18 -14.92
N ASP A 61 -13.60 0.08 -15.34
CA ASP A 61 -12.75 0.45 -16.46
C ASP A 61 -11.38 -0.22 -16.36
N GLU A 62 -10.77 -0.13 -15.18
CA GLU A 62 -9.46 -0.73 -14.94
C GLU A 62 -9.48 -2.21 -15.32
N LEU A 63 -10.47 -2.94 -14.83
CA LEU A 63 -10.59 -4.37 -15.11
C LEU A 63 -10.77 -4.61 -16.61
N THR A 64 -11.50 -3.71 -17.26
CA THR A 64 -11.75 -3.83 -18.70
C THR A 64 -10.45 -3.80 -19.48
N ARG A 65 -9.66 -2.75 -19.28
CA ARG A 65 -8.38 -2.60 -19.98
C ARG A 65 -7.49 -3.80 -19.72
N HIS A 66 -7.37 -4.20 -18.45
CA HIS A 66 -6.55 -5.34 -18.08
C HIS A 66 -7.01 -6.61 -18.79
N TYR A 67 -8.30 -6.91 -18.64
CA TYR A 67 -8.87 -8.10 -19.26
C TYR A 67 -8.48 -8.20 -20.72
N ARG A 68 -8.41 -7.06 -21.40
CA ARG A 68 -8.04 -7.01 -22.80
C ARG A 68 -6.62 -7.53 -23.01
N LYS A 69 -5.68 -7.01 -22.23
CA LYS A 69 -4.29 -7.42 -22.32
C LYS A 69 -4.18 -8.92 -22.53
N HIS A 70 -4.95 -9.68 -21.76
CA HIS A 70 -4.94 -11.14 -21.86
C HIS A 70 -4.99 -11.57 -23.32
N THR A 71 -6.07 -11.22 -24.01
CA THR A 71 -6.24 -11.58 -25.41
C THR A 71 -5.87 -10.42 -26.32
N GLY A 72 -4.93 -9.59 -25.88
CA GLY A 72 -4.51 -8.45 -26.67
C GLY A 72 -3.14 -8.65 -27.28
N ALA A 73 -2.19 -7.80 -26.92
CA ALA A 73 -0.83 -7.88 -27.43
C ALA A 73 0.18 -7.99 -26.30
N LYS A 74 1.01 -9.02 -26.35
CA LYS A 74 2.03 -9.24 -25.33
C LYS A 74 3.41 -8.88 -25.85
N PRO A 75 3.99 -7.79 -25.34
CA PRO A 75 5.32 -7.32 -25.73
C PRO A 75 6.43 -8.24 -25.26
N PHE A 76 6.04 -9.31 -24.56
CA PHE A 76 7.02 -10.27 -24.05
C PHE A 76 6.65 -11.68 -24.47
N GLN A 77 7.47 -12.28 -25.33
CA GLN A 77 7.23 -13.63 -25.82
C GLN A 77 8.52 -14.43 -25.84
N CYS A 78 8.43 -15.70 -25.44
CA CYS A 78 9.60 -16.58 -25.42
C CYS A 78 9.95 -17.06 -26.82
N GLY A 79 11.04 -17.80 -26.94
CA GLY A 79 11.47 -18.32 -28.23
C GLY A 79 11.29 -19.82 -28.34
N VAL A 80 11.66 -20.54 -27.29
CA VAL A 80 11.53 -21.99 -27.27
C VAL A 80 10.08 -22.42 -27.08
N CYS A 81 9.55 -22.16 -25.89
CA CYS A 81 8.17 -22.51 -25.57
C CYS A 81 7.20 -21.57 -26.28
N ASN A 82 7.68 -20.41 -26.68
CA ASN A 82 6.85 -19.43 -27.36
C ASN A 82 5.66 -19.02 -26.50
N ARG A 83 5.94 -18.62 -25.27
CA ARG A 83 4.89 -18.21 -24.35
C ARG A 83 4.93 -16.70 -24.10
N SER A 84 3.80 -16.14 -23.70
CA SER A 84 3.71 -14.70 -23.43
C SER A 84 3.60 -14.43 -21.94
N PHE A 85 3.98 -13.23 -21.54
CA PHE A 85 3.93 -12.84 -20.13
C PHE A 85 3.57 -11.36 -19.98
N SER A 86 2.81 -11.04 -18.94
CA SER A 86 2.40 -9.67 -18.69
C SER A 86 3.58 -8.83 -18.19
N ARG A 87 4.34 -9.39 -17.26
CA ARG A 87 5.49 -8.69 -16.69
C ARG A 87 6.78 -9.09 -17.42
N SER A 88 7.74 -8.17 -17.45
CA SER A 88 9.00 -8.42 -18.12
C SER A 88 9.91 -9.29 -17.25
N ASP A 89 10.21 -8.81 -16.05
CA ASP A 89 11.06 -9.54 -15.12
C ASP A 89 10.77 -11.04 -15.19
N HIS A 90 9.49 -11.39 -15.27
CA HIS A 90 9.07 -12.78 -15.33
C HIS A 90 9.73 -13.48 -16.52
N LEU A 91 9.71 -12.83 -17.67
CA LEU A 91 10.30 -13.39 -18.89
C LEU A 91 11.79 -13.64 -18.70
N ALA A 92 12.53 -12.59 -18.36
CA ALA A 92 13.96 -12.69 -18.16
C ALA A 92 14.31 -13.92 -17.31
N LEU A 93 13.70 -14.01 -16.14
CA LEU A 93 13.94 -15.14 -15.24
C LEU A 93 13.44 -16.44 -15.86
N HIS A 94 12.27 -16.38 -16.48
CA HIS A 94 11.68 -17.56 -17.11
C HIS A 94 12.69 -18.23 -18.04
N MET A 95 13.40 -17.42 -18.83
CA MET A 95 14.38 -17.94 -19.76
C MET A 95 15.27 -18.99 -19.09
N LYS A 96 15.75 -18.67 -17.89
CA LYS A 96 16.60 -19.59 -17.14
C LYS A 96 16.04 -21.01 -17.17
N ARG A 97 14.72 -21.11 -17.03
CA ARG A 97 14.05 -22.41 -17.04
C ARG A 97 14.51 -23.25 -18.23
N HIS A 98 14.74 -22.58 -19.36
CA HIS A 98 15.19 -23.27 -20.57
C HIS A 98 16.69 -23.53 -20.53
N GLN A 99 17.43 -22.61 -19.94
CA GLN A 99 18.88 -22.74 -19.83
C GLN A 99 19.26 -23.55 -18.61
N ASN A 100 18.73 -24.76 -18.51
CA ASN A 100 19.02 -25.64 -17.38
C ASN A 100 19.12 -27.10 -17.83
N GLY A 1 14.06 49.79 -36.87
CA GLY A 1 13.72 49.47 -35.50
C GLY A 1 14.09 48.05 -35.13
N SER A 2 14.11 47.77 -33.83
CA SER A 2 14.45 46.44 -33.34
C SER A 2 14.09 46.30 -31.86
N SER A 3 13.83 45.07 -31.45
CA SER A 3 13.47 44.79 -30.06
C SER A 3 13.49 43.29 -29.78
N GLY A 4 14.04 42.92 -28.63
CA GLY A 4 14.11 41.52 -28.26
C GLY A 4 14.34 41.32 -26.77
N SER A 5 13.82 40.22 -26.24
CA SER A 5 13.96 39.92 -24.82
C SER A 5 13.50 38.50 -24.51
N SER A 6 13.63 38.10 -23.26
CA SER A 6 13.24 36.75 -22.84
C SER A 6 13.34 36.60 -21.32
N GLY A 7 12.91 35.46 -20.81
CA GLY A 7 12.97 35.21 -19.39
C GLY A 7 12.45 33.83 -19.01
N PRO A 8 13.34 32.83 -19.04
CA PRO A 8 13.00 31.45 -18.70
C PRO A 8 12.69 31.27 -17.23
N ASP A 9 12.25 30.07 -16.86
CA ASP A 9 11.93 29.76 -15.47
C ASP A 9 11.91 28.26 -15.24
N LEU A 10 12.37 27.84 -14.06
CA LEU A 10 12.41 26.42 -13.71
C LEU A 10 12.38 26.23 -12.20
N GLU A 11 12.20 24.99 -11.76
CA GLU A 11 12.16 24.68 -10.34
C GLU A 11 12.60 23.24 -10.09
N LYS A 12 12.78 22.89 -8.81
CA LYS A 12 13.20 21.55 -8.44
C LYS A 12 12.58 21.15 -7.10
N ARG A 13 11.89 20.01 -7.09
CA ARG A 13 11.25 19.51 -5.88
C ARG A 13 10.72 18.10 -6.08
N ARG A 14 10.81 17.28 -5.04
CA ARG A 14 10.34 15.91 -5.10
C ARG A 14 9.45 15.58 -3.90
N ILE A 15 8.17 15.86 -4.02
CA ILE A 15 7.22 15.59 -2.95
C ILE A 15 5.98 14.89 -3.47
N HIS A 16 5.34 14.09 -2.63
CA HIS A 16 4.14 13.35 -3.00
C HIS A 16 3.13 13.35 -1.86
N TYR A 17 1.95 13.90 -2.13
CA TYR A 17 0.89 13.96 -1.12
C TYR A 17 -0.25 13.00 -1.46
N CYS A 18 -0.37 11.94 -0.68
CA CYS A 18 -1.42 10.95 -0.90
C CYS A 18 -2.70 11.61 -1.38
N ASP A 19 -3.31 11.04 -2.41
CA ASP A 19 -4.55 11.57 -2.96
C ASP A 19 -5.76 10.77 -2.48
N TYR A 20 -5.73 10.37 -1.22
CA TYR A 20 -6.81 9.58 -0.64
C TYR A 20 -7.50 10.37 0.48
N PRO A 21 -8.84 10.29 0.51
CA PRO A 21 -9.65 10.98 1.53
C PRO A 21 -9.49 10.37 2.91
N GLY A 22 -9.25 11.22 3.90
CA GLY A 22 -9.08 10.74 5.25
C GLY A 22 -7.64 10.42 5.59
N CYS A 23 -6.95 9.76 4.66
CA CYS A 23 -5.56 9.38 4.85
C CYS A 23 -4.65 10.60 4.72
N THR A 24 -3.70 10.73 5.66
CA THR A 24 -2.78 11.85 5.65
C THR A 24 -1.33 11.36 5.58
N LYS A 25 -1.10 10.32 4.79
CA LYS A 25 0.24 9.76 4.63
C LYS A 25 0.96 10.38 3.44
N VAL A 26 2.25 10.65 3.61
CA VAL A 26 3.05 11.24 2.54
C VAL A 26 4.40 10.56 2.43
N TYR A 27 5.02 10.65 1.25
CA TYR A 27 6.32 10.04 1.02
C TYR A 27 7.13 10.86 0.01
N THR A 28 8.34 11.22 0.40
CA THR A 28 9.22 12.00 -0.46
C THR A 28 9.42 11.32 -1.81
N LYS A 29 9.64 10.01 -1.78
CA LYS A 29 9.85 9.24 -3.00
C LYS A 29 8.53 8.65 -3.49
N SER A 30 8.43 8.46 -4.81
CA SER A 30 7.22 7.91 -5.41
C SER A 30 7.20 6.39 -5.29
N SER A 31 8.31 5.76 -5.64
CA SER A 31 8.43 4.30 -5.57
C SER A 31 7.76 3.76 -4.31
N HIS A 32 8.03 4.41 -3.19
CA HIS A 32 7.46 3.99 -1.91
C HIS A 32 5.95 4.24 -1.88
N LEU A 33 5.57 5.46 -2.27
CA LEU A 33 4.15 5.83 -2.29
C LEU A 33 3.30 4.72 -2.89
N LYS A 34 3.72 4.21 -4.04
CA LYS A 34 3.00 3.15 -4.73
C LYS A 34 2.55 2.08 -3.73
N ALA A 35 3.47 1.63 -2.89
CA ALA A 35 3.17 0.61 -1.90
C ALA A 35 2.13 1.11 -0.90
N HIS A 36 2.38 2.30 -0.34
CA HIS A 36 1.46 2.89 0.62
C HIS A 36 0.03 2.89 0.09
N LEU A 37 -0.12 3.19 -1.19
CA LEU A 37 -1.43 3.23 -1.82
C LEU A 37 -2.10 1.87 -1.77
N ARG A 38 -1.28 0.82 -1.63
CA ARG A 38 -1.80 -0.55 -1.57
C ARG A 38 -2.83 -0.69 -0.45
N THR A 39 -2.58 0.00 0.66
CA THR A 39 -3.48 -0.05 1.81
C THR A 39 -4.87 0.40 1.42
N HIS A 40 -4.96 1.30 0.44
CA HIS A 40 -6.25 1.81 -0.01
C HIS A 40 -6.86 0.89 -1.05
N THR A 41 -6.26 -0.29 -1.22
CA THR A 41 -6.75 -1.27 -2.18
C THR A 41 -7.32 -2.49 -1.48
N GLY A 42 -8.61 -2.43 -1.15
CA GLY A 42 -9.27 -3.54 -0.48
C GLY A 42 -8.60 -3.88 0.84
N GLU A 43 -7.95 -5.05 0.89
CA GLU A 43 -7.28 -5.49 2.10
C GLU A 43 -6.45 -6.75 1.83
N LYS A 44 -5.65 -7.14 2.82
CA LYS A 44 -4.82 -8.34 2.69
C LYS A 44 -5.05 -9.29 3.86
N PRO A 45 -6.22 -9.96 3.85
CA PRO A 45 -6.59 -10.91 4.90
C PRO A 45 -5.74 -12.18 4.85
N TYR A 46 -5.01 -12.35 3.76
CA TYR A 46 -4.16 -13.52 3.59
C TYR A 46 -2.91 -13.43 4.46
N LYS A 47 -2.99 -14.01 5.66
CA LYS A 47 -1.87 -14.00 6.59
C LYS A 47 -1.14 -15.33 6.59
N CYS A 48 0.16 -15.30 6.35
CA CYS A 48 0.96 -16.52 6.33
C CYS A 48 0.77 -17.33 7.62
N THR A 49 0.30 -18.56 7.46
CA THR A 49 0.07 -19.43 8.61
C THR A 49 1.35 -20.13 9.04
N TRP A 50 2.43 -19.36 9.10
CA TRP A 50 3.73 -19.89 9.50
C TRP A 50 4.12 -19.40 10.89
N GLU A 51 5.06 -20.10 11.52
CA GLU A 51 5.51 -19.73 12.86
C GLU A 51 6.68 -18.74 12.78
N GLY A 52 6.40 -17.49 13.12
CA GLY A 52 7.43 -16.47 13.08
C GLY A 52 7.19 -15.44 12.00
N CYS A 53 6.81 -15.90 10.82
CA CYS A 53 6.54 -15.00 9.70
C CYS A 53 5.41 -14.03 10.04
N ASP A 54 5.62 -12.76 9.73
CA ASP A 54 4.61 -11.74 9.99
C ASP A 54 4.26 -10.98 8.71
N TRP A 55 4.17 -11.72 7.60
CA TRP A 55 3.84 -11.11 6.31
C TRP A 55 2.38 -11.38 5.94
N ARG A 56 1.90 -10.69 4.92
CA ARG A 56 0.53 -10.85 4.46
C ARG A 56 0.43 -10.67 2.94
N PHE A 57 -0.77 -10.87 2.40
CA PHE A 57 -0.99 -10.73 0.97
C PHE A 57 -2.48 -10.53 0.68
N ALA A 58 -2.80 -10.38 -0.61
CA ALA A 58 -4.19 -10.19 -1.03
C ALA A 58 -4.61 -11.27 -2.03
N ARG A 59 -3.62 -11.86 -2.69
CA ARG A 59 -3.90 -12.90 -3.68
C ARG A 59 -3.37 -14.25 -3.20
N SER A 60 -3.75 -15.31 -3.91
CA SER A 60 -3.32 -16.65 -3.56
C SER A 60 -1.88 -16.91 -4.03
N ASP A 61 -1.70 -16.96 -5.34
CA ASP A 61 -0.38 -17.19 -5.92
C ASP A 61 0.70 -16.49 -5.09
N GLU A 62 0.45 -15.24 -4.76
CA GLU A 62 1.41 -14.45 -3.97
C GLU A 62 1.74 -15.15 -2.67
N LEU A 63 0.71 -15.43 -1.87
CA LEU A 63 0.88 -16.10 -0.59
C LEU A 63 1.53 -17.47 -0.77
N THR A 64 0.95 -18.27 -1.66
CA THR A 64 1.46 -19.61 -1.92
C THR A 64 2.94 -19.57 -2.27
N ARG A 65 3.27 -18.86 -3.36
CA ARG A 65 4.65 -18.75 -3.80
C ARG A 65 5.56 -18.34 -2.65
N HIS A 66 5.08 -17.42 -1.81
CA HIS A 66 5.85 -16.95 -0.66
C HIS A 66 5.99 -18.05 0.38
N TYR A 67 4.92 -18.80 0.60
CA TYR A 67 4.92 -19.88 1.58
C TYR A 67 5.97 -20.94 1.23
N ARG A 68 6.03 -21.28 -0.06
CA ARG A 68 6.99 -22.28 -0.53
C ARG A 68 8.40 -21.95 -0.04
N LYS A 69 8.78 -20.68 -0.15
CA LYS A 69 10.10 -20.24 0.29
C LYS A 69 10.43 -20.79 1.67
N HIS A 70 9.51 -20.61 2.61
CA HIS A 70 9.70 -21.09 3.98
C HIS A 70 10.25 -22.52 3.97
N THR A 71 9.49 -23.43 3.35
CA THR A 71 9.89 -24.83 3.29
C THR A 71 10.38 -25.19 1.90
N GLY A 72 10.98 -24.22 1.21
CA GLY A 72 11.48 -24.47 -0.13
C GLY A 72 12.99 -24.30 -0.22
N ALA A 73 13.43 -23.15 -0.71
CA ALA A 73 14.85 -22.86 -0.85
C ALA A 73 15.64 -23.45 0.32
N LYS A 74 15.15 -23.24 1.53
CA LYS A 74 15.80 -23.75 2.73
C LYS A 74 14.78 -24.33 3.70
N PRO A 75 15.02 -25.58 4.11
CA PRO A 75 14.13 -26.30 5.04
C PRO A 75 14.19 -25.71 6.45
N PHE A 76 15.28 -25.01 6.76
CA PHE A 76 15.45 -24.40 8.06
C PHE A 76 15.30 -22.88 7.99
N GLN A 77 14.32 -22.35 8.72
CA GLN A 77 14.07 -20.91 8.72
C GLN A 77 13.81 -20.42 10.14
N CYS A 78 14.37 -19.26 10.48
CA CYS A 78 14.21 -18.68 11.80
C CYS A 78 13.01 -17.74 11.84
N GLY A 79 12.69 -17.23 13.02
CA GLY A 79 11.56 -16.33 13.17
C GLY A 79 12.00 -14.91 13.48
N VAL A 80 12.65 -14.73 14.62
CA VAL A 80 13.12 -13.42 15.04
C VAL A 80 13.91 -12.74 13.93
N CYS A 81 14.99 -13.38 13.51
CA CYS A 81 15.84 -12.84 12.44
C CYS A 81 15.29 -13.22 11.07
N ASN A 82 14.48 -14.26 11.04
CA ASN A 82 13.89 -14.73 9.78
C ASN A 82 14.97 -14.99 8.74
N ARG A 83 15.98 -15.77 9.11
CA ARG A 83 17.07 -16.09 8.21
C ARG A 83 17.00 -17.56 7.76
N SER A 84 17.90 -17.95 6.86
CA SER A 84 17.94 -19.31 6.36
C SER A 84 19.27 -19.98 6.69
N PHE A 85 19.22 -21.28 6.93
CA PHE A 85 20.42 -22.04 7.26
C PHE A 85 20.52 -23.30 6.41
N SER A 86 21.76 -23.67 6.06
CA SER A 86 22.00 -24.84 5.23
C SER A 86 21.94 -26.11 6.07
N ARG A 87 22.55 -26.06 7.25
CA ARG A 87 22.57 -27.21 8.15
C ARG A 87 21.60 -27.01 9.31
N SER A 88 21.36 -28.08 10.06
CA SER A 88 20.45 -28.02 11.20
C SER A 88 21.18 -27.51 12.45
N ASP A 89 22.26 -28.19 12.82
CA ASP A 89 23.03 -27.81 13.99
C ASP A 89 23.13 -26.29 14.11
N HIS A 90 23.43 -25.64 12.99
CA HIS A 90 23.56 -24.18 12.97
C HIS A 90 22.29 -23.52 13.50
N LEU A 91 21.15 -23.96 12.99
CA LEU A 91 19.87 -23.41 13.40
C LEU A 91 19.67 -23.56 14.91
N ALA A 92 19.74 -24.80 15.40
CA ALA A 92 19.59 -25.07 16.82
C ALA A 92 20.48 -24.18 17.66
N LEU A 93 21.79 -24.25 17.42
CA LEU A 93 22.75 -23.44 18.15
C LEU A 93 22.47 -21.96 17.96
N HIS A 94 22.02 -21.60 16.76
CA HIS A 94 21.71 -20.21 16.45
C HIS A 94 20.62 -19.67 17.37
N MET A 95 19.60 -20.48 17.61
CA MET A 95 18.49 -20.09 18.48
C MET A 95 19.02 -19.63 19.85
N LYS A 96 19.94 -20.41 20.40
CA LYS A 96 20.51 -20.09 21.71
C LYS A 96 20.69 -18.58 21.87
N ARG A 97 21.15 -17.92 20.81
CA ARG A 97 21.36 -16.48 20.84
C ARG A 97 20.02 -15.74 21.00
N HIS A 98 19.06 -16.08 20.17
CA HIS A 98 17.74 -15.45 20.23
C HIS A 98 17.13 -15.60 21.61
N GLN A 99 17.20 -16.81 22.16
CA GLN A 99 16.65 -17.08 23.49
C GLN A 99 17.53 -16.48 24.58
N ASN A 100 17.04 -15.42 25.21
CA ASN A 100 17.79 -14.75 26.27
C ASN A 100 17.48 -15.38 27.62
N GLY A 1 37.85 30.88 -34.61
CA GLY A 1 37.21 29.90 -33.75
C GLY A 1 36.20 30.53 -32.80
N SER A 2 35.54 29.70 -32.01
CA SER A 2 34.53 30.18 -31.06
C SER A 2 34.05 29.05 -30.17
N SER A 3 33.80 29.37 -28.90
CA SER A 3 33.33 28.37 -27.93
C SER A 3 32.36 29.00 -26.95
N GLY A 4 31.74 28.16 -26.12
CA GLY A 4 30.78 28.65 -25.14
C GLY A 4 29.89 27.55 -24.62
N SER A 5 29.76 27.47 -23.30
CA SER A 5 28.92 26.45 -22.67
C SER A 5 28.30 26.99 -21.37
N SER A 6 26.98 26.96 -21.32
CA SER A 6 26.25 27.43 -20.15
C SER A 6 26.03 26.31 -19.14
N GLY A 7 25.34 25.26 -19.57
CA GLY A 7 25.09 24.13 -18.70
C GLY A 7 24.06 24.45 -17.64
N PRO A 8 22.77 24.33 -18.00
CA PRO A 8 21.66 24.60 -17.08
C PRO A 8 21.55 23.56 -15.97
N ASP A 9 20.70 23.83 -14.99
CA ASP A 9 20.50 22.92 -13.88
C ASP A 9 19.35 23.38 -12.99
N LEU A 10 18.24 22.65 -13.06
CA LEU A 10 17.05 22.98 -12.27
C LEU A 10 16.92 22.05 -11.06
N GLU A 11 16.55 22.61 -9.92
CA GLU A 11 16.38 21.84 -8.71
C GLU A 11 15.01 22.08 -8.09
N LYS A 12 14.33 20.99 -7.74
CA LYS A 12 13.00 21.07 -7.14
C LYS A 12 12.86 20.09 -5.98
N ARG A 13 11.85 20.31 -5.14
CA ARG A 13 11.62 19.43 -4.00
C ARG A 13 11.03 18.09 -4.45
N ARG A 14 10.95 17.15 -3.52
CA ARG A 14 10.41 15.82 -3.82
C ARG A 14 9.43 15.38 -2.74
N ILE A 15 8.16 15.69 -2.95
CA ILE A 15 7.12 15.31 -2.00
C ILE A 15 5.90 14.72 -2.70
N HIS A 16 5.19 13.84 -2.02
CA HIS A 16 4.00 13.20 -2.57
C HIS A 16 2.97 12.94 -1.49
N TYR A 17 1.79 13.54 -1.64
CA TYR A 17 0.72 13.37 -0.67
C TYR A 17 -0.28 12.32 -1.15
N CYS A 18 -0.66 11.42 -0.24
CA CYS A 18 -1.61 10.37 -0.57
C CYS A 18 -2.86 10.93 -1.23
N ASP A 19 -3.21 10.40 -2.39
CA ASP A 19 -4.38 10.86 -3.12
C ASP A 19 -5.65 10.16 -2.61
N TYR A 20 -5.71 9.95 -1.30
CA TYR A 20 -6.85 9.30 -0.69
C TYR A 20 -7.56 10.24 0.28
N PRO A 21 -8.91 10.19 0.29
CA PRO A 21 -9.72 11.03 1.16
C PRO A 21 -9.62 10.62 2.62
N GLY A 22 -8.92 11.43 3.41
CA GLY A 22 -8.76 11.13 4.82
C GLY A 22 -7.31 10.87 5.19
N CYS A 23 -6.61 10.13 4.36
CA CYS A 23 -5.21 9.80 4.61
C CYS A 23 -4.34 11.05 4.54
N THR A 24 -3.53 11.27 5.58
CA THR A 24 -2.66 12.43 5.64
C THR A 24 -1.20 12.01 5.60
N LYS A 25 -0.91 10.92 4.89
CA LYS A 25 0.45 10.42 4.76
C LYS A 25 1.19 11.13 3.63
N VAL A 26 2.50 10.95 3.59
CA VAL A 26 3.33 11.57 2.56
C VAL A 26 4.67 10.85 2.41
N TYR A 27 5.10 10.66 1.18
CA TYR A 27 6.36 9.99 0.91
C TYR A 27 7.17 10.73 -0.15
N THR A 28 8.32 11.26 0.25
CA THR A 28 9.18 12.00 -0.66
C THR A 28 9.38 11.24 -1.97
N LYS A 29 9.57 9.93 -1.88
CA LYS A 29 9.76 9.10 -3.05
C LYS A 29 8.42 8.66 -3.63
N SER A 30 8.33 8.64 -4.95
CA SER A 30 7.10 8.24 -5.63
C SER A 30 6.90 6.73 -5.54
N SER A 31 7.97 5.98 -5.78
CA SER A 31 7.91 4.52 -5.72
C SER A 31 7.35 4.05 -4.39
N HIS A 32 7.87 4.61 -3.30
CA HIS A 32 7.42 4.25 -1.96
C HIS A 32 5.91 4.43 -1.82
N LEU A 33 5.42 5.59 -2.26
CA LEU A 33 3.99 5.89 -2.19
C LEU A 33 3.16 4.77 -2.82
N LYS A 34 3.52 4.42 -4.05
CA LYS A 34 2.82 3.36 -4.78
C LYS A 34 2.54 2.17 -3.87
N ALA A 35 3.57 1.73 -3.14
CA ALA A 35 3.44 0.61 -2.23
C ALA A 35 2.42 0.89 -1.15
N HIS A 36 2.49 2.08 -0.57
CA HIS A 36 1.56 2.47 0.49
C HIS A 36 0.12 2.39 0.00
N LEU A 37 -0.14 2.95 -1.16
CA LEU A 37 -1.48 2.94 -1.74
C LEU A 37 -2.15 1.59 -1.53
N ARG A 38 -1.40 0.51 -1.77
CA ARG A 38 -1.92 -0.84 -1.60
C ARG A 38 -2.81 -0.93 -0.36
N THR A 39 -2.36 -0.32 0.73
CA THR A 39 -3.11 -0.33 1.98
C THR A 39 -4.58 0.00 1.74
N HIS A 40 -4.83 1.00 0.90
CA HIS A 40 -6.20 1.41 0.58
C HIS A 40 -6.80 0.51 -0.49
N THR A 41 -6.00 0.16 -1.49
CA THR A 41 -6.45 -0.69 -2.58
C THR A 41 -5.97 -2.12 -2.40
N GLY A 42 -6.90 -3.04 -2.18
CA GLY A 42 -6.55 -4.43 -2.00
C GLY A 42 -6.15 -4.75 -0.56
N GLU A 43 -6.98 -5.53 0.12
CA GLU A 43 -6.72 -5.90 1.50
C GLU A 43 -6.85 -7.41 1.70
N LYS A 44 -6.69 -7.86 2.94
CA LYS A 44 -6.79 -9.28 3.26
C LYS A 44 -7.95 -9.54 4.22
N PRO A 45 -9.09 -9.98 3.68
CA PRO A 45 -10.29 -10.27 4.47
C PRO A 45 -10.11 -11.51 5.35
N TYR A 46 -9.13 -12.33 5.01
CA TYR A 46 -8.86 -13.54 5.77
C TYR A 46 -7.73 -13.33 6.77
N LYS A 47 -8.02 -13.58 8.04
CA LYS A 47 -7.04 -13.41 9.10
C LYS A 47 -7.02 -14.62 10.03
N CYS A 48 -5.87 -14.86 10.66
CA CYS A 48 -5.72 -15.98 11.58
C CYS A 48 -6.38 -15.69 12.91
N THR A 49 -7.40 -16.48 13.25
CA THR A 49 -8.13 -16.31 14.51
C THR A 49 -7.35 -16.92 15.68
N TRP A 50 -6.05 -16.68 15.70
CA TRP A 50 -5.20 -17.21 16.76
C TRP A 50 -4.76 -16.09 17.70
N GLU A 51 -4.78 -16.37 19.00
CA GLU A 51 -4.39 -15.40 20.01
C GLU A 51 -2.96 -14.94 19.77
N GLY A 52 -2.77 -13.62 19.64
CA GLY A 52 -1.45 -13.08 19.41
C GLY A 52 -1.11 -12.97 17.93
N CYS A 53 -1.41 -14.01 17.18
CA CYS A 53 -1.13 -14.04 15.75
C CYS A 53 -1.84 -12.89 15.04
N ASP A 54 -1.11 -12.19 14.17
CA ASP A 54 -1.67 -11.07 13.43
C ASP A 54 -1.39 -11.20 11.94
N TRP A 55 -1.34 -12.45 11.48
CA TRP A 55 -1.07 -12.72 10.06
C TRP A 55 -2.37 -12.81 9.27
N ARG A 56 -2.37 -12.26 8.06
CA ARG A 56 -3.55 -12.27 7.21
C ARG A 56 -3.24 -12.93 5.86
N PHE A 57 -4.27 -13.11 5.06
CA PHE A 57 -4.11 -13.73 3.74
C PHE A 57 -5.19 -13.25 2.79
N ALA A 58 -4.98 -13.48 1.50
CA ALA A 58 -5.94 -13.07 0.47
C ALA A 58 -6.89 -14.21 0.13
N ARG A 59 -6.33 -15.40 -0.09
CA ARG A 59 -7.12 -16.57 -0.43
C ARG A 59 -7.48 -17.36 0.82
N SER A 60 -8.61 -18.07 0.76
CA SER A 60 -9.06 -18.87 1.89
C SER A 60 -8.08 -20.00 2.20
N ASP A 61 -7.85 -20.86 1.21
CA ASP A 61 -6.93 -21.98 1.37
C ASP A 61 -5.63 -21.53 2.02
N GLU A 62 -5.00 -20.52 1.44
CA GLU A 62 -3.75 -19.99 1.97
C GLU A 62 -3.80 -19.89 3.49
N LEU A 63 -4.92 -19.40 4.01
CA LEU A 63 -5.09 -19.25 5.45
C LEU A 63 -5.17 -20.62 6.14
N THR A 64 -6.05 -21.47 5.64
CA THR A 64 -6.22 -22.80 6.21
C THR A 64 -4.88 -23.49 6.42
N ARG A 65 -4.03 -23.45 5.39
CA ARG A 65 -2.71 -24.07 5.47
C ARG A 65 -1.90 -23.48 6.62
N HIS A 66 -1.92 -22.16 6.74
CA HIS A 66 -1.19 -21.47 7.80
C HIS A 66 -1.67 -21.93 9.16
N TYR A 67 -2.98 -21.95 9.36
CA TYR A 67 -3.57 -22.36 10.63
C TYR A 67 -3.11 -23.76 11.01
N ARG A 68 -3.18 -24.69 10.04
CA ARG A 68 -2.77 -26.06 10.27
C ARG A 68 -1.46 -26.12 11.06
N LYS A 69 -0.55 -25.19 10.75
CA LYS A 69 0.73 -25.13 11.42
C LYS A 69 0.56 -24.95 12.93
N HIS A 70 -0.32 -24.03 13.31
CA HIS A 70 -0.57 -23.75 14.72
C HIS A 70 -0.99 -25.02 15.45
N THR A 71 -1.99 -25.72 14.90
CA THR A 71 -2.47 -26.96 15.51
C THR A 71 -1.50 -28.10 15.28
N GLY A 72 -0.68 -27.97 14.24
CA GLY A 72 0.29 -29.02 13.93
C GLY A 72 1.64 -28.45 13.52
N ALA A 73 2.48 -28.14 14.51
CA ALA A 73 3.79 -27.58 14.25
C ALA A 73 4.86 -28.27 15.10
N LYS A 74 5.58 -29.20 14.50
CA LYS A 74 6.64 -29.93 15.20
C LYS A 74 7.92 -29.96 14.39
N PRO A 75 9.00 -29.42 14.97
CA PRO A 75 10.31 -29.37 14.32
C PRO A 75 10.94 -30.75 14.19
N PHE A 76 10.34 -31.73 14.85
CA PHE A 76 10.85 -33.10 14.81
C PHE A 76 9.80 -34.06 14.27
N GLN A 77 10.15 -34.78 13.20
CA GLN A 77 9.23 -35.74 12.59
C GLN A 77 9.97 -37.01 12.20
N CYS A 78 9.36 -38.16 12.52
CA CYS A 78 9.96 -39.45 12.20
C CYS A 78 9.63 -39.85 10.77
N GLY A 79 10.26 -40.94 10.31
CA GLY A 79 10.03 -41.42 8.96
C GLY A 79 9.20 -42.69 8.93
N VAL A 80 9.66 -43.70 9.65
CA VAL A 80 8.97 -44.99 9.70
C VAL A 80 7.56 -44.83 10.28
N CYS A 81 7.49 -44.35 11.52
CA CYS A 81 6.21 -44.15 12.18
C CYS A 81 5.60 -42.81 11.80
N ASN A 82 6.41 -41.94 11.20
CA ASN A 82 5.95 -40.63 10.77
C ASN A 82 5.18 -39.94 11.90
N ARG A 83 5.74 -39.97 13.10
CA ARG A 83 5.10 -39.35 14.25
C ARG A 83 5.74 -38.00 14.57
N SER A 84 5.26 -37.35 15.63
CA SER A 84 5.78 -36.06 16.03
C SER A 84 6.25 -36.08 17.48
N PHE A 85 7.24 -35.26 17.80
CA PHE A 85 7.77 -35.19 19.14
C PHE A 85 8.08 -33.75 19.54
N SER A 86 7.76 -33.39 20.78
CA SER A 86 7.99 -32.04 21.28
C SER A 86 9.45 -31.86 21.68
N ARG A 87 10.00 -32.86 22.36
CA ARG A 87 11.40 -32.81 22.80
C ARG A 87 12.30 -33.57 21.84
N SER A 88 13.36 -32.91 21.38
CA SER A 88 14.30 -33.53 20.45
C SER A 88 14.82 -34.85 21.00
N ASP A 89 15.38 -34.81 22.21
CA ASP A 89 15.91 -36.01 22.84
C ASP A 89 14.97 -37.19 22.65
N HIS A 90 13.69 -36.98 22.95
CA HIS A 90 12.69 -38.03 22.80
C HIS A 90 12.80 -38.70 21.43
N LEU A 91 12.97 -37.89 20.39
CA LEU A 91 13.09 -38.40 19.04
C LEU A 91 14.33 -39.27 18.88
N ALA A 92 15.44 -38.81 19.44
CA ALA A 92 16.69 -39.55 19.37
C ALA A 92 16.55 -40.93 20.03
N LEU A 93 16.06 -40.94 21.27
CA LEU A 93 15.88 -42.19 21.99
C LEU A 93 14.81 -43.07 21.34
N HIS A 94 13.75 -42.43 20.86
CA HIS A 94 12.67 -43.15 20.20
C HIS A 94 13.19 -43.91 18.98
N MET A 95 13.96 -43.22 18.15
CA MET A 95 14.52 -43.83 16.94
C MET A 95 15.13 -45.19 17.25
N LYS A 96 15.90 -45.26 18.33
CA LYS A 96 16.54 -46.51 18.73
C LYS A 96 15.59 -47.69 18.54
N ARG A 97 14.35 -47.52 19.01
CA ARG A 97 13.35 -48.58 18.89
C ARG A 97 13.23 -49.06 17.46
N HIS A 98 13.20 -48.12 16.52
CA HIS A 98 13.09 -48.44 15.11
C HIS A 98 14.29 -49.26 14.64
N GLN A 99 15.46 -48.62 14.62
CA GLN A 99 16.69 -49.28 14.20
C GLN A 99 16.96 -50.53 15.04
N ASN A 100 16.94 -51.68 14.39
CA ASN A 100 17.17 -52.94 15.08
C ASN A 100 18.66 -53.27 15.12
N GLY A 1 30.18 58.96 -6.78
CA GLY A 1 29.01 58.09 -6.65
C GLY A 1 29.37 56.70 -6.20
N SER A 2 28.36 55.85 -6.05
CA SER A 2 28.57 54.47 -5.60
C SER A 2 27.32 53.64 -5.80
N SER A 3 27.43 52.34 -5.56
CA SER A 3 26.30 51.43 -5.72
C SER A 3 26.66 50.03 -5.21
N GLY A 4 25.65 49.29 -4.75
CA GLY A 4 25.87 47.95 -4.26
C GLY A 4 24.94 46.94 -4.88
N SER A 5 24.84 45.77 -4.25
CA SER A 5 23.98 44.70 -4.76
C SER A 5 23.88 43.56 -3.76
N SER A 6 23.07 42.56 -4.08
CA SER A 6 22.86 41.41 -3.21
C SER A 6 22.31 40.22 -3.98
N GLY A 7 22.25 39.07 -3.31
CA GLY A 7 21.73 37.88 -3.96
C GLY A 7 21.34 36.81 -2.96
N PRO A 8 20.04 36.79 -2.59
CA PRO A 8 19.51 35.82 -1.63
C PRO A 8 19.46 34.41 -2.21
N ASP A 9 18.91 33.48 -1.43
CA ASP A 9 18.80 32.10 -1.86
C ASP A 9 17.48 31.48 -1.41
N LEU A 10 17.20 30.28 -1.88
CA LEU A 10 15.97 29.59 -1.52
C LEU A 10 16.15 28.07 -1.60
N GLU A 11 15.23 27.33 -0.98
CA GLU A 11 15.29 25.87 -0.98
C GLU A 11 13.95 25.27 -1.40
N LYS A 12 14.01 24.19 -2.16
CA LYS A 12 12.80 23.51 -2.63
C LYS A 12 12.89 22.01 -2.41
N ARG A 13 11.82 21.43 -1.89
CA ARG A 13 11.78 20.00 -1.63
C ARG A 13 10.64 19.33 -2.39
N ARG A 14 10.59 18.01 -2.34
CA ARG A 14 9.55 17.25 -3.04
C ARG A 14 8.55 16.65 -2.04
N ILE A 15 7.30 16.52 -2.46
CA ILE A 15 6.26 15.97 -1.61
C ILE A 15 5.19 15.28 -2.44
N HIS A 16 4.86 14.04 -2.05
CA HIS A 16 3.84 13.27 -2.76
C HIS A 16 2.64 13.00 -1.86
N TYR A 17 1.66 13.90 -1.93
CA TYR A 17 0.45 13.76 -1.11
C TYR A 17 -0.41 12.60 -1.61
N CYS A 18 -0.72 11.68 -0.70
CA CYS A 18 -1.53 10.51 -1.03
C CYS A 18 -2.82 10.94 -1.72
N ASP A 19 -3.22 10.17 -2.74
CA ASP A 19 -4.44 10.46 -3.48
C ASP A 19 -5.65 9.87 -2.78
N TYR A 20 -5.61 9.83 -1.45
CA TYR A 20 -6.71 9.29 -0.66
C TYR A 20 -7.29 10.36 0.26
N PRO A 21 -8.62 10.37 0.39
CA PRO A 21 -9.33 11.33 1.24
C PRO A 21 -9.10 11.05 2.73
N GLY A 22 -8.76 12.10 3.47
CA GLY A 22 -8.52 11.96 4.90
C GLY A 22 -7.10 11.53 5.20
N CYS A 23 -6.62 10.52 4.48
CA CYS A 23 -5.27 10.01 4.68
C CYS A 23 -4.29 11.14 4.97
N THR A 24 -3.39 10.90 5.92
CA THR A 24 -2.40 11.90 6.30
C THR A 24 -0.99 11.35 6.18
N LYS A 25 -0.74 10.60 5.11
CA LYS A 25 0.57 10.01 4.87
C LYS A 25 1.19 10.56 3.60
N VAL A 26 2.51 10.71 3.60
CA VAL A 26 3.22 11.22 2.44
C VAL A 26 4.61 10.60 2.32
N TYR A 27 5.05 10.37 1.07
CA TYR A 27 6.35 9.77 0.83
C TYR A 27 7.15 10.61 -0.16
N THR A 28 8.25 11.20 0.33
CA THR A 28 9.10 12.04 -0.51
C THR A 28 9.45 11.33 -1.81
N LYS A 29 9.32 10.01 -1.82
CA LYS A 29 9.61 9.21 -3.00
C LYS A 29 8.35 8.53 -3.54
N SER A 30 8.20 8.54 -4.87
CA SER A 30 7.04 7.93 -5.51
C SER A 30 7.09 6.42 -5.36
N SER A 31 8.21 5.81 -5.74
CA SER A 31 8.38 4.37 -5.65
C SER A 31 7.82 3.84 -4.33
N HIS A 32 7.98 4.63 -3.27
CA HIS A 32 7.51 4.23 -1.95
C HIS A 32 6.01 4.45 -1.82
N LEU A 33 5.52 5.54 -2.43
CA LEU A 33 4.10 5.86 -2.38
C LEU A 33 3.26 4.70 -2.90
N LYS A 34 3.57 4.25 -4.12
CA LYS A 34 2.86 3.15 -4.73
C LYS A 34 2.54 2.06 -3.71
N ALA A 35 3.57 1.57 -3.02
CA ALA A 35 3.40 0.54 -2.01
C ALA A 35 2.28 0.90 -1.04
N HIS A 36 2.38 2.08 -0.45
CA HIS A 36 1.38 2.55 0.51
C HIS A 36 -0.03 2.41 -0.08
N LEU A 37 -0.19 2.83 -1.33
CA LEU A 37 -1.47 2.76 -2.00
C LEU A 37 -2.01 1.34 -2.01
N ARG A 38 -1.12 0.38 -2.24
CA ARG A 38 -1.51 -1.03 -2.27
C ARG A 38 -2.61 -1.31 -1.26
N THR A 39 -2.53 -0.66 -0.11
CA THR A 39 -3.52 -0.84 0.94
C THR A 39 -4.83 -0.12 0.60
N HIS A 40 -4.71 1.12 0.18
CA HIS A 40 -5.87 1.92 -0.19
C HIS A 40 -6.69 1.22 -1.27
N THR A 41 -6.00 0.78 -2.32
CA THR A 41 -6.67 0.10 -3.43
C THR A 41 -7.06 -1.32 -3.05
N GLY A 42 -8.17 -1.79 -3.61
CA GLY A 42 -8.63 -3.13 -3.32
C GLY A 42 -9.98 -3.14 -2.61
N GLU A 43 -10.38 -4.30 -2.09
CA GLU A 43 -11.65 -4.43 -1.39
C GLU A 43 -11.59 -5.57 -0.38
N LYS A 44 -12.18 -5.35 0.79
CA LYS A 44 -12.20 -6.35 1.85
C LYS A 44 -13.62 -6.88 2.06
N PRO A 45 -14.12 -7.66 1.08
CA PRO A 45 -15.45 -8.24 1.14
C PRO A 45 -15.57 -9.34 2.20
N TYR A 46 -14.41 -9.75 2.73
CA TYR A 46 -14.39 -10.80 3.75
C TYR A 46 -14.83 -10.26 5.11
N LYS A 47 -16.13 -10.27 5.35
CA LYS A 47 -16.70 -9.78 6.60
C LYS A 47 -16.86 -10.93 7.60
N CYS A 48 -16.36 -10.73 8.81
CA CYS A 48 -16.46 -11.74 9.85
C CYS A 48 -17.91 -12.10 10.13
N THR A 49 -18.23 -13.38 10.01
CA THR A 49 -19.60 -13.86 10.24
C THR A 49 -19.86 -14.07 11.73
N TRP A 50 -19.39 -13.13 12.54
CA TRP A 50 -19.57 -13.21 13.98
C TRP A 50 -20.58 -12.18 14.47
N GLU A 51 -21.18 -12.43 15.63
CA GLU A 51 -22.16 -11.52 16.19
C GLU A 51 -21.49 -10.33 16.86
N GLY A 52 -21.67 -9.15 16.27
CA GLY A 52 -21.07 -7.95 16.82
C GLY A 52 -19.85 -7.49 16.04
N CYS A 53 -18.99 -8.43 15.69
CA CYS A 53 -17.79 -8.13 14.93
C CYS A 53 -18.13 -7.44 13.62
N ASP A 54 -17.54 -6.27 13.39
CA ASP A 54 -17.79 -5.51 12.16
C ASP A 54 -16.49 -5.29 11.40
N TRP A 55 -15.58 -6.25 11.48
CA TRP A 55 -14.31 -6.16 10.80
C TRP A 55 -14.35 -6.87 9.45
N ARG A 56 -13.38 -6.58 8.59
CA ARG A 56 -13.32 -7.19 7.27
C ARG A 56 -11.87 -7.50 6.89
N PHE A 57 -11.69 -8.34 5.88
CA PHE A 57 -10.36 -8.72 5.41
C PHE A 57 -10.33 -8.83 3.89
N ALA A 58 -9.15 -9.12 3.35
CA ALA A 58 -8.98 -9.25 1.91
C ALA A 58 -8.74 -10.71 1.52
N ARG A 59 -8.00 -11.43 2.36
CA ARG A 59 -7.69 -12.82 2.11
C ARG A 59 -8.44 -13.73 3.09
N SER A 60 -8.46 -15.02 2.78
CA SER A 60 -9.15 -15.99 3.63
C SER A 60 -8.33 -16.32 4.87
N ASP A 61 -7.02 -16.49 4.69
CA ASP A 61 -6.13 -16.80 5.79
C ASP A 61 -6.23 -15.74 6.89
N GLU A 62 -6.23 -14.47 6.48
CA GLU A 62 -6.32 -13.36 7.42
C GLU A 62 -7.55 -13.50 8.31
N LEU A 63 -8.67 -13.87 7.70
CA LEU A 63 -9.92 -14.03 8.44
C LEU A 63 -9.90 -15.33 9.25
N THR A 64 -9.78 -16.46 8.55
CA THR A 64 -9.74 -17.76 9.20
C THR A 64 -9.02 -17.69 10.54
N ARG A 65 -7.83 -17.08 10.54
CA ARG A 65 -7.04 -16.96 11.75
C ARG A 65 -7.78 -16.09 12.79
N HIS A 66 -8.29 -14.96 12.34
CA HIS A 66 -9.01 -14.05 13.22
C HIS A 66 -10.25 -14.71 13.80
N TYR A 67 -11.14 -15.18 12.92
CA TYR A 67 -12.36 -15.83 13.36
C TYR A 67 -12.07 -16.85 14.46
N ARG A 68 -11.02 -17.64 14.27
CA ARG A 68 -10.64 -18.66 15.24
C ARG A 68 -10.57 -18.06 16.64
N LYS A 69 -10.05 -16.84 16.74
CA LYS A 69 -9.92 -16.16 18.03
C LYS A 69 -11.27 -16.11 18.74
N HIS A 70 -12.32 -15.81 17.99
CA HIS A 70 -13.67 -15.73 18.55
C HIS A 70 -14.03 -17.03 19.28
N THR A 71 -13.59 -18.15 18.72
CA THR A 71 -13.88 -19.45 19.32
C THR A 71 -12.69 -19.96 20.12
N GLY A 72 -11.92 -19.03 20.69
CA GLY A 72 -10.76 -19.40 21.49
C GLY A 72 -10.69 -18.63 22.78
N ALA A 73 -9.82 -19.07 23.69
CA ALA A 73 -9.64 -18.41 24.97
C ALA A 73 -8.15 -18.24 25.31
N LYS A 74 -7.59 -17.13 24.88
CA LYS A 74 -6.18 -16.84 25.14
C LYS A 74 -6.00 -16.11 26.46
N PRO A 75 -5.15 -16.68 27.34
CA PRO A 75 -4.88 -16.10 28.65
C PRO A 75 -4.09 -14.80 28.56
N PHE A 76 -3.31 -14.66 27.49
CA PHE A 76 -2.50 -13.45 27.29
C PHE A 76 -2.54 -13.02 25.83
N GLN A 77 -2.71 -11.72 25.61
CA GLN A 77 -2.76 -11.17 24.26
C GLN A 77 -2.01 -9.86 24.18
N CYS A 78 -1.22 -9.69 23.12
CA CYS A 78 -0.44 -8.47 22.93
C CYS A 78 -1.28 -7.41 22.23
N GLY A 79 -0.70 -6.21 22.10
CA GLY A 79 -1.41 -5.11 21.46
C GLY A 79 -0.86 -4.80 20.08
N VAL A 80 0.45 -4.63 19.99
CA VAL A 80 1.11 -4.32 18.73
C VAL A 80 0.95 -5.47 17.73
N CYS A 81 1.50 -6.63 18.07
CA CYS A 81 1.41 -7.80 17.21
C CYS A 81 0.09 -8.52 17.40
N ASN A 82 -0.56 -8.26 18.54
CA ASN A 82 -1.83 -8.90 18.84
C ASN A 82 -1.72 -10.42 18.81
N ARG A 83 -0.63 -10.93 19.35
CA ARG A 83 -0.40 -12.37 19.37
C ARG A 83 -0.74 -12.96 20.73
N SER A 84 -0.69 -14.29 20.84
CA SER A 84 -1.00 -14.97 22.08
C SER A 84 0.22 -15.71 22.62
N PHE A 85 0.23 -15.96 23.92
CA PHE A 85 1.34 -16.66 24.55
C PHE A 85 0.83 -17.66 25.60
N SER A 86 1.26 -18.91 25.48
CA SER A 86 0.84 -19.95 26.41
C SER A 86 1.28 -19.61 27.83
N ARG A 87 2.51 -19.11 27.96
CA ARG A 87 3.04 -18.75 29.26
C ARG A 87 2.94 -17.25 29.50
N SER A 88 3.14 -16.84 30.75
CA SER A 88 3.06 -15.44 31.12
C SER A 88 4.39 -14.73 30.88
N ASP A 89 5.46 -15.31 31.41
CA ASP A 89 6.80 -14.74 31.25
C ASP A 89 7.07 -14.40 29.80
N HIS A 90 6.70 -15.31 28.89
CA HIS A 90 6.91 -15.10 27.47
C HIS A 90 6.42 -13.73 27.04
N LEU A 91 5.21 -13.38 27.47
CA LEU A 91 4.62 -12.08 27.14
C LEU A 91 5.52 -10.94 27.61
N ALA A 92 6.07 -11.07 28.80
CA ALA A 92 6.94 -10.05 29.37
C ALA A 92 8.22 -9.91 28.55
N LEU A 93 8.97 -11.00 28.43
CA LEU A 93 10.22 -11.00 27.68
C LEU A 93 9.97 -10.54 26.25
N HIS A 94 8.75 -10.76 25.75
CA HIS A 94 8.40 -10.36 24.40
C HIS A 94 8.10 -8.87 24.33
N MET A 95 7.30 -8.39 25.27
CA MET A 95 6.92 -6.98 25.32
C MET A 95 8.12 -6.10 24.98
N LYS A 96 9.16 -6.18 25.79
CA LYS A 96 10.36 -5.38 25.57
C LYS A 96 10.87 -5.54 24.14
N ARG A 97 10.67 -6.71 23.57
CA ARG A 97 11.10 -6.99 22.20
C ARG A 97 10.56 -5.93 21.24
N HIS A 98 9.28 -5.60 21.38
CA HIS A 98 8.64 -4.61 20.52
C HIS A 98 9.43 -3.31 20.53
N GLN A 99 9.67 -2.76 21.72
CA GLN A 99 10.43 -1.52 21.85
C GLN A 99 11.70 -1.56 21.01
N ASN A 100 12.06 -0.42 20.44
CA ASN A 100 13.25 -0.33 19.60
C ASN A 100 14.10 0.88 20.01
N GLY A 1 29.53 57.09 -17.50
CA GLY A 1 28.84 55.83 -17.70
C GLY A 1 29.19 54.81 -16.64
N SER A 2 28.53 53.66 -16.69
CA SER A 2 28.77 52.59 -15.72
C SER A 2 27.98 51.34 -16.08
N SER A 3 28.17 50.28 -15.30
CA SER A 3 27.48 49.02 -15.54
C SER A 3 27.41 48.19 -14.26
N GLY A 4 26.74 47.04 -14.34
CA GLY A 4 26.62 46.18 -13.18
C GLY A 4 26.36 44.73 -13.56
N SER A 5 25.99 43.91 -12.58
CA SER A 5 25.73 42.50 -12.83
C SER A 5 24.97 41.89 -11.66
N SER A 6 24.50 40.66 -11.84
CA SER A 6 23.74 39.96 -10.81
C SER A 6 23.82 38.45 -11.01
N GLY A 7 23.23 37.70 -10.08
CA GLY A 7 23.25 36.26 -10.17
C GLY A 7 22.08 35.62 -9.45
N PRO A 8 21.20 34.95 -10.20
CA PRO A 8 20.02 34.28 -9.65
C PRO A 8 20.38 33.05 -8.82
N ASP A 9 19.37 32.34 -8.34
CA ASP A 9 19.58 31.14 -7.54
C ASP A 9 18.67 30.01 -8.00
N LEU A 10 18.85 28.84 -7.40
CA LEU A 10 18.04 27.68 -7.74
C LEU A 10 17.88 26.75 -6.54
N GLU A 11 17.10 25.69 -6.72
CA GLU A 11 16.86 24.72 -5.65
C GLU A 11 16.38 23.39 -6.21
N LYS A 12 16.33 22.38 -5.35
CA LYS A 12 15.90 21.05 -5.76
C LYS A 12 15.12 20.37 -4.65
N ARG A 13 13.91 19.91 -4.96
CA ARG A 13 13.07 19.23 -3.98
C ARG A 13 11.85 18.61 -4.65
N ARG A 14 11.21 17.67 -3.96
CA ARG A 14 10.03 16.99 -4.49
C ARG A 14 9.36 16.16 -3.41
N ILE A 15 8.03 16.15 -3.41
CA ILE A 15 7.25 15.39 -2.43
C ILE A 15 5.94 14.90 -3.02
N HIS A 16 5.51 13.73 -2.61
CA HIS A 16 4.26 13.15 -3.09
C HIS A 16 3.25 13.00 -1.95
N TYR A 17 2.04 13.49 -2.18
CA TYR A 17 0.98 13.42 -1.17
C TYR A 17 -0.13 12.47 -1.61
N CYS A 18 -0.53 11.58 -0.71
CA CYS A 18 -1.58 10.62 -0.99
C CYS A 18 -2.88 11.32 -1.38
N ASP A 19 -3.34 11.07 -2.60
CA ASP A 19 -4.57 11.68 -3.09
C ASP A 19 -5.80 10.92 -2.60
N TYR A 20 -5.75 10.51 -1.33
CA TYR A 20 -6.86 9.77 -0.73
C TYR A 20 -7.45 10.52 0.46
N PRO A 21 -8.79 10.55 0.53
CA PRO A 21 -9.51 11.23 1.61
C PRO A 21 -9.34 10.53 2.95
N GLY A 22 -9.15 11.32 4.01
CA GLY A 22 -8.99 10.75 5.33
C GLY A 22 -7.55 10.41 5.64
N CYS A 23 -6.85 9.85 4.66
CA CYS A 23 -5.45 9.47 4.83
C CYS A 23 -4.54 10.67 4.66
N THR A 24 -3.73 10.94 5.69
CA THR A 24 -2.81 12.07 5.66
C THR A 24 -1.36 11.59 5.60
N LYS A 25 -1.13 10.49 4.89
CA LYS A 25 0.20 9.94 4.76
C LYS A 25 0.85 10.38 3.44
N VAL A 26 2.13 10.72 3.50
CA VAL A 26 2.87 11.17 2.33
C VAL A 26 4.27 10.55 2.30
N TYR A 27 4.96 10.74 1.17
CA TYR A 27 6.31 10.21 1.00
C TYR A 27 7.11 11.06 0.03
N THR A 28 8.41 11.17 0.28
CA THR A 28 9.29 11.95 -0.57
C THR A 28 9.45 11.31 -1.94
N LYS A 29 9.66 10.00 -1.96
CA LYS A 29 9.81 9.27 -3.20
C LYS A 29 8.46 8.80 -3.73
N SER A 30 8.37 8.66 -5.05
CA SER A 30 7.14 8.23 -5.69
C SER A 30 7.05 6.71 -5.73
N SER A 31 8.17 6.05 -5.48
CA SER A 31 8.23 4.59 -5.49
C SER A 31 7.64 4.02 -4.20
N HIS A 32 8.04 4.58 -3.07
CA HIS A 32 7.54 4.13 -1.77
C HIS A 32 6.03 4.30 -1.68
N LEU A 33 5.55 5.46 -2.12
CA LEU A 33 4.11 5.75 -2.07
C LEU A 33 3.30 4.60 -2.67
N LYS A 34 3.65 4.20 -3.88
CA LYS A 34 2.96 3.10 -4.55
C LYS A 34 2.69 1.95 -3.58
N ALA A 35 3.70 1.59 -2.81
CA ALA A 35 3.58 0.50 -1.83
C ALA A 35 2.46 0.80 -0.84
N HIS A 36 2.35 2.06 -0.44
CA HIS A 36 1.32 2.48 0.50
C HIS A 36 -0.06 2.43 -0.13
N LEU A 37 -0.24 3.16 -1.21
CA LEU A 37 -1.52 3.19 -1.91
C LEU A 37 -2.17 1.82 -1.93
N ARG A 38 -1.38 0.80 -2.25
CA ARG A 38 -1.87 -0.57 -2.30
C ARG A 38 -2.93 -0.80 -1.22
N THR A 39 -2.55 -0.58 0.03
CA THR A 39 -3.46 -0.76 1.15
C THR A 39 -4.85 -0.23 0.83
N HIS A 40 -4.91 0.99 0.31
CA HIS A 40 -6.18 1.62 -0.05
C HIS A 40 -6.95 0.75 -1.04
N THR A 41 -6.26 0.31 -2.08
CA THR A 41 -6.89 -0.52 -3.11
C THR A 41 -6.88 -1.99 -2.69
N GLY A 42 -8.07 -2.60 -2.70
CA GLY A 42 -8.18 -4.00 -2.32
C GLY A 42 -9.43 -4.28 -1.51
N GLU A 43 -9.75 -5.57 -1.36
CA GLU A 43 -10.93 -5.97 -0.62
C GLU A 43 -10.57 -6.98 0.47
N LYS A 44 -10.10 -6.47 1.60
CA LYS A 44 -9.72 -7.32 2.72
C LYS A 44 -10.74 -7.23 3.85
N PRO A 45 -11.89 -7.89 3.67
CA PRO A 45 -12.97 -7.90 4.66
C PRO A 45 -12.60 -8.69 5.92
N TYR A 46 -11.71 -9.66 5.76
CA TYR A 46 -11.28 -10.49 6.87
C TYR A 46 -10.10 -9.84 7.61
N LYS A 47 -10.26 -9.68 8.92
CA LYS A 47 -9.22 -9.07 9.74
C LYS A 47 -8.86 -9.98 10.92
N CYS A 48 -7.58 -9.99 11.29
CA CYS A 48 -7.12 -10.81 12.40
C CYS A 48 -7.60 -10.25 13.73
N THR A 49 -8.46 -11.00 14.42
CA THR A 49 -8.99 -10.57 15.70
C THR A 49 -7.99 -10.82 16.82
N TRP A 50 -6.72 -10.49 16.55
CA TRP A 50 -5.66 -10.67 17.54
C TRP A 50 -5.20 -9.33 18.09
N GLU A 51 -5.40 -9.11 19.38
CA GLU A 51 -5.00 -7.87 20.02
C GLU A 51 -3.57 -7.48 19.61
N GLY A 52 -3.41 -6.24 19.18
CA GLY A 52 -2.11 -5.75 18.76
C GLY A 52 -1.88 -5.92 17.27
N CYS A 53 -2.13 -7.14 16.76
CA CYS A 53 -1.95 -7.42 15.35
C CYS A 53 -2.83 -6.51 14.49
N ASP A 54 -2.28 -6.08 13.36
CA ASP A 54 -3.02 -5.21 12.44
C ASP A 54 -2.94 -5.73 11.02
N TRP A 55 -3.00 -7.05 10.88
CA TRP A 55 -2.94 -7.69 9.56
C TRP A 55 -4.34 -7.96 9.03
N ARG A 56 -4.43 -8.24 7.73
CA ARG A 56 -5.71 -8.52 7.10
C ARG A 56 -5.53 -9.37 5.84
N PHE A 57 -6.61 -9.99 5.39
CA PHE A 57 -6.57 -10.83 4.20
C PHE A 57 -7.88 -10.75 3.42
N ALA A 58 -7.87 -11.23 2.19
CA ALA A 58 -9.05 -11.22 1.34
C ALA A 58 -9.80 -12.55 1.42
N ARG A 59 -9.06 -13.65 1.27
CA ARG A 59 -9.65 -14.98 1.33
C ARG A 59 -9.69 -15.50 2.75
N SER A 60 -10.88 -15.88 3.22
CA SER A 60 -11.05 -16.40 4.56
C SER A 60 -9.90 -17.32 4.95
N ASP A 61 -9.58 -18.26 4.07
CA ASP A 61 -8.50 -19.20 4.31
C ASP A 61 -7.24 -18.48 4.77
N GLU A 62 -6.80 -17.50 3.98
CA GLU A 62 -5.61 -16.73 4.31
C GLU A 62 -5.53 -16.46 5.81
N LEU A 63 -6.64 -15.98 6.38
CA LEU A 63 -6.70 -15.69 7.81
C LEU A 63 -6.53 -16.95 8.63
N THR A 64 -7.36 -17.94 8.37
CA THR A 64 -7.31 -19.21 9.10
C THR A 64 -5.87 -19.68 9.28
N ARG A 65 -5.07 -19.51 8.24
CA ARG A 65 -3.66 -19.92 8.27
C ARG A 65 -2.84 -18.93 9.10
N HIS A 66 -3.11 -17.64 8.93
CA HIS A 66 -2.40 -16.60 9.65
C HIS A 66 -2.60 -16.75 11.16
N TYR A 67 -3.81 -17.13 11.55
CA TYR A 67 -4.14 -17.32 12.96
C TYR A 67 -3.35 -18.48 13.56
N ARG A 68 -3.25 -19.57 12.80
CA ARG A 68 -2.53 -20.75 13.25
C ARG A 68 -1.15 -20.37 13.79
N LYS A 69 -0.46 -19.49 13.06
CA LYS A 69 0.87 -19.04 13.47
C LYS A 69 0.83 -18.38 14.84
N HIS A 70 -0.14 -17.48 15.03
CA HIS A 70 -0.28 -16.77 16.30
C HIS A 70 -0.30 -17.75 17.47
N THR A 71 -1.15 -18.77 17.36
CA THR A 71 -1.27 -19.77 18.41
C THR A 71 -0.28 -20.91 18.20
N GLY A 72 0.87 -20.58 17.61
CA GLY A 72 1.89 -21.59 17.37
C GLY A 72 3.18 -21.31 18.11
N ALA A 73 4.09 -20.58 17.48
CA ALA A 73 5.36 -20.24 18.09
C ALA A 73 5.16 -19.52 19.43
N LYS A 74 4.50 -18.37 19.38
CA LYS A 74 4.24 -17.58 20.58
C LYS A 74 2.74 -17.31 20.74
N PRO A 75 2.09 -18.12 21.58
CA PRO A 75 0.65 -17.99 21.84
C PRO A 75 0.33 -16.73 22.63
N PHE A 76 1.26 -16.31 23.48
CA PHE A 76 1.06 -15.12 24.30
C PHE A 76 1.78 -13.92 23.70
N GLN A 77 1.01 -12.89 23.37
CA GLN A 77 1.57 -11.67 22.77
C GLN A 77 0.95 -10.43 23.39
N CYS A 78 1.79 -9.60 24.00
CA CYS A 78 1.33 -8.37 24.64
C CYS A 78 0.85 -7.36 23.60
N GLY A 79 0.38 -6.21 24.07
CA GLY A 79 -0.10 -5.18 23.17
C GLY A 79 0.81 -3.97 23.12
N VAL A 80 1.10 -3.40 24.29
CA VAL A 80 1.96 -2.24 24.38
C VAL A 80 3.38 -2.57 23.92
N CYS A 81 4.08 -3.35 24.73
CA CYS A 81 5.46 -3.74 24.40
C CYS A 81 5.48 -4.75 23.25
N ASN A 82 4.30 -5.26 22.89
CA ASN A 82 4.18 -6.22 21.81
C ASN A 82 5.23 -7.32 21.94
N ARG A 83 5.33 -7.89 23.14
CA ARG A 83 6.30 -8.95 23.40
C ARG A 83 5.60 -10.31 23.49
N SER A 84 6.39 -11.35 23.72
CA SER A 84 5.84 -12.70 23.83
C SER A 84 6.38 -13.41 25.07
N PHE A 85 5.57 -14.32 25.62
CA PHE A 85 5.97 -15.06 26.81
C PHE A 85 5.69 -16.55 26.64
N SER A 86 6.49 -17.38 27.30
CA SER A 86 6.32 -18.82 27.23
C SER A 86 5.13 -19.28 28.06
N ARG A 87 5.12 -18.88 29.34
CA ARG A 87 4.04 -19.25 30.24
C ARG A 87 3.00 -18.13 30.35
N SER A 88 1.90 -18.43 31.01
CA SER A 88 0.83 -17.45 31.18
C SER A 88 1.13 -16.52 32.34
N ASP A 89 1.46 -17.10 33.49
CA ASP A 89 1.77 -16.32 34.68
C ASP A 89 2.67 -15.13 34.34
N HIS A 90 3.68 -15.38 33.51
CA HIS A 90 4.60 -14.33 33.11
C HIS A 90 3.86 -13.17 32.46
N LEU A 91 2.95 -13.49 31.55
CA LEU A 91 2.17 -12.47 30.85
C LEU A 91 1.35 -11.65 31.85
N ALA A 92 0.55 -12.33 32.66
CA ALA A 92 -0.28 -11.67 33.64
C ALA A 92 0.55 -10.79 34.57
N LEU A 93 1.47 -11.42 35.30
CA LEU A 93 2.34 -10.69 36.23
C LEU A 93 3.05 -9.55 35.52
N HIS A 94 3.06 -9.59 34.19
CA HIS A 94 3.70 -8.55 33.40
C HIS A 94 2.72 -7.42 33.07
N MET A 95 1.49 -7.80 32.77
CA MET A 95 0.45 -6.83 32.45
C MET A 95 0.42 -5.70 33.48
N LYS A 96 0.24 -6.06 34.74
CA LYS A 96 0.19 -5.08 35.82
C LYS A 96 1.39 -4.15 35.77
N ARG A 97 2.48 -4.64 35.16
CA ARG A 97 3.70 -3.84 35.05
C ARG A 97 3.47 -2.61 34.18
N HIS A 98 2.79 -2.82 33.05
CA HIS A 98 2.50 -1.73 32.13
C HIS A 98 1.77 -0.59 32.83
N GLN A 99 0.73 -0.94 33.57
CA GLN A 99 -0.06 0.05 34.30
C GLN A 99 0.76 0.70 35.40
N ASN A 100 0.16 1.66 36.09
CA ASN A 100 0.85 2.35 37.18
C ASN A 100 1.20 1.39 38.31
N GLY A 1 49.70 21.71 -23.14
CA GLY A 1 48.72 20.76 -22.65
C GLY A 1 47.60 21.43 -21.87
N SER A 2 46.60 20.64 -21.48
CA SER A 2 45.46 21.15 -20.73
C SER A 2 44.56 20.03 -20.25
N SER A 3 43.54 20.38 -19.47
CA SER A 3 42.60 19.39 -18.95
C SER A 3 41.39 20.07 -18.32
N GLY A 4 40.40 19.26 -17.94
CA GLY A 4 39.21 19.81 -17.32
C GLY A 4 38.80 19.05 -16.07
N SER A 5 38.25 17.86 -16.26
CA SER A 5 37.81 17.03 -15.14
C SER A 5 36.68 17.71 -14.37
N SER A 6 35.73 18.28 -15.12
CA SER A 6 34.60 18.97 -14.51
C SER A 6 33.61 17.96 -13.93
N GLY A 7 32.65 18.46 -13.15
CA GLY A 7 31.66 17.60 -12.54
C GLY A 7 30.43 18.36 -12.09
N PRO A 8 29.33 18.21 -12.85
CA PRO A 8 28.07 18.89 -12.54
C PRO A 8 27.40 18.33 -11.28
N ASP A 9 26.22 18.84 -10.96
CA ASP A 9 25.48 18.39 -9.79
C ASP A 9 23.98 18.59 -9.98
N LEU A 10 23.19 17.73 -9.35
CA LEU A 10 21.73 17.81 -9.45
C LEU A 10 21.08 17.57 -8.10
N GLU A 11 19.82 17.97 -7.98
CA GLU A 11 19.08 17.79 -6.73
C GLU A 11 17.59 17.59 -7.01
N LYS A 12 16.93 16.82 -6.16
CA LYS A 12 15.51 16.54 -6.30
C LYS A 12 14.75 16.86 -5.02
N ARG A 13 13.74 17.69 -5.11
CA ARG A 13 12.93 18.07 -3.96
C ARG A 13 11.45 18.12 -4.31
N ARG A 14 10.66 17.28 -3.66
CA ARG A 14 9.22 17.22 -3.91
C ARG A 14 8.52 16.36 -2.87
N ILE A 15 7.22 16.54 -2.73
CA ILE A 15 6.43 15.77 -1.79
C ILE A 15 5.30 15.01 -2.47
N HIS A 16 5.00 13.82 -1.98
CA HIS A 16 3.94 13.00 -2.55
C HIS A 16 2.77 12.89 -1.60
N TYR A 17 1.75 13.72 -1.81
CA TYR A 17 0.56 13.72 -0.97
C TYR A 17 -0.43 12.65 -1.42
N CYS A 18 -0.55 11.59 -0.63
CA CYS A 18 -1.46 10.50 -0.94
C CYS A 18 -2.75 11.02 -1.56
N ASP A 19 -3.21 10.35 -2.61
CA ASP A 19 -4.44 10.75 -3.29
C ASP A 19 -5.66 10.06 -2.68
N TYR A 20 -5.62 9.88 -1.36
CA TYR A 20 -6.72 9.23 -0.65
C TYR A 20 -7.43 10.21 0.27
N PRO A 21 -8.77 10.12 0.31
CA PRO A 21 -9.59 11.00 1.16
C PRO A 21 -9.43 10.69 2.64
N GLY A 22 -8.93 11.67 3.38
CA GLY A 22 -8.73 11.49 4.81
C GLY A 22 -7.29 11.17 5.17
N CYS A 23 -6.67 10.31 4.36
CA CYS A 23 -5.28 9.92 4.60
C CYS A 23 -4.40 11.15 4.85
N THR A 24 -3.51 11.03 5.82
CA THR A 24 -2.61 12.12 6.17
C THR A 24 -1.15 11.67 6.13
N LYS A 25 -0.86 10.71 5.25
CA LYS A 25 0.49 10.20 5.11
C LYS A 25 1.13 10.69 3.82
N VAL A 26 2.42 10.99 3.88
CA VAL A 26 3.15 11.47 2.70
C VAL A 26 4.54 10.84 2.63
N TYR A 27 5.16 10.95 1.46
CA TYR A 27 6.49 10.39 1.25
C TYR A 27 7.23 11.12 0.13
N THR A 28 8.53 11.29 0.27
CA THR A 28 9.34 11.96 -0.73
C THR A 28 9.91 10.97 -1.74
N LYS A 29 9.13 9.93 -2.04
CA LYS A 29 9.56 8.91 -2.98
C LYS A 29 8.41 8.53 -3.93
N SER A 30 8.77 8.03 -5.10
CA SER A 30 7.77 7.63 -6.09
C SER A 30 7.32 6.19 -5.87
N SER A 31 8.28 5.27 -5.88
CA SER A 31 7.99 3.85 -5.68
C SER A 31 7.29 3.64 -4.35
N HIS A 32 7.83 4.23 -3.29
CA HIS A 32 7.25 4.09 -1.95
C HIS A 32 5.77 4.42 -1.97
N LEU A 33 5.44 5.64 -2.42
CA LEU A 33 4.06 6.09 -2.48
C LEU A 33 3.16 4.98 -3.03
N LYS A 34 3.46 4.53 -4.25
CA LYS A 34 2.68 3.48 -4.89
C LYS A 34 2.47 2.30 -3.94
N ALA A 35 3.53 1.93 -3.23
CA ALA A 35 3.46 0.82 -2.28
C ALA A 35 2.49 1.11 -1.16
N HIS A 36 2.55 2.32 -0.61
CA HIS A 36 1.68 2.73 0.47
C HIS A 36 0.21 2.59 0.07
N LEU A 37 -0.09 2.98 -1.17
CA LEU A 37 -1.46 2.89 -1.67
C LEU A 37 -2.06 1.51 -1.40
N ARG A 38 -1.26 0.46 -1.65
CA ARG A 38 -1.71 -0.90 -1.44
C ARG A 38 -2.62 -0.99 -0.21
N THR A 39 -2.16 -0.42 0.90
CA THR A 39 -2.93 -0.45 2.14
C THR A 39 -4.40 -0.16 1.88
N HIS A 40 -4.67 0.93 1.14
CA HIS A 40 -6.04 1.31 0.82
C HIS A 40 -6.71 0.26 -0.07
N THR A 41 -6.00 -0.14 -1.13
CA THR A 41 -6.52 -1.13 -2.06
C THR A 41 -7.22 -2.27 -1.32
N GLY A 42 -8.54 -2.31 -1.40
CA GLY A 42 -9.30 -3.35 -0.73
C GLY A 42 -10.02 -2.84 0.50
N GLU A 43 -10.21 -3.72 1.48
CA GLU A 43 -10.89 -3.35 2.70
C GLU A 43 -10.30 -4.09 3.90
N LYS A 44 -10.70 -3.69 5.10
CA LYS A 44 -10.21 -4.32 6.32
C LYS A 44 -11.35 -4.89 7.14
N PRO A 45 -11.54 -6.21 7.06
CA PRO A 45 -12.60 -6.92 7.79
C PRO A 45 -12.35 -6.95 9.29
N TYR A 46 -11.09 -7.07 9.67
CA TYR A 46 -10.71 -7.12 11.07
C TYR A 46 -10.87 -5.76 11.73
N LYS A 47 -11.75 -5.68 12.73
CA LYS A 47 -11.99 -4.43 13.44
C LYS A 47 -11.83 -4.62 14.94
N CYS A 48 -10.85 -3.92 15.52
CA CYS A 48 -10.59 -4.00 16.95
C CYS A 48 -11.90 -4.07 17.74
N THR A 49 -12.05 -5.13 18.54
CA THR A 49 -13.24 -5.31 19.35
C THR A 49 -13.13 -4.58 20.68
N TRP A 50 -12.66 -3.34 20.63
CA TRP A 50 -12.49 -2.54 21.84
C TRP A 50 -13.55 -1.44 21.91
N GLU A 51 -13.78 -0.91 23.11
CA GLU A 51 -14.76 0.14 23.31
C GLU A 51 -14.17 1.51 22.98
N GLY A 52 -14.54 2.05 21.82
CA GLY A 52 -14.02 3.34 21.41
C GLY A 52 -13.13 3.26 20.20
N CYS A 53 -12.25 2.26 20.19
CA CYS A 53 -11.33 2.07 19.07
C CYS A 53 -12.07 1.59 17.82
N ASP A 54 -12.17 2.45 16.83
CA ASP A 54 -12.85 2.12 15.58
C ASP A 54 -11.84 1.86 14.47
N TRP A 55 -10.67 1.35 14.83
CA TRP A 55 -9.62 1.06 13.86
C TRP A 55 -9.80 -0.33 13.26
N ARG A 56 -9.12 -0.59 12.16
CA ARG A 56 -9.19 -1.88 11.49
C ARG A 56 -7.82 -2.36 11.04
N PHE A 57 -7.77 -3.54 10.46
CA PHE A 57 -6.51 -4.11 9.99
C PHE A 57 -6.75 -5.09 8.83
N ALA A 58 -5.69 -5.39 8.10
CA ALA A 58 -5.78 -6.31 6.96
C ALA A 58 -5.54 -7.75 7.40
N ARG A 59 -4.53 -7.94 8.26
CA ARG A 59 -4.20 -9.27 8.75
C ARG A 59 -4.64 -9.44 10.20
N SER A 60 -4.94 -10.68 10.58
CA SER A 60 -5.37 -10.98 11.94
C SER A 60 -4.25 -10.74 12.94
N ASP A 61 -3.08 -11.33 12.65
CA ASP A 61 -1.93 -11.18 13.52
C ASP A 61 -1.70 -9.72 13.90
N GLU A 62 -1.67 -8.85 12.90
CA GLU A 62 -1.46 -7.43 13.12
C GLU A 62 -2.41 -6.91 14.19
N LEU A 63 -3.71 -7.13 13.99
CA LEU A 63 -4.72 -6.68 14.94
C LEU A 63 -4.48 -7.29 16.32
N THR A 64 -4.41 -8.61 16.38
CA THR A 64 -4.19 -9.31 17.62
C THR A 64 -3.20 -8.56 18.51
N ARG A 65 -2.03 -8.27 17.97
CA ARG A 65 -1.00 -7.56 18.71
C ARG A 65 -1.52 -6.21 19.21
N HIS A 66 -2.26 -5.51 18.34
CA HIS A 66 -2.82 -4.21 18.69
C HIS A 66 -3.81 -4.34 19.83
N TYR A 67 -4.68 -5.35 19.75
CA TYR A 67 -5.68 -5.58 20.78
C TYR A 67 -5.03 -5.81 22.15
N ARG A 68 -3.85 -6.42 22.14
CA ARG A 68 -3.12 -6.69 23.37
C ARG A 68 -2.72 -5.39 24.06
N LYS A 69 -2.26 -4.42 23.28
CA LYS A 69 -1.85 -3.12 23.82
C LYS A 69 -2.94 -2.54 24.71
N HIS A 70 -4.14 -2.40 24.16
CA HIS A 70 -5.26 -1.86 24.91
C HIS A 70 -5.24 -2.33 26.36
N THR A 71 -5.42 -3.63 26.56
CA THR A 71 -5.42 -4.21 27.89
C THR A 71 -4.10 -4.91 28.19
N GLY A 72 -3.03 -4.41 27.58
CA GLY A 72 -1.71 -4.99 27.79
C GLY A 72 -0.95 -4.31 28.91
N ALA A 73 -0.65 -3.03 28.72
CA ALA A 73 0.08 -2.26 29.72
C ALA A 73 -0.38 -2.62 31.12
N LYS A 74 -1.58 -2.20 31.48
CA LYS A 74 -2.13 -2.47 32.80
C LYS A 74 -3.64 -2.71 32.72
N PRO A 75 -4.17 -3.50 33.67
CA PRO A 75 -5.60 -3.83 33.72
C PRO A 75 -6.44 -2.62 34.14
N PHE A 76 -5.78 -1.57 34.60
CA PHE A 76 -6.47 -0.36 35.03
C PHE A 76 -6.09 0.83 34.13
N GLN A 77 -7.06 1.30 33.36
CA GLN A 77 -6.83 2.43 32.46
C GLN A 77 -7.71 3.62 32.83
N CYS A 78 -7.08 4.75 33.11
CA CYS A 78 -7.81 5.96 33.48
C CYS A 78 -8.79 6.35 32.38
N GLY A 79 -9.53 7.44 32.61
CA GLY A 79 -10.49 7.90 31.64
C GLY A 79 -10.07 9.21 30.98
N VAL A 80 -9.85 10.24 31.80
CA VAL A 80 -9.44 11.54 31.30
C VAL A 80 -8.08 11.46 30.61
N CYS A 81 -7.06 11.07 31.37
CA CYS A 81 -5.71 10.96 30.84
C CYS A 81 -5.49 9.59 30.19
N ASN A 82 -6.36 8.64 30.53
CA ASN A 82 -6.27 7.29 29.98
C ASN A 82 -4.87 6.71 30.22
N ARG A 83 -4.37 6.83 31.43
CA ARG A 83 -3.05 6.32 31.78
C ARG A 83 -3.15 4.88 32.29
N SER A 84 -2.01 4.32 32.68
CA SER A 84 -1.95 2.96 33.19
C SER A 84 -1.39 2.91 34.59
N PHE A 85 -1.83 1.93 35.37
CA PHE A 85 -1.36 1.77 36.75
C PHE A 85 -1.52 0.33 37.21
N SER A 86 -0.52 -0.15 37.95
CA SER A 86 -0.55 -1.52 38.45
C SER A 86 -0.99 -1.55 39.91
N ARG A 87 -2.04 -0.80 40.22
CA ARG A 87 -2.56 -0.74 41.58
C ARG A 87 -3.93 -0.06 41.61
N SER A 88 -4.89 -0.73 42.25
CA SER A 88 -6.25 -0.20 42.34
C SER A 88 -6.28 1.08 43.16
N ASP A 89 -5.39 1.17 44.15
CA ASP A 89 -5.31 2.34 45.00
C ASP A 89 -4.76 3.54 44.24
N HIS A 90 -3.88 3.27 43.28
CA HIS A 90 -3.29 4.34 42.48
C HIS A 90 -4.33 4.98 41.57
N LEU A 91 -5.20 4.15 41.00
CA LEU A 91 -6.25 4.64 40.11
C LEU A 91 -7.20 5.59 40.84
N ALA A 92 -7.81 5.09 41.91
CA ALA A 92 -8.72 5.89 42.71
C ALA A 92 -8.06 7.17 43.21
N LEU A 93 -6.94 7.01 43.91
CA LEU A 93 -6.21 8.15 44.44
C LEU A 93 -5.81 9.12 43.32
N HIS A 94 -5.30 8.57 42.22
CA HIS A 94 -4.88 9.37 41.09
C HIS A 94 -5.95 10.41 40.74
N MET A 95 -7.18 9.95 40.54
CA MET A 95 -8.28 10.83 40.21
C MET A 95 -8.19 12.13 40.98
N LYS A 96 -7.95 12.02 42.29
CA LYS A 96 -7.84 13.20 43.15
C LYS A 96 -7.21 14.36 42.40
N ARG A 97 -6.16 14.07 41.64
CA ARG A 97 -5.47 15.09 40.87
C ARG A 97 -6.37 15.68 39.79
N HIS A 98 -7.00 14.78 39.01
CA HIS A 98 -7.89 15.20 37.94
C HIS A 98 -8.90 16.23 38.45
N GLN A 99 -9.54 15.93 39.57
CA GLN A 99 -10.53 16.82 40.16
C GLN A 99 -9.86 18.07 40.72
N ASN A 100 -10.47 19.22 40.46
CA ASN A 100 -9.95 20.49 40.94
C ASN A 100 -9.63 20.42 42.42
N GLY A 1 52.37 36.09 -9.08
CA GLY A 1 51.62 35.20 -8.21
C GLY A 1 50.12 35.32 -8.41
N SER A 2 49.40 34.23 -8.16
CA SER A 2 47.95 34.21 -8.32
C SER A 2 47.32 33.13 -7.44
N SER A 3 45.99 33.12 -7.39
CA SER A 3 45.27 32.14 -6.58
C SER A 3 43.78 32.16 -6.92
N GLY A 4 43.04 31.23 -6.34
CA GLY A 4 41.61 31.15 -6.58
C GLY A 4 41.03 29.80 -6.23
N SER A 5 39.74 29.77 -5.91
CA SER A 5 39.08 28.53 -5.55
C SER A 5 37.56 28.73 -5.48
N SER A 6 36.82 27.64 -5.69
CA SER A 6 35.36 27.70 -5.65
C SER A 6 34.77 26.34 -5.29
N GLY A 7 33.45 26.28 -5.20
CA GLY A 7 32.78 25.03 -4.85
C GLY A 7 31.31 25.23 -4.55
N PRO A 8 30.49 25.24 -5.61
CA PRO A 8 29.03 25.41 -5.47
C PRO A 8 28.36 24.20 -4.84
N ASP A 9 27.03 24.23 -4.78
CA ASP A 9 26.26 23.14 -4.19
C ASP A 9 24.79 23.27 -4.54
N LEU A 10 24.06 22.16 -4.45
CA LEU A 10 22.63 22.15 -4.75
C LEU A 10 21.99 20.84 -4.29
N GLU A 11 20.66 20.84 -4.21
CA GLU A 11 19.93 19.65 -3.79
C GLU A 11 18.47 19.72 -4.24
N LYS A 12 17.91 18.56 -4.56
CA LYS A 12 16.52 18.49 -5.02
C LYS A 12 15.77 17.37 -4.29
N ARG A 13 14.49 17.62 -4.00
CA ARG A 13 13.67 16.63 -3.32
C ARG A 13 12.21 16.74 -3.76
N ARG A 14 11.61 15.59 -4.05
CA ARG A 14 10.21 15.56 -4.49
C ARG A 14 9.31 15.05 -3.37
N ILE A 15 8.00 15.21 -3.57
CA ILE A 15 7.03 14.77 -2.58
C ILE A 15 5.73 14.31 -3.24
N HIS A 16 4.91 13.57 -2.49
CA HIS A 16 3.65 13.08 -3.01
C HIS A 16 2.65 12.84 -1.88
N TYR A 17 1.65 13.72 -1.78
CA TYR A 17 0.64 13.59 -0.73
C TYR A 17 -0.46 12.63 -1.15
N CYS A 18 -0.58 11.53 -0.40
CA CYS A 18 -1.59 10.52 -0.69
C CYS A 18 -2.87 11.16 -1.24
N ASP A 19 -3.33 10.67 -2.39
CA ASP A 19 -4.54 11.20 -3.01
C ASP A 19 -5.77 10.47 -2.49
N TYR A 20 -5.77 10.15 -1.21
CA TYR A 20 -6.89 9.45 -0.60
C TYR A 20 -7.58 10.32 0.44
N PRO A 21 -8.93 10.30 0.43
CA PRO A 21 -9.74 11.09 1.36
C PRO A 21 -9.63 10.58 2.80
N GLY A 22 -9.08 11.40 3.68
CA GLY A 22 -8.92 11.01 5.07
C GLY A 22 -7.48 10.73 5.44
N CYS A 23 -6.76 10.09 4.52
CA CYS A 23 -5.36 9.75 4.75
C CYS A 23 -4.46 10.96 4.54
N THR A 24 -3.51 11.15 5.45
CA THR A 24 -2.58 12.26 5.38
C THR A 24 -1.14 11.79 5.38
N LYS A 25 -0.90 10.64 4.74
CA LYS A 25 0.45 10.08 4.67
C LYS A 25 1.16 10.54 3.41
N VAL A 26 2.41 10.97 3.56
CA VAL A 26 3.20 11.44 2.44
C VAL A 26 4.59 10.80 2.44
N TYR A 27 5.16 10.63 1.25
CA TYR A 27 6.49 10.04 1.12
C TYR A 27 7.34 10.82 0.13
N THR A 28 8.54 11.20 0.56
CA THR A 28 9.46 11.95 -0.28
C THR A 28 9.66 11.27 -1.63
N LYS A 29 9.77 9.94 -1.60
CA LYS A 29 9.97 9.17 -2.82
C LYS A 29 8.63 8.78 -3.44
N SER A 30 8.62 8.60 -4.75
CA SER A 30 7.41 8.23 -5.47
C SER A 30 7.12 6.74 -5.33
N SER A 31 8.00 5.92 -5.91
CA SER A 31 7.83 4.47 -5.85
C SER A 31 7.42 4.02 -4.45
N HIS A 32 7.93 4.73 -3.43
CA HIS A 32 7.61 4.41 -2.04
C HIS A 32 6.11 4.56 -1.78
N LEU A 33 5.54 5.63 -2.31
CA LEU A 33 4.11 5.90 -2.13
C LEU A 33 3.26 4.78 -2.73
N LYS A 34 3.56 4.42 -3.98
CA LYS A 34 2.83 3.37 -4.67
C LYS A 34 2.62 2.17 -3.76
N ALA A 35 3.66 1.81 -3.00
CA ALA A 35 3.58 0.69 -2.08
C ALA A 35 2.52 0.92 -1.02
N HIS A 36 2.38 2.16 -0.57
CA HIS A 36 1.41 2.51 0.45
C HIS A 36 -0.01 2.46 -0.12
N LEU A 37 -0.22 3.15 -1.24
CA LEU A 37 -1.53 3.19 -1.88
C LEU A 37 -2.18 1.80 -1.87
N ARG A 38 -1.35 0.77 -2.00
CA ARG A 38 -1.85 -0.60 -1.99
C ARG A 38 -2.64 -0.90 -0.73
N THR A 39 -2.09 -0.47 0.41
CA THR A 39 -2.75 -0.69 1.70
C THR A 39 -4.22 -0.28 1.64
N HIS A 40 -4.50 0.83 0.96
CA HIS A 40 -5.86 1.32 0.84
C HIS A 40 -6.73 0.33 0.08
N THR A 41 -6.15 -0.34 -0.90
CA THR A 41 -6.86 -1.32 -1.70
C THR A 41 -7.91 -2.05 -0.87
N GLY A 42 -9.04 -2.38 -1.49
CA GLY A 42 -10.10 -3.08 -0.78
C GLY A 42 -10.85 -4.04 -1.67
N GLU A 43 -10.13 -5.02 -2.23
CA GLU A 43 -10.75 -6.01 -3.11
C GLU A 43 -11.17 -7.24 -2.32
N LYS A 44 -10.61 -7.40 -1.13
CA LYS A 44 -10.94 -8.54 -0.27
C LYS A 44 -11.32 -8.08 1.13
N PRO A 45 -12.63 -8.01 1.39
CA PRO A 45 -13.15 -7.58 2.69
C PRO A 45 -12.89 -8.62 3.79
N TYR A 46 -13.09 -9.89 3.45
CA TYR A 46 -12.87 -10.96 4.40
C TYR A 46 -11.49 -10.88 5.03
N LYS A 47 -11.44 -10.55 6.31
CA LYS A 47 -10.17 -10.44 7.03
C LYS A 47 -10.08 -11.47 8.15
N CYS A 48 -8.93 -12.12 8.26
CA CYS A 48 -8.71 -13.13 9.29
C CYS A 48 -8.79 -12.52 10.68
N THR A 49 -9.81 -12.90 11.44
CA THR A 49 -10.00 -12.38 12.79
C THR A 49 -9.08 -13.09 13.77
N TRP A 50 -7.82 -13.28 13.37
CA TRP A 50 -6.84 -13.94 14.22
C TRP A 50 -5.82 -12.94 14.76
N GLU A 51 -5.42 -13.11 16.01
CA GLU A 51 -4.45 -12.22 16.64
C GLU A 51 -3.13 -12.24 15.87
N GLY A 52 -2.72 -11.08 15.37
CA GLY A 52 -1.48 -10.99 14.62
C GLY A 52 -1.69 -11.11 13.13
N CYS A 53 -2.57 -12.02 12.72
CA CYS A 53 -2.85 -12.23 11.31
C CYS A 53 -3.59 -11.03 10.72
N ASP A 54 -3.13 -10.56 9.56
CA ASP A 54 -3.74 -9.42 8.89
C ASP A 54 -4.00 -9.73 7.43
N TRP A 55 -4.15 -11.01 7.11
CA TRP A 55 -4.42 -11.45 5.75
C TRP A 55 -5.90 -11.30 5.40
N ARG A 56 -6.22 -11.43 4.12
CA ARG A 56 -7.60 -11.31 3.66
C ARG A 56 -7.88 -12.32 2.56
N PHE A 57 -9.11 -12.30 2.05
CA PHE A 57 -9.52 -13.22 1.00
C PHE A 57 -10.75 -12.68 0.26
N ALA A 58 -10.86 -13.02 -1.03
CA ALA A 58 -11.97 -12.57 -1.85
C ALA A 58 -13.22 -13.41 -1.57
N ARG A 59 -13.01 -14.69 -1.26
CA ARG A 59 -14.12 -15.59 -0.96
C ARG A 59 -14.16 -15.95 0.52
N SER A 60 -15.35 -16.28 1.01
CA SER A 60 -15.53 -16.64 2.40
C SER A 60 -14.96 -18.02 2.68
N ASP A 61 -15.37 -19.00 1.88
CA ASP A 61 -14.90 -20.37 2.03
C ASP A 61 -13.38 -20.42 2.12
N GLU A 62 -12.71 -19.66 1.26
CA GLU A 62 -11.26 -19.62 1.25
C GLU A 62 -10.70 -19.23 2.62
N LEU A 63 -11.33 -18.23 3.25
CA LEU A 63 -10.91 -17.77 4.56
C LEU A 63 -11.07 -18.87 5.61
N THR A 64 -12.28 -19.42 5.70
CA THR A 64 -12.55 -20.48 6.66
C THR A 64 -11.50 -21.58 6.58
N ARG A 65 -11.04 -21.87 5.37
CA ARG A 65 -10.03 -22.90 5.16
C ARG A 65 -8.72 -22.52 5.82
N HIS A 66 -8.31 -21.28 5.65
CA HIS A 66 -7.06 -20.79 6.23
C HIS A 66 -7.17 -20.71 7.74
N TYR A 67 -8.36 -20.39 8.24
CA TYR A 67 -8.59 -20.29 9.67
C TYR A 67 -8.38 -21.63 10.36
N ARG A 68 -8.96 -22.68 9.77
CA ARG A 68 -8.83 -24.02 10.33
C ARG A 68 -7.40 -24.29 10.81
N LYS A 69 -6.43 -23.76 10.08
CA LYS A 69 -5.03 -23.93 10.42
C LYS A 69 -4.70 -23.23 11.74
N HIS A 70 -5.20 -22.01 11.89
CA HIS A 70 -4.97 -21.23 13.10
C HIS A 70 -5.38 -22.02 14.34
N THR A 71 -6.39 -22.86 14.18
CA THR A 71 -6.89 -23.67 15.29
C THR A 71 -6.23 -25.06 15.30
N GLY A 72 -5.68 -25.45 14.16
CA GLY A 72 -5.03 -26.75 14.06
C GLY A 72 -3.86 -26.87 15.01
N ALA A 73 -3.82 -27.99 15.74
CA ALA A 73 -2.74 -28.23 16.69
C ALA A 73 -1.54 -28.89 16.01
N LYS A 74 -0.35 -28.44 16.35
CA LYS A 74 0.87 -28.99 15.77
C LYS A 74 1.96 -29.13 16.84
N PRO A 75 2.34 -30.39 17.13
CA PRO A 75 3.38 -30.68 18.12
C PRO A 75 4.76 -30.27 17.66
N PHE A 76 4.96 -30.24 16.34
CA PHE A 76 6.24 -29.86 15.77
C PHE A 76 6.15 -28.49 15.10
N GLN A 77 6.71 -27.48 15.76
CA GLN A 77 6.69 -26.13 15.23
C GLN A 77 8.08 -25.50 15.29
N CYS A 78 8.66 -25.23 14.11
CA CYS A 78 9.99 -24.64 14.04
C CYS A 78 9.98 -23.21 14.56
N GLY A 79 11.16 -22.60 14.66
CA GLY A 79 11.26 -21.24 15.15
C GLY A 79 11.79 -20.29 14.09
N VAL A 80 12.88 -20.68 13.43
CA VAL A 80 13.49 -19.85 12.41
C VAL A 80 12.51 -19.57 11.27
N CYS A 81 12.18 -20.62 10.51
CA CYS A 81 11.24 -20.48 9.40
C CYS A 81 9.80 -20.40 9.90
N ASN A 82 9.57 -20.94 11.10
CA ASN A 82 8.23 -20.93 11.69
C ASN A 82 7.29 -21.83 10.90
N ARG A 83 7.68 -23.09 10.72
CA ARG A 83 6.87 -24.04 9.99
C ARG A 83 6.42 -25.18 10.90
N SER A 84 5.71 -26.15 10.33
CA SER A 84 5.21 -27.28 11.09
C SER A 84 5.26 -28.56 10.26
N PHE A 85 5.30 -29.71 10.94
CA PHE A 85 5.35 -30.99 10.26
C PHE A 85 4.74 -32.09 11.14
N SER A 86 4.10 -33.05 10.50
CA SER A 86 3.47 -34.16 11.22
C SER A 86 4.42 -35.34 11.34
N ARG A 87 5.70 -35.04 11.55
CA ARG A 87 6.70 -36.08 11.69
C ARG A 87 7.98 -35.53 12.32
N SER A 88 8.46 -36.21 13.35
CA SER A 88 9.66 -35.78 14.06
C SER A 88 10.86 -35.77 13.12
N ASP A 89 11.26 -36.96 12.67
CA ASP A 89 12.40 -37.10 11.76
C ASP A 89 12.41 -35.97 10.74
N HIS A 90 11.23 -35.59 10.26
CA HIS A 90 11.09 -34.53 9.27
C HIS A 90 11.63 -33.21 9.82
N LEU A 91 11.17 -32.84 11.01
CA LEU A 91 11.61 -31.60 11.65
C LEU A 91 13.10 -31.65 11.97
N ALA A 92 13.51 -32.66 12.73
CA ALA A 92 14.90 -32.83 13.11
C ALA A 92 15.81 -32.68 11.90
N LEU A 93 15.53 -33.45 10.86
CA LEU A 93 16.33 -33.40 9.64
C LEU A 93 16.27 -32.02 9.00
N HIS A 94 15.09 -31.41 9.01
CA HIS A 94 14.91 -30.09 8.42
C HIS A 94 15.79 -29.06 9.13
N MET A 95 15.78 -29.08 10.46
CA MET A 95 16.57 -28.16 11.25
C MET A 95 17.99 -28.02 10.67
N LYS A 96 18.59 -29.16 10.36
CA LYS A 96 19.94 -29.18 9.81
C LYS A 96 20.12 -28.05 8.79
N ARG A 97 19.14 -27.90 7.92
CA ARG A 97 19.20 -26.85 6.89
C ARG A 97 19.50 -25.50 7.52
N HIS A 98 18.87 -25.21 8.65
CA HIS A 98 19.07 -23.94 9.34
C HIS A 98 20.53 -23.80 9.78
N GLN A 99 20.99 -24.75 10.59
CA GLN A 99 22.37 -24.72 11.09
C GLN A 99 23.31 -24.15 10.03
N ASN A 100 23.89 -23.00 10.33
CA ASN A 100 24.82 -22.35 9.40
C ASN A 100 26.10 -21.92 10.13
N GLY A 1 51.98 26.35 -7.14
CA GLY A 1 50.60 26.77 -7.22
C GLY A 1 49.69 25.92 -6.34
N SER A 2 48.39 26.21 -6.39
CA SER A 2 47.42 25.47 -5.59
C SER A 2 45.99 25.89 -5.95
N SER A 3 45.02 25.08 -5.53
CA SER A 3 43.63 25.36 -5.82
C SER A 3 42.71 24.67 -4.81
N GLY A 4 41.42 24.90 -4.92
CA GLY A 4 40.46 24.30 -4.02
C GLY A 4 39.06 24.24 -4.60
N SER A 5 38.17 23.53 -3.91
CA SER A 5 36.79 23.39 -4.36
C SER A 5 35.86 23.03 -3.21
N SER A 6 34.57 23.02 -3.47
CA SER A 6 33.58 22.69 -2.45
C SER A 6 32.18 22.64 -3.06
N GLY A 7 31.19 22.31 -2.22
CA GLY A 7 29.83 22.23 -2.68
C GLY A 7 28.88 21.68 -1.62
N PRO A 8 27.64 22.19 -1.61
CA PRO A 8 26.62 21.76 -0.64
C PRO A 8 26.14 20.33 -0.91
N ASP A 9 25.33 19.81 0.00
CA ASP A 9 24.81 18.45 -0.12
C ASP A 9 23.41 18.36 0.46
N LEU A 10 22.51 17.71 -0.27
CA LEU A 10 21.13 17.54 0.19
C LEU A 10 20.55 16.21 -0.29
N GLU A 11 19.48 15.77 0.36
CA GLU A 11 18.83 14.51 0.00
C GLU A 11 17.34 14.71 -0.23
N LYS A 12 17.00 15.78 -0.93
CA LYS A 12 15.61 16.09 -1.23
C LYS A 12 15.33 15.98 -2.72
N ARG A 13 14.14 15.49 -3.07
CA ARG A 13 13.75 15.33 -4.46
C ARG A 13 12.41 16.01 -4.74
N ARG A 14 11.36 15.51 -4.09
CA ARG A 14 10.02 16.06 -4.27
C ARG A 14 9.05 15.47 -3.25
N ILE A 15 7.89 16.10 -3.11
CA ILE A 15 6.88 15.64 -2.17
C ILE A 15 5.70 14.99 -2.89
N HIS A 16 5.12 13.97 -2.28
CA HIS A 16 3.98 13.27 -2.86
C HIS A 16 2.93 12.96 -1.81
N TYR A 17 1.82 13.69 -1.85
CA TYR A 17 0.73 13.49 -0.89
C TYR A 17 -0.25 12.44 -1.39
N CYS A 18 -0.51 11.44 -0.55
CA CYS A 18 -1.43 10.35 -0.90
C CYS A 18 -2.74 10.92 -1.46
N ASP A 19 -3.13 10.43 -2.63
CA ASP A 19 -4.36 10.87 -3.27
C ASP A 19 -5.57 10.16 -2.68
N TYR A 20 -5.58 10.01 -1.36
CA TYR A 20 -6.68 9.35 -0.67
C TYR A 20 -7.37 10.29 0.30
N PRO A 21 -8.71 10.21 0.36
CA PRO A 21 -9.52 11.05 1.25
C PRO A 21 -9.33 10.69 2.72
N GLY A 22 -8.96 11.69 3.52
CA GLY A 22 -8.76 11.46 4.94
C GLY A 22 -7.32 11.11 5.26
N CYS A 23 -6.72 10.27 4.43
CA CYS A 23 -5.33 9.85 4.63
C CYS A 23 -4.42 11.06 4.77
N THR A 24 -3.53 11.02 5.77
CA THR A 24 -2.59 12.10 6.01
C THR A 24 -1.16 11.62 5.98
N LYS A 25 -0.85 10.77 5.01
CA LYS A 25 0.49 10.22 4.85
C LYS A 25 1.16 10.73 3.57
N VAL A 26 2.46 10.94 3.63
CA VAL A 26 3.21 11.43 2.48
C VAL A 26 4.56 10.72 2.36
N TYR A 27 5.01 10.53 1.13
CA TYR A 27 6.29 9.86 0.89
C TYR A 27 7.14 10.67 -0.09
N THR A 28 8.26 11.20 0.41
CA THR A 28 9.16 11.99 -0.42
C THR A 28 9.39 11.33 -1.78
N LYS A 29 9.44 10.00 -1.77
CA LYS A 29 9.65 9.25 -3.01
C LYS A 29 8.34 8.67 -3.52
N SER A 30 8.12 8.79 -4.83
CA SER A 30 6.90 8.28 -5.45
C SER A 30 6.85 6.76 -5.37
N SER A 31 7.93 6.11 -5.79
CA SER A 31 8.02 4.66 -5.76
C SER A 31 7.47 4.09 -4.45
N HIS A 32 8.03 4.57 -3.35
CA HIS A 32 7.60 4.11 -2.02
C HIS A 32 6.09 4.26 -1.86
N LEU A 33 5.58 5.45 -2.17
CA LEU A 33 4.15 5.71 -2.07
C LEU A 33 3.34 4.59 -2.69
N LYS A 34 3.61 4.31 -3.96
CA LYS A 34 2.90 3.25 -4.68
C LYS A 34 2.59 2.08 -3.75
N ALA A 35 3.60 1.63 -3.02
CA ALA A 35 3.42 0.52 -2.09
C ALA A 35 2.34 0.82 -1.06
N HIS A 36 2.34 2.04 -0.54
CA HIS A 36 1.36 2.46 0.45
C HIS A 36 -0.06 2.34 -0.12
N LEU A 37 -0.29 2.99 -1.25
CA LEU A 37 -1.60 2.96 -1.90
C LEU A 37 -2.25 1.59 -1.76
N ARG A 38 -1.44 0.55 -1.92
CA ARG A 38 -1.94 -0.82 -1.81
C ARG A 38 -2.95 -0.94 -0.68
N THR A 39 -2.55 -0.55 0.52
CA THR A 39 -3.42 -0.62 1.69
C THR A 39 -4.83 -0.14 1.34
N HIS A 40 -4.90 0.99 0.65
CA HIS A 40 -6.18 1.57 0.27
C HIS A 40 -6.91 0.67 -0.73
N THR A 41 -6.18 0.23 -1.76
CA THR A 41 -6.74 -0.63 -2.79
C THR A 41 -6.37 -2.08 -2.55
N GLY A 42 -7.26 -2.82 -1.89
CA GLY A 42 -7.00 -4.22 -1.61
C GLY A 42 -8.27 -5.01 -1.39
N GLU A 43 -8.13 -6.27 -0.98
CA GLU A 43 -9.27 -7.13 -0.74
C GLU A 43 -9.46 -7.40 0.76
N LYS A 44 -8.42 -7.97 1.37
CA LYS A 44 -8.46 -8.27 2.80
C LYS A 44 -9.85 -8.73 3.22
N PRO A 45 -10.35 -9.76 2.53
CA PRO A 45 -11.69 -10.32 2.82
C PRO A 45 -11.72 -11.06 4.16
N TYR A 46 -10.55 -11.49 4.63
CA TYR A 46 -10.45 -12.20 5.89
C TYR A 46 -10.57 -11.25 7.07
N LYS A 47 -11.63 -11.41 7.85
CA LYS A 47 -11.87 -10.56 9.02
C LYS A 47 -11.83 -11.39 10.31
N CYS A 48 -11.30 -10.80 11.37
CA CYS A 48 -11.22 -11.48 12.66
C CYS A 48 -12.59 -11.59 13.30
N THR A 49 -13.02 -12.83 13.55
CA THR A 49 -14.31 -13.08 14.17
C THR A 49 -14.26 -12.87 15.68
N TRP A 50 -13.58 -11.82 16.10
CA TRP A 50 -13.45 -11.51 17.52
C TRP A 50 -14.27 -10.29 17.89
N GLU A 51 -14.86 -10.31 19.08
CA GLU A 51 -15.67 -9.19 19.56
C GLU A 51 -14.83 -7.94 19.74
N GLY A 52 -15.15 -6.90 18.99
CA GLY A 52 -14.42 -5.65 19.08
C GLY A 52 -13.39 -5.50 17.98
N CYS A 53 -12.59 -6.53 17.77
CA CYS A 53 -11.56 -6.50 16.74
C CYS A 53 -12.18 -6.30 15.36
N ASP A 54 -11.88 -5.16 14.75
CA ASP A 54 -12.40 -4.83 13.43
C ASP A 54 -11.29 -4.80 12.39
N TRP A 55 -10.30 -5.68 12.57
CA TRP A 55 -9.17 -5.75 11.65
C TRP A 55 -9.47 -6.71 10.51
N ARG A 56 -8.53 -6.82 9.57
CA ARG A 56 -8.69 -7.71 8.43
C ARG A 56 -7.34 -8.02 7.78
N PHE A 57 -7.23 -9.20 7.18
CA PHE A 57 -5.99 -9.60 6.53
C PHE A 57 -6.27 -10.09 5.11
N ALA A 58 -5.20 -10.22 4.32
CA ALA A 58 -5.33 -10.68 2.94
C ALA A 58 -5.23 -12.19 2.86
N ARG A 59 -4.27 -12.77 3.58
CA ARG A 59 -4.07 -14.21 3.59
C ARG A 59 -4.64 -14.83 4.87
N SER A 60 -5.29 -15.98 4.73
CA SER A 60 -5.88 -16.67 5.87
C SER A 60 -4.85 -16.87 6.97
N ASP A 61 -3.67 -17.35 6.60
CA ASP A 61 -2.60 -17.58 7.55
C ASP A 61 -2.42 -16.38 8.48
N GLU A 62 -2.17 -15.22 7.89
CA GLU A 62 -1.99 -13.99 8.66
C GLU A 62 -3.03 -13.89 9.76
N LEU A 63 -4.28 -14.13 9.41
CA LEU A 63 -5.38 -14.06 10.38
C LEU A 63 -5.18 -15.07 11.51
N THR A 64 -4.96 -16.33 11.13
CA THR A 64 -4.75 -17.39 12.11
C THR A 64 -3.75 -16.97 13.17
N ARG A 65 -2.55 -16.59 12.73
CA ARG A 65 -1.50 -16.17 13.66
C ARG A 65 -2.01 -15.06 14.58
N HIS A 66 -2.57 -14.01 13.99
CA HIS A 66 -3.09 -12.89 14.77
C HIS A 66 -4.05 -13.37 15.85
N TYR A 67 -4.95 -14.26 15.46
CA TYR A 67 -5.93 -14.81 16.41
C TYR A 67 -5.24 -15.40 17.63
N ARG A 68 -4.17 -16.15 17.40
CA ARG A 68 -3.42 -16.77 18.48
C ARG A 68 -3.31 -15.82 19.68
N LYS A 69 -3.03 -14.56 19.40
CA LYS A 69 -2.90 -13.56 20.45
C LYS A 69 -4.20 -13.41 21.23
N HIS A 70 -5.31 -13.30 20.51
CA HIS A 70 -6.62 -13.16 21.15
C HIS A 70 -6.84 -14.25 22.19
N THR A 71 -6.61 -15.49 21.79
CA THR A 71 -6.79 -16.63 22.68
C THR A 71 -5.66 -16.70 23.71
N GLY A 72 -4.52 -16.13 23.36
CA GLY A 72 -3.37 -16.14 24.26
C GLY A 72 -3.28 -14.88 25.09
N ALA A 73 -2.14 -14.69 25.74
CA ALA A 73 -1.93 -13.51 26.58
C ALA A 73 -2.21 -12.23 25.80
N LYS A 74 -2.51 -11.15 26.52
CA LYS A 74 -2.79 -9.87 25.91
C LYS A 74 -1.79 -8.81 26.37
N PRO A 75 -1.66 -7.73 25.58
CA PRO A 75 -0.74 -6.63 25.89
C PRO A 75 -1.20 -5.82 27.10
N PHE A 76 -2.51 -5.79 27.32
CA PHE A 76 -3.08 -5.05 28.44
C PHE A 76 -3.38 -5.98 29.61
N GLN A 77 -2.61 -5.85 30.69
CA GLN A 77 -2.79 -6.67 31.88
C GLN A 77 -2.91 -5.81 33.12
N CYS A 78 -3.86 -6.16 33.99
CA CYS A 78 -4.09 -5.42 35.22
C CYS A 78 -2.84 -5.43 36.09
N GLY A 79 -2.93 -4.79 37.27
CA GLY A 79 -1.80 -4.75 38.17
C GLY A 79 -1.93 -5.73 39.31
N VAL A 80 -3.11 -5.78 39.92
CA VAL A 80 -3.35 -6.69 41.04
C VAL A 80 -3.80 -8.06 40.54
N CYS A 81 -5.05 -8.15 40.09
CA CYS A 81 -5.59 -9.41 39.57
C CYS A 81 -4.88 -9.82 38.29
N ASN A 82 -4.09 -8.91 37.73
CA ASN A 82 -3.35 -9.18 36.50
C ASN A 82 -4.28 -9.76 35.44
N ARG A 83 -5.39 -9.09 35.18
CA ARG A 83 -6.36 -9.54 34.19
C ARG A 83 -5.81 -9.36 32.79
N SER A 84 -6.65 -9.60 31.79
CA SER A 84 -6.26 -9.47 30.40
C SER A 84 -7.34 -8.77 29.58
N PHE A 85 -6.98 -7.64 28.98
CA PHE A 85 -7.93 -6.87 28.18
C PHE A 85 -7.39 -6.68 26.76
N SER A 86 -8.31 -6.46 25.82
CA SER A 86 -7.94 -6.27 24.42
C SER A 86 -7.58 -4.81 24.15
N ARG A 87 -8.18 -3.92 24.93
CA ARG A 87 -7.92 -2.49 24.77
C ARG A 87 -7.34 -1.89 26.07
N SER A 88 -6.89 -0.65 25.98
CA SER A 88 -6.31 0.03 27.13
C SER A 88 -7.40 0.59 28.04
N ASP A 89 -8.12 1.60 27.54
CA ASP A 89 -9.19 2.22 28.30
C ASP A 89 -9.94 1.19 29.14
N HIS A 90 -10.25 0.04 28.53
CA HIS A 90 -10.96 -1.02 29.22
C HIS A 90 -10.30 -1.33 30.56
N LEU A 91 -9.01 -1.64 30.52
CA LEU A 91 -8.26 -1.96 31.73
C LEU A 91 -8.29 -0.80 32.71
N ALA A 92 -7.73 0.34 32.31
CA ALA A 92 -7.70 1.52 33.15
C ALA A 92 -8.95 1.63 34.01
N LEU A 93 -10.12 1.53 33.37
CA LEU A 93 -11.39 1.61 34.07
C LEU A 93 -11.49 0.52 35.14
N HIS A 94 -11.39 -0.73 34.71
CA HIS A 94 -11.46 -1.85 35.64
C HIS A 94 -10.75 -1.53 36.95
N MET A 95 -9.60 -0.88 36.85
CA MET A 95 -8.82 -0.51 38.01
C MET A 95 -9.74 -0.13 39.18
N LYS A 96 -10.73 0.69 38.89
CA LYS A 96 -11.68 1.13 39.90
C LYS A 96 -11.95 0.02 40.91
N ARG A 97 -12.19 -1.18 40.41
CA ARG A 97 -12.47 -2.32 41.27
C ARG A 97 -11.53 -2.35 42.47
N HIS A 98 -10.23 -2.31 42.19
CA HIS A 98 -9.22 -2.33 43.24
C HIS A 98 -9.11 -0.96 43.91
N GLN A 99 -9.06 0.09 43.10
CA GLN A 99 -8.96 1.45 43.61
C GLN A 99 -10.09 1.74 44.61
N ASN A 100 -9.74 1.76 45.89
CA ASN A 100 -10.71 2.04 46.94
C ASN A 100 -11.24 3.46 46.85
N GLY A 1 19.52 59.07 -6.76
CA GLY A 1 19.11 57.79 -6.20
C GLY A 1 19.49 56.63 -7.08
N SER A 2 19.14 55.43 -6.65
CA SER A 2 19.45 54.21 -7.41
C SER A 2 18.48 53.08 -7.05
N SER A 3 18.63 51.95 -7.73
CA SER A 3 17.77 50.80 -7.49
C SER A 3 18.51 49.50 -7.78
N GLY A 4 17.84 48.38 -7.54
CA GLY A 4 18.46 47.08 -7.78
C GLY A 4 17.56 46.16 -8.58
N SER A 5 17.80 44.85 -8.46
CA SER A 5 17.01 43.87 -9.19
C SER A 5 17.10 42.50 -8.51
N SER A 6 16.31 41.55 -9.00
CA SER A 6 16.30 40.20 -8.44
C SER A 6 16.46 39.16 -9.54
N GLY A 7 16.65 37.90 -9.14
CA GLY A 7 16.82 36.83 -10.10
C GLY A 7 15.81 35.71 -9.90
N PRO A 8 15.03 35.42 -10.94
CA PRO A 8 14.01 34.37 -10.90
C PRO A 8 14.62 32.97 -10.85
N ASP A 9 13.86 32.01 -10.36
CA ASP A 9 14.32 30.63 -10.25
C ASP A 9 13.16 29.68 -10.02
N LEU A 10 13.42 28.39 -10.15
CA LEU A 10 12.39 27.37 -9.95
C LEU A 10 12.98 26.11 -9.34
N GLU A 11 12.72 25.90 -8.05
CA GLU A 11 13.23 24.73 -7.35
C GLU A 11 12.17 23.63 -7.28
N LYS A 12 12.62 22.38 -7.30
CA LYS A 12 11.71 21.25 -7.24
C LYS A 12 11.98 20.39 -6.01
N ARG A 13 10.92 19.91 -5.37
CA ARG A 13 11.06 19.08 -4.18
C ARG A 13 10.43 17.71 -4.40
N ARG A 14 11.21 16.66 -4.16
CA ARG A 14 10.73 15.29 -4.33
C ARG A 14 9.74 14.92 -3.24
N ILE A 15 8.47 15.27 -3.45
CA ILE A 15 7.43 14.96 -2.49
C ILE A 15 6.12 14.59 -3.19
N HIS A 16 5.33 13.74 -2.54
CA HIS A 16 4.06 13.30 -3.10
C HIS A 16 3.05 13.02 -1.98
N TYR A 17 1.85 13.59 -2.13
CA TYR A 17 0.79 13.41 -1.15
C TYR A 17 -0.14 12.28 -1.55
N CYS A 18 -0.65 11.55 -0.55
CA CYS A 18 -1.56 10.43 -0.81
C CYS A 18 -2.91 10.95 -1.30
N ASP A 19 -3.32 10.47 -2.47
CA ASP A 19 -4.60 10.87 -3.05
C ASP A 19 -5.74 10.08 -2.44
N TYR A 20 -5.67 9.85 -1.13
CA TYR A 20 -6.70 9.11 -0.42
C TYR A 20 -7.35 9.96 0.66
N PRO A 21 -8.68 9.83 0.80
CA PRO A 21 -9.45 10.58 1.81
C PRO A 21 -9.15 10.11 3.23
N GLY A 22 -9.36 11.00 4.19
CA GLY A 22 -9.12 10.66 5.59
C GLY A 22 -7.70 10.18 5.82
N CYS A 23 -6.81 10.47 4.87
CA CYS A 23 -5.42 10.07 4.98
C CYS A 23 -4.49 11.16 4.48
N THR A 24 -3.68 11.71 5.38
CA THR A 24 -2.75 12.77 5.04
C THR A 24 -1.30 12.28 5.12
N LYS A 25 -1.02 11.17 4.45
CA LYS A 25 0.32 10.61 4.45
C LYS A 25 1.10 11.04 3.21
N VAL A 26 2.40 11.26 3.38
CA VAL A 26 3.26 11.69 2.28
C VAL A 26 4.63 11.03 2.37
N TYR A 27 5.09 10.50 1.24
CA TYR A 27 6.40 9.85 1.20
C TYR A 27 7.34 10.58 0.25
N THR A 28 8.41 11.14 0.81
CA THR A 28 9.39 11.87 0.01
C THR A 28 9.57 11.25 -1.36
N LYS A 29 9.78 9.93 -1.40
CA LYS A 29 9.96 9.22 -2.66
C LYS A 29 8.61 8.83 -3.25
N SER A 30 8.57 8.66 -4.57
CA SER A 30 7.35 8.29 -5.26
C SER A 30 7.15 6.78 -5.24
N SER A 31 8.11 6.05 -5.78
CA SER A 31 8.04 4.59 -5.83
C SER A 31 7.49 4.04 -4.52
N HIS A 32 7.92 4.63 -3.40
CA HIS A 32 7.46 4.18 -2.09
C HIS A 32 5.96 4.40 -1.94
N LEU A 33 5.51 5.61 -2.24
CA LEU A 33 4.10 5.94 -2.13
C LEU A 33 3.23 4.88 -2.79
N LYS A 34 3.63 4.43 -3.97
CA LYS A 34 2.90 3.40 -4.70
C LYS A 34 2.50 2.26 -3.77
N ALA A 35 3.46 1.76 -3.00
CA ALA A 35 3.21 0.67 -2.08
C ALA A 35 2.10 1.03 -1.09
N HIS A 36 2.05 2.31 -0.70
CA HIS A 36 1.03 2.79 0.23
C HIS A 36 -0.35 2.72 -0.40
N LEU A 37 -0.43 3.02 -1.69
CA LEU A 37 -1.69 3.00 -2.41
C LEU A 37 -2.29 1.60 -2.43
N ARG A 38 -1.42 0.60 -2.59
CA ARG A 38 -1.87 -0.79 -2.62
C ARG A 38 -2.91 -1.06 -1.54
N THR A 39 -2.66 -0.53 -0.34
CA THR A 39 -3.57 -0.71 0.77
C THR A 39 -4.88 0.04 0.55
N HIS A 40 -4.80 1.18 -0.12
CA HIS A 40 -5.97 1.99 -0.41
C HIS A 40 -6.75 1.43 -1.59
N THR A 41 -6.25 0.33 -2.15
CA THR A 41 -6.89 -0.31 -3.29
C THR A 41 -7.13 -1.79 -3.03
N GLY A 42 -8.00 -2.40 -3.83
CA GLY A 42 -8.30 -3.80 -3.67
C GLY A 42 -7.09 -4.61 -3.25
N GLU A 43 -7.28 -5.49 -2.26
CA GLU A 43 -6.19 -6.32 -1.76
C GLU A 43 -6.63 -7.77 -1.63
N LYS A 44 -5.68 -8.65 -1.34
CA LYS A 44 -5.97 -10.07 -1.19
C LYS A 44 -5.67 -10.54 0.23
N PRO A 45 -6.72 -10.65 1.05
CA PRO A 45 -6.60 -11.09 2.45
C PRO A 45 -6.24 -12.57 2.56
N TYR A 46 -6.53 -13.32 1.51
CA TYR A 46 -6.23 -14.75 1.48
C TYR A 46 -4.83 -15.02 0.94
N LYS A 47 -4.03 -15.72 1.72
CA LYS A 47 -2.66 -16.05 1.31
C LYS A 47 -2.39 -17.54 1.49
N CYS A 48 -1.59 -18.10 0.57
CA CYS A 48 -1.25 -19.51 0.62
C CYS A 48 -0.37 -19.81 1.83
N THR A 49 -0.88 -20.65 2.74
CA THR A 49 -0.14 -21.02 3.94
C THR A 49 0.79 -22.21 3.67
N TRP A 50 1.52 -22.14 2.56
CA TRP A 50 2.44 -23.20 2.19
C TRP A 50 3.89 -22.75 2.37
N GLU A 51 4.78 -23.72 2.52
CA GLU A 51 6.20 -23.42 2.69
C GLU A 51 6.82 -22.93 1.39
N GLY A 52 7.22 -21.66 1.38
CA GLY A 52 7.83 -21.09 0.19
C GLY A 52 6.86 -20.27 -0.62
N CYS A 53 5.62 -20.75 -0.75
CA CYS A 53 4.60 -20.05 -1.50
C CYS A 53 4.13 -18.81 -0.76
N ASP A 54 4.33 -17.65 -1.37
CA ASP A 54 3.92 -16.37 -0.77
C ASP A 54 2.88 -15.67 -1.64
N TRP A 55 2.07 -16.45 -2.33
CA TRP A 55 1.04 -15.90 -3.20
C TRP A 55 -0.22 -15.55 -2.41
N ARG A 56 -1.15 -14.87 -3.05
CA ARG A 56 -2.41 -14.48 -2.41
C ARG A 56 -3.53 -14.35 -3.43
N PHE A 57 -4.76 -14.50 -2.95
CA PHE A 57 -5.93 -14.40 -3.83
C PHE A 57 -7.01 -13.53 -3.20
N ALA A 58 -7.93 -13.04 -4.02
CA ALA A 58 -9.02 -12.21 -3.54
C ALA A 58 -10.15 -13.04 -2.96
N ARG A 59 -10.59 -14.05 -3.71
CA ARG A 59 -11.66 -14.93 -3.27
C ARG A 59 -11.10 -16.19 -2.61
N SER A 60 -11.71 -16.58 -1.50
CA SER A 60 -11.26 -17.77 -0.76
C SER A 60 -11.20 -18.99 -1.69
N ASP A 61 -12.32 -19.28 -2.33
CA ASP A 61 -12.41 -20.42 -3.24
C ASP A 61 -11.14 -20.53 -4.09
N GLU A 62 -10.72 -19.41 -4.67
CA GLU A 62 -9.53 -19.37 -5.50
C GLU A 62 -8.35 -20.03 -4.79
N LEU A 63 -8.12 -19.62 -3.54
CA LEU A 63 -7.03 -20.17 -2.75
C LEU A 63 -7.17 -21.67 -2.59
N THR A 64 -8.39 -22.12 -2.32
CA THR A 64 -8.66 -23.54 -2.14
C THR A 64 -8.21 -24.35 -3.35
N ARG A 65 -8.62 -23.91 -4.54
CA ARG A 65 -8.25 -24.57 -5.78
C ARG A 65 -6.73 -24.63 -5.95
N HIS A 66 -6.08 -23.49 -5.72
CA HIS A 66 -4.64 -23.41 -5.84
C HIS A 66 -3.95 -24.34 -4.85
N TYR A 67 -4.19 -24.11 -3.57
CA TYR A 67 -3.59 -24.93 -2.52
C TYR A 67 -3.55 -26.40 -2.93
N ARG A 68 -4.64 -26.87 -3.51
CA ARG A 68 -4.73 -28.26 -3.96
C ARG A 68 -3.55 -28.62 -4.86
N LYS A 69 -3.25 -27.73 -5.80
CA LYS A 69 -2.15 -27.96 -6.73
C LYS A 69 -0.91 -28.47 -5.99
N HIS A 70 -0.57 -27.80 -4.88
CA HIS A 70 0.59 -28.19 -4.09
C HIS A 70 0.56 -29.68 -3.78
N THR A 71 -0.58 -30.17 -3.34
CA THR A 71 -0.73 -31.59 -3.00
C THR A 71 -0.92 -32.43 -4.27
N GLY A 72 -1.42 -31.80 -5.33
CA GLY A 72 -1.63 -32.51 -6.57
C GLY A 72 -0.33 -33.01 -7.19
N ALA A 73 0.42 -32.11 -7.80
CA ALA A 73 1.69 -32.46 -8.43
C ALA A 73 2.84 -32.30 -7.45
N LYS A 74 3.98 -32.92 -7.76
CA LYS A 74 5.16 -32.85 -6.91
C LYS A 74 4.89 -33.48 -5.56
N PRO A 75 4.42 -34.74 -5.56
CA PRO A 75 4.12 -35.48 -4.34
C PRO A 75 5.37 -35.85 -3.55
N PHE A 76 6.52 -35.43 -4.06
CA PHE A 76 7.79 -35.72 -3.41
C PHE A 76 8.30 -34.50 -2.64
N GLN A 77 8.66 -34.72 -1.38
CA GLN A 77 9.15 -33.64 -0.53
C GLN A 77 10.33 -34.11 0.32
N CYS A 78 11.50 -33.55 0.06
CA CYS A 78 12.70 -33.93 0.81
C CYS A 78 12.60 -33.47 2.27
N GLY A 79 13.59 -33.84 3.07
CA GLY A 79 13.59 -33.46 4.46
C GLY A 79 14.67 -32.43 4.78
N VAL A 80 15.92 -32.79 4.53
CA VAL A 80 17.04 -31.89 4.79
C VAL A 80 16.82 -30.53 4.15
N CYS A 81 16.65 -30.53 2.83
CA CYS A 81 16.42 -29.29 2.09
C CYS A 81 14.94 -28.93 2.07
N ASN A 82 14.08 -29.95 2.13
CA ASN A 82 12.64 -29.73 2.13
C ASN A 82 12.19 -29.10 0.81
N ARG A 83 12.68 -29.65 -0.31
CA ARG A 83 12.33 -29.13 -1.62
C ARG A 83 11.28 -30.02 -2.29
N SER A 84 10.91 -29.67 -3.51
CA SER A 84 9.91 -30.42 -4.26
C SER A 84 10.47 -30.90 -5.59
N PHE A 85 9.98 -32.03 -6.06
CA PHE A 85 10.43 -32.61 -7.33
C PHE A 85 9.24 -33.05 -8.19
N SER A 86 9.53 -33.41 -9.43
CA SER A 86 8.48 -33.85 -10.35
C SER A 86 8.52 -35.36 -10.54
N ARG A 87 9.71 -35.89 -10.77
CA ARG A 87 9.89 -37.32 -10.97
C ARG A 87 10.17 -38.02 -9.65
N SER A 88 10.03 -39.34 -9.64
CA SER A 88 10.26 -40.14 -8.44
C SER A 88 11.73 -40.51 -8.31
N ASP A 89 12.44 -40.46 -9.43
CA ASP A 89 13.87 -40.79 -9.44
C ASP A 89 14.71 -39.61 -8.99
N HIS A 90 14.31 -38.41 -9.42
CA HIS A 90 15.04 -37.19 -9.06
C HIS A 90 15.17 -37.06 -7.54
N LEU A 91 14.12 -37.48 -6.82
CA LEU A 91 14.12 -37.41 -5.36
C LEU A 91 15.20 -38.32 -4.78
N ALA A 92 15.18 -39.58 -5.19
CA ALA A 92 16.15 -40.55 -4.71
C ALA A 92 17.57 -40.15 -5.08
N LEU A 93 17.81 -39.97 -6.37
CA LEU A 93 19.13 -39.57 -6.86
C LEU A 93 19.66 -38.36 -6.10
N HIS A 94 18.73 -37.50 -5.67
CA HIS A 94 19.10 -36.29 -4.93
C HIS A 94 19.31 -36.61 -3.45
N MET A 95 18.44 -37.48 -2.91
CA MET A 95 18.53 -37.86 -1.51
C MET A 95 19.97 -38.22 -1.13
N LYS A 96 20.52 -39.20 -1.82
CA LYS A 96 21.89 -39.65 -1.56
C LYS A 96 22.87 -38.48 -1.69
N ARG A 97 22.61 -37.60 -2.65
CA ARG A 97 23.48 -36.44 -2.88
C ARG A 97 23.78 -35.72 -1.56
N HIS A 98 22.73 -35.50 -0.76
CA HIS A 98 22.89 -34.82 0.52
C HIS A 98 24.11 -35.37 1.27
N GLN A 99 24.22 -36.69 1.31
CA GLN A 99 25.33 -37.33 2.01
C GLN A 99 26.63 -37.19 1.21
N ASN A 100 27.73 -36.95 1.90
CA ASN A 100 29.03 -36.79 1.26
C ASN A 100 29.32 -37.98 0.35
N GLY A 1 50.64 37.68 1.28
CA GLY A 1 49.54 36.78 1.56
C GLY A 1 48.23 37.25 0.96
N SER A 2 47.39 36.29 0.58
CA SER A 2 46.09 36.61 -0.01
C SER A 2 45.25 35.36 -0.20
N SER A 3 43.96 35.54 -0.47
CA SER A 3 43.05 34.42 -0.67
C SER A 3 41.67 34.92 -1.10
N GLY A 4 40.78 33.98 -1.38
CA GLY A 4 39.43 34.34 -1.79
C GLY A 4 38.67 33.16 -2.36
N SER A 5 37.37 33.09 -2.06
CA SER A 5 36.53 32.01 -2.55
C SER A 5 35.05 32.34 -2.36
N SER A 6 34.22 31.78 -3.22
CA SER A 6 32.77 32.02 -3.16
C SER A 6 32.01 30.70 -3.02
N GLY A 7 32.13 29.85 -4.04
CA GLY A 7 31.44 28.58 -4.01
C GLY A 7 29.97 28.70 -4.35
N PRO A 8 29.48 27.79 -5.21
CA PRO A 8 28.07 27.78 -5.64
C PRO A 8 27.13 27.37 -4.51
N ASP A 9 25.87 27.17 -4.85
CA ASP A 9 24.86 26.77 -3.87
C ASP A 9 23.55 26.36 -4.55
N LEU A 10 23.04 25.20 -4.17
CA LEU A 10 21.80 24.68 -4.75
C LEU A 10 20.94 24.01 -3.69
N GLU A 11 19.64 23.92 -3.95
CA GLU A 11 18.71 23.30 -3.02
C GLU A 11 17.39 22.97 -3.69
N LYS A 12 16.92 21.75 -3.51
CA LYS A 12 15.67 21.31 -4.11
C LYS A 12 14.81 20.53 -3.09
N ARG A 13 13.63 20.12 -3.52
CA ARG A 13 12.73 19.38 -2.65
C ARG A 13 11.54 18.83 -3.44
N ARG A 14 11.01 17.69 -3.00
CA ARG A 14 9.88 17.08 -3.67
C ARG A 14 9.18 16.09 -2.73
N ILE A 15 7.84 16.16 -2.70
CA ILE A 15 7.06 15.28 -1.85
C ILE A 15 5.72 14.94 -2.51
N HIS A 16 5.26 13.70 -2.30
CA HIS A 16 3.99 13.25 -2.86
C HIS A 16 2.93 13.11 -1.78
N TYR A 17 1.77 13.70 -2.01
CA TYR A 17 0.67 13.63 -1.05
C TYR A 17 -0.38 12.62 -1.49
N CYS A 18 -0.49 11.53 -0.74
CA CYS A 18 -1.46 10.48 -1.05
C CYS A 18 -2.78 11.08 -1.53
N ASP A 19 -3.21 10.67 -2.71
CA ASP A 19 -4.45 11.16 -3.29
C ASP A 19 -5.65 10.43 -2.72
N TYR A 20 -5.62 10.16 -1.42
CA TYR A 20 -6.69 9.46 -0.74
C TYR A 20 -7.44 10.38 0.22
N PRO A 21 -8.78 10.29 0.22
CA PRO A 21 -9.63 11.10 1.09
C PRO A 21 -9.49 10.71 2.56
N GLY A 22 -8.99 11.63 3.37
CA GLY A 22 -8.83 11.37 4.79
C GLY A 22 -7.40 11.00 5.15
N CYS A 23 -6.74 10.28 4.24
CA CYS A 23 -5.36 9.86 4.47
C CYS A 23 -4.49 11.04 4.91
N THR A 24 -3.59 10.79 5.85
CA THR A 24 -2.70 11.83 6.36
C THR A 24 -1.24 11.39 6.28
N LYS A 25 -0.94 10.57 5.28
CA LYS A 25 0.43 10.08 5.09
C LYS A 25 1.02 10.63 3.81
N VAL A 26 2.32 10.94 3.84
CA VAL A 26 3.01 11.48 2.67
C VAL A 26 4.41 10.88 2.55
N TYR A 27 4.87 10.73 1.31
CA TYR A 27 6.19 10.16 1.05
C TYR A 27 7.02 11.11 0.18
N THR A 28 8.33 10.93 0.22
CA THR A 28 9.24 11.77 -0.56
C THR A 28 9.41 11.23 -1.98
N LYS A 29 9.58 9.91 -2.09
CA LYS A 29 9.75 9.27 -3.39
C LYS A 29 8.40 8.87 -3.97
N SER A 30 8.41 8.45 -5.23
CA SER A 30 7.18 8.04 -5.91
C SER A 30 6.91 6.55 -5.70
N SER A 31 7.84 5.72 -6.16
CA SER A 31 7.71 4.27 -6.02
C SER A 31 7.27 3.90 -4.60
N HIS A 32 7.99 4.43 -3.61
CA HIS A 32 7.68 4.16 -2.22
C HIS A 32 6.20 4.38 -1.93
N LEU A 33 5.71 5.57 -2.30
CA LEU A 33 4.31 5.91 -2.08
C LEU A 33 3.39 4.80 -2.56
N LYS A 34 3.52 4.44 -3.84
CA LYS A 34 2.70 3.39 -4.42
C LYS A 34 2.55 2.22 -3.46
N ALA A 35 3.66 1.74 -2.93
CA ALA A 35 3.65 0.62 -1.99
C ALA A 35 2.61 0.84 -0.90
N HIS A 36 2.55 2.07 -0.39
CA HIS A 36 1.59 2.40 0.67
C HIS A 36 0.17 2.29 0.16
N LEU A 37 -0.11 2.94 -0.97
CA LEU A 37 -1.44 2.92 -1.57
C LEU A 37 -2.09 1.55 -1.40
N ARG A 38 -1.31 0.50 -1.65
CA ARG A 38 -1.81 -0.87 -1.53
C ARG A 38 -2.63 -1.04 -0.25
N THR A 39 -2.10 -0.53 0.86
CA THR A 39 -2.77 -0.63 2.14
C THR A 39 -4.23 -0.19 2.04
N HIS A 40 -4.45 0.95 1.37
CA HIS A 40 -5.80 1.47 1.19
C HIS A 40 -6.72 0.42 0.57
N THR A 41 -6.15 -0.44 -0.26
CA THR A 41 -6.91 -1.49 -0.91
C THR A 41 -7.94 -2.10 0.03
N GLY A 42 -9.14 -2.35 -0.49
CA GLY A 42 -10.20 -2.92 0.32
C GLY A 42 -10.67 -4.26 -0.21
N GLU A 43 -11.25 -5.08 0.67
CA GLU A 43 -11.75 -6.39 0.27
C GLU A 43 -13.19 -6.29 -0.21
N LYS A 44 -13.48 -5.27 -1.00
CA LYS A 44 -14.82 -5.06 -1.53
C LYS A 44 -15.31 -6.30 -2.28
N PRO A 45 -16.31 -6.98 -1.72
CA PRO A 45 -16.88 -8.18 -2.31
C PRO A 45 -17.67 -7.89 -3.58
N TYR A 46 -18.27 -6.69 -3.63
CA TYR A 46 -19.06 -6.29 -4.80
C TYR A 46 -18.19 -5.53 -5.80
N LYS A 47 -18.34 -5.86 -7.07
CA LYS A 47 -17.57 -5.22 -8.13
C LYS A 47 -18.49 -4.81 -9.29
N CYS A 48 -18.02 -3.87 -10.10
CA CYS A 48 -18.78 -3.40 -11.25
C CYS A 48 -18.46 -4.22 -12.49
N THR A 49 -19.47 -4.93 -13.00
CA THR A 49 -19.29 -5.75 -14.20
C THR A 49 -19.40 -4.92 -15.46
N TRP A 50 -18.76 -3.75 -15.46
CA TRP A 50 -18.79 -2.87 -16.61
C TRP A 50 -17.44 -2.85 -17.32
N GLU A 51 -17.47 -2.84 -18.65
CA GLU A 51 -16.25 -2.83 -19.45
C GLU A 51 -15.39 -1.60 -19.13
N GLY A 52 -14.19 -1.84 -18.61
CA GLY A 52 -13.30 -0.75 -18.27
C GLY A 52 -13.33 -0.42 -16.79
N CYS A 53 -14.53 -0.23 -16.25
CA CYS A 53 -14.68 0.09 -14.83
C CYS A 53 -14.19 -1.06 -13.96
N ASP A 54 -13.13 -0.80 -13.19
CA ASP A 54 -12.55 -1.81 -12.31
C ASP A 54 -12.72 -1.41 -10.85
N TRP A 55 -13.82 -0.71 -10.55
CA TRP A 55 -14.10 -0.27 -9.19
C TRP A 55 -14.88 -1.33 -8.43
N ARG A 56 -14.87 -1.23 -7.11
CA ARG A 56 -15.58 -2.19 -6.26
C ARG A 56 -16.20 -1.48 -5.05
N PHE A 57 -17.30 -2.04 -4.54
CA PHE A 57 -17.98 -1.47 -3.39
C PHE A 57 -18.20 -2.53 -2.31
N ALA A 58 -18.66 -2.09 -1.14
CA ALA A 58 -18.92 -3.00 -0.04
C ALA A 58 -20.42 -3.27 0.10
N ARG A 59 -21.23 -2.22 0.04
CA ARG A 59 -22.66 -2.35 0.16
C ARG A 59 -23.28 -2.75 -1.18
N SER A 60 -24.01 -3.86 -1.18
CA SER A 60 -24.66 -4.35 -2.39
C SER A 60 -25.40 -3.23 -3.11
N ASP A 61 -26.07 -2.38 -2.33
CA ASP A 61 -26.81 -1.26 -2.89
C ASP A 61 -25.88 -0.27 -3.57
N GLU A 62 -24.85 0.16 -2.85
CA GLU A 62 -23.89 1.12 -3.39
C GLU A 62 -23.58 0.80 -4.85
N LEU A 63 -23.17 -0.44 -5.10
CA LEU A 63 -22.82 -0.87 -6.45
C LEU A 63 -23.99 -0.60 -7.41
N THR A 64 -25.17 -1.08 -7.05
CA THR A 64 -26.36 -0.90 -7.87
C THR A 64 -26.49 0.54 -8.34
N ARG A 65 -26.55 1.46 -7.38
CA ARG A 65 -26.68 2.87 -7.70
C ARG A 65 -25.59 3.32 -8.67
N HIS A 66 -24.35 2.95 -8.37
CA HIS A 66 -23.22 3.30 -9.22
C HIS A 66 -23.45 2.83 -10.65
N TYR A 67 -23.93 1.61 -10.80
CA TYR A 67 -24.19 1.03 -12.11
C TYR A 67 -25.21 1.87 -12.88
N ARG A 68 -26.26 2.29 -12.18
CA ARG A 68 -27.31 3.10 -12.80
C ARG A 68 -26.71 4.15 -13.73
N LYS A 69 -25.71 4.87 -13.23
CA LYS A 69 -25.05 5.90 -14.02
C LYS A 69 -24.59 5.35 -15.37
N HIS A 70 -23.89 4.22 -15.34
CA HIS A 70 -23.40 3.59 -16.56
C HIS A 70 -24.51 3.49 -17.61
N THR A 71 -25.71 3.15 -17.14
CA THR A 71 -26.86 3.01 -18.03
C THR A 71 -27.58 4.34 -18.22
N GLY A 72 -26.81 5.43 -18.15
CA GLY A 72 -27.39 6.75 -18.32
C GLY A 72 -26.50 7.67 -19.12
N ALA A 73 -25.81 7.12 -20.12
CA ALA A 73 -24.92 7.90 -20.96
C ALA A 73 -24.72 7.25 -22.32
N LYS A 74 -24.56 8.06 -23.36
CA LYS A 74 -24.36 7.55 -24.71
C LYS A 74 -23.18 8.24 -25.39
N PRO A 75 -22.07 7.51 -25.52
CA PRO A 75 -20.85 8.03 -26.14
C PRO A 75 -21.01 8.24 -27.65
N PHE A 76 -22.00 7.58 -28.22
CA PHE A 76 -22.27 7.69 -29.65
C PHE A 76 -23.74 8.01 -29.91
N GLN A 77 -24.07 9.30 -30.00
CA GLN A 77 -25.44 9.72 -30.24
C GLN A 77 -25.62 10.17 -31.69
N CYS A 78 -26.76 9.81 -32.27
CA CYS A 78 -27.06 10.18 -33.66
C CYS A 78 -27.67 11.57 -33.73
N GLY A 79 -27.92 12.04 -34.95
CA GLY A 79 -28.51 13.35 -35.14
C GLY A 79 -29.93 13.29 -35.67
N VAL A 80 -30.08 12.76 -36.87
CA VAL A 80 -31.40 12.64 -37.49
C VAL A 80 -32.39 11.96 -36.54
N CYS A 81 -32.11 10.71 -36.21
CA CYS A 81 -32.97 9.94 -35.32
C CYS A 81 -32.72 10.31 -33.86
N ASN A 82 -31.48 10.74 -33.58
CA ASN A 82 -31.10 11.13 -32.22
C ASN A 82 -31.22 9.94 -31.27
N ARG A 83 -30.61 8.82 -31.64
CA ARG A 83 -30.65 7.61 -30.82
C ARG A 83 -29.31 7.38 -30.15
N SER A 84 -29.23 6.32 -29.34
CA SER A 84 -28.00 5.99 -28.64
C SER A 84 -27.53 4.58 -28.99
N PHE A 85 -26.21 4.39 -29.02
CA PHE A 85 -25.63 3.10 -29.36
C PHE A 85 -24.32 2.88 -28.59
N SER A 86 -24.27 1.78 -27.84
CA SER A 86 -23.08 1.44 -27.06
C SER A 86 -22.03 0.78 -27.93
N ARG A 87 -22.19 0.89 -29.25
CA ARG A 87 -21.25 0.30 -30.19
C ARG A 87 -20.83 1.30 -31.25
N SER A 88 -19.52 1.49 -31.41
CA SER A 88 -19.00 2.42 -32.39
C SER A 88 -19.44 2.05 -33.80
N ASP A 89 -19.18 0.80 -34.18
CA ASP A 89 -19.55 0.32 -35.51
C ASP A 89 -21.03 0.56 -35.78
N HIS A 90 -21.86 0.30 -34.78
CA HIS A 90 -23.30 0.49 -34.91
C HIS A 90 -23.62 1.89 -35.45
N LEU A 91 -22.97 2.89 -34.87
CA LEU A 91 -23.17 4.27 -35.29
C LEU A 91 -22.79 4.46 -36.76
N ALA A 92 -21.53 4.20 -37.07
CA ALA A 92 -21.04 4.34 -38.44
C ALA A 92 -22.00 3.68 -39.43
N LEU A 93 -22.20 2.38 -39.27
CA LEU A 93 -23.09 1.63 -40.16
C LEU A 93 -24.48 2.25 -40.18
N HIS A 94 -25.05 2.46 -38.99
CA HIS A 94 -26.38 3.05 -38.88
C HIS A 94 -26.52 4.26 -39.81
N MET A 95 -25.56 5.17 -39.74
CA MET A 95 -25.58 6.37 -40.58
C MET A 95 -25.89 6.01 -42.02
N LYS A 96 -25.17 5.02 -42.56
CA LYS A 96 -25.38 4.59 -43.93
C LYS A 96 -26.85 4.67 -44.31
N ARG A 97 -27.72 4.27 -43.40
CA ARG A 97 -29.16 4.29 -43.65
C ARG A 97 -29.66 5.72 -43.77
N HIS A 98 -29.30 6.56 -42.79
CA HIS A 98 -29.73 7.95 -42.78
C HIS A 98 -29.36 8.63 -44.10
N GLN A 99 -28.14 8.41 -44.56
CA GLN A 99 -27.67 9.01 -45.81
C GLN A 99 -28.65 8.73 -46.95
N ASN A 100 -28.76 9.67 -47.87
CA ASN A 100 -29.66 9.53 -49.01
C ASN A 100 -31.12 9.63 -48.56
N GLY A 1 26.53 5.20 -14.01
CA GLY A 1 26.29 5.90 -15.25
C GLY A 1 26.74 7.35 -15.19
N SER A 2 27.02 7.93 -16.35
CA SER A 2 27.47 9.32 -16.43
C SER A 2 27.44 9.82 -17.86
N SER A 3 26.96 11.05 -18.05
CA SER A 3 26.88 11.65 -19.38
C SER A 3 26.42 13.10 -19.29
N GLY A 4 26.39 13.77 -20.44
CA GLY A 4 25.97 15.15 -20.48
C GLY A 4 27.13 16.12 -20.28
N SER A 5 26.88 17.18 -19.51
CA SER A 5 27.91 18.18 -19.26
C SER A 5 27.89 18.63 -17.80
N SER A 6 29.08 18.79 -17.21
CA SER A 6 29.19 19.22 -15.82
C SER A 6 28.14 20.28 -15.49
N GLY A 7 27.11 19.88 -14.77
CA GLY A 7 26.06 20.80 -14.40
C GLY A 7 25.57 20.59 -12.98
N PRO A 8 25.77 21.58 -12.11
CA PRO A 8 25.35 21.52 -10.71
C PRO A 8 23.83 21.58 -10.55
N ASP A 9 23.14 21.77 -11.66
CA ASP A 9 21.68 21.84 -11.65
C ASP A 9 21.08 20.47 -11.42
N LEU A 10 20.56 20.25 -10.21
CA LEU A 10 19.95 18.97 -9.85
C LEU A 10 18.84 19.17 -8.82
N GLU A 11 17.59 18.95 -9.25
CA GLU A 11 16.44 19.12 -8.38
C GLU A 11 16.79 18.70 -6.94
N LYS A 12 16.16 19.35 -5.98
CA LYS A 12 16.40 19.04 -4.57
C LYS A 12 15.70 17.75 -4.16
N ARG A 13 14.39 17.72 -4.31
CA ARG A 13 13.61 16.54 -3.97
C ARG A 13 12.16 16.70 -4.41
N ARG A 14 11.38 15.63 -4.27
CA ARG A 14 9.97 15.64 -4.67
C ARG A 14 9.09 15.14 -3.52
N ILE A 15 7.89 15.71 -3.43
CA ILE A 15 6.94 15.32 -2.39
C ILE A 15 5.73 14.61 -2.99
N HIS A 16 5.13 13.72 -2.21
CA HIS A 16 3.95 12.98 -2.66
C HIS A 16 2.90 12.91 -1.55
N TYR A 17 1.76 13.53 -1.79
CA TYR A 17 0.68 13.55 -0.81
C TYR A 17 -0.47 12.64 -1.26
N CYS A 18 -0.60 11.50 -0.60
CA CYS A 18 -1.64 10.54 -0.93
C CYS A 18 -2.93 11.26 -1.34
N ASP A 19 -3.48 10.86 -2.48
CA ASP A 19 -4.70 11.47 -2.99
C ASP A 19 -5.93 10.72 -2.49
N TYR A 20 -5.83 10.19 -1.27
CA TYR A 20 -6.93 9.44 -0.67
C TYR A 20 -7.56 10.22 0.48
N PRO A 21 -8.89 10.18 0.57
CA PRO A 21 -9.64 10.87 1.61
C PRO A 21 -9.44 10.24 2.99
N GLY A 22 -9.14 11.06 3.98
CA GLY A 22 -8.92 10.56 5.33
C GLY A 22 -7.46 10.33 5.63
N CYS A 23 -6.71 9.86 4.64
CA CYS A 23 -5.29 9.60 4.81
C CYS A 23 -4.46 10.81 4.41
N THR A 24 -3.69 11.34 5.37
CA THR A 24 -2.85 12.50 5.12
C THR A 24 -1.38 12.14 5.21
N LYS A 25 -1.01 11.02 4.60
CA LYS A 25 0.37 10.56 4.61
C LYS A 25 1.17 11.20 3.48
N VAL A 26 2.48 11.28 3.64
CA VAL A 26 3.35 11.88 2.63
C VAL A 26 4.73 11.23 2.65
N TYR A 27 5.28 10.99 1.46
CA TYR A 27 6.60 10.39 1.35
C TYR A 27 7.43 11.07 0.27
N THR A 28 8.72 11.26 0.54
CA THR A 28 9.61 11.91 -0.41
C THR A 28 10.14 10.90 -1.43
N LYS A 29 9.29 9.97 -1.82
CA LYS A 29 9.67 8.95 -2.80
C LYS A 29 8.51 8.62 -3.73
N SER A 30 8.83 8.20 -4.95
CA SER A 30 7.81 7.86 -5.94
C SER A 30 7.38 6.41 -5.79
N SER A 31 8.36 5.51 -5.66
CA SER A 31 8.09 4.08 -5.51
C SER A 31 7.38 3.80 -4.20
N HIS A 32 7.88 4.41 -3.12
CA HIS A 32 7.29 4.21 -1.80
C HIS A 32 5.79 4.44 -1.83
N LEU A 33 5.37 5.60 -2.33
CA LEU A 33 3.95 5.93 -2.41
C LEU A 33 3.16 4.76 -2.98
N LYS A 34 3.45 4.41 -4.23
CA LYS A 34 2.75 3.31 -4.90
C LYS A 34 2.49 2.17 -3.92
N ALA A 35 3.55 1.73 -3.24
CA ALA A 35 3.43 0.64 -2.28
C ALA A 35 2.39 0.96 -1.22
N HIS A 36 2.44 2.16 -0.67
CA HIS A 36 1.50 2.58 0.35
C HIS A 36 0.06 2.48 -0.16
N LEU A 37 -0.19 3.06 -1.32
CA LEU A 37 -1.52 3.03 -1.92
C LEU A 37 -2.14 1.64 -1.80
N ARG A 38 -1.29 0.61 -1.86
CA ARG A 38 -1.75 -0.76 -1.76
C ARG A 38 -2.74 -0.93 -0.60
N THR A 39 -2.33 -0.49 0.58
CA THR A 39 -3.18 -0.60 1.76
C THR A 39 -4.62 -0.21 1.44
N HIS A 40 -4.79 0.95 0.82
CA HIS A 40 -6.13 1.43 0.45
C HIS A 40 -6.81 0.45 -0.49
N THR A 41 -6.07 -0.05 -1.46
CA THR A 41 -6.61 -0.99 -2.43
C THR A 41 -6.31 -2.44 -2.03
N GLY A 42 -7.32 -3.12 -1.51
CA GLY A 42 -7.14 -4.50 -1.09
C GLY A 42 -8.42 -5.12 -0.57
N GLU A 43 -9.24 -4.31 0.09
CA GLU A 43 -10.50 -4.79 0.64
C GLU A 43 -10.39 -6.25 1.09
N LYS A 44 -9.30 -6.56 1.78
CA LYS A 44 -9.07 -7.92 2.26
C LYS A 44 -10.29 -8.44 3.02
N PRO A 45 -10.77 -9.62 2.62
CA PRO A 45 -11.94 -10.26 3.24
C PRO A 45 -11.63 -10.75 4.65
N TYR A 46 -10.36 -11.08 4.90
CA TYR A 46 -9.95 -11.57 6.22
C TYR A 46 -9.37 -10.44 7.07
N LYS A 47 -9.86 -10.32 8.30
CA LYS A 47 -9.39 -9.28 9.21
C LYS A 47 -9.07 -9.87 10.57
N CYS A 48 -8.17 -9.21 11.30
CA CYS A 48 -7.77 -9.66 12.61
C CYS A 48 -8.77 -9.21 13.68
N THR A 49 -9.49 -10.17 14.25
CA THR A 49 -10.47 -9.88 15.28
C THR A 49 -9.83 -9.74 16.65
N TRP A 50 -8.72 -9.01 16.70
CA TRP A 50 -8.00 -8.80 17.95
C TRP A 50 -8.20 -7.38 18.47
N GLU A 51 -7.99 -7.20 19.77
CA GLU A 51 -8.16 -5.88 20.39
C GLU A 51 -7.15 -4.89 19.82
N GLY A 52 -7.66 -3.75 19.35
CA GLY A 52 -6.79 -2.74 18.78
C GLY A 52 -6.29 -3.09 17.40
N CYS A 53 -5.73 -4.30 17.27
CA CYS A 53 -5.22 -4.76 15.99
C CYS A 53 -6.27 -4.65 14.90
N ASP A 54 -6.03 -3.79 13.92
CA ASP A 54 -6.98 -3.59 12.82
C ASP A 54 -6.33 -3.99 11.49
N TRP A 55 -5.45 -4.98 11.53
CA TRP A 55 -4.77 -5.44 10.34
C TRP A 55 -5.66 -6.41 9.54
N ARG A 56 -5.32 -6.61 8.28
CA ARG A 56 -6.09 -7.50 7.42
C ARG A 56 -5.17 -8.23 6.43
N PHE A 57 -5.63 -9.36 5.94
CA PHE A 57 -4.86 -10.16 4.98
C PHE A 57 -5.76 -10.70 3.88
N ALA A 58 -5.15 -10.97 2.72
CA ALA A 58 -5.89 -11.50 1.57
C ALA A 58 -6.11 -13.00 1.71
N ARG A 59 -5.12 -13.69 2.27
CA ARG A 59 -5.19 -15.13 2.45
C ARG A 59 -5.67 -15.48 3.86
N SER A 60 -6.49 -16.52 3.97
CA SER A 60 -7.03 -16.95 5.25
C SER A 60 -5.90 -17.45 6.17
N ASP A 61 -5.11 -18.39 5.67
CA ASP A 61 -4.02 -18.95 6.45
C ASP A 61 -3.11 -17.83 6.96
N GLU A 62 -2.80 -16.87 6.10
CA GLU A 62 -1.94 -15.75 6.48
C GLU A 62 -2.36 -15.15 7.81
N LEU A 63 -3.68 -14.98 7.99
CA LEU A 63 -4.21 -14.42 9.22
C LEU A 63 -4.01 -15.38 10.38
N THR A 64 -4.47 -16.61 10.22
CA THR A 64 -4.34 -17.63 11.25
C THR A 64 -2.96 -17.57 11.91
N ARG A 65 -1.93 -17.52 11.09
CA ARG A 65 -0.56 -17.46 11.59
C ARG A 65 -0.33 -16.20 12.42
N HIS A 66 -0.73 -15.06 11.87
CA HIS A 66 -0.58 -13.79 12.55
C HIS A 66 -1.28 -13.81 13.91
N TYR A 67 -2.54 -14.21 13.91
CA TYR A 67 -3.32 -14.28 15.14
C TYR A 67 -2.53 -14.95 16.25
N ARG A 68 -1.88 -16.06 15.92
CA ARG A 68 -1.08 -16.80 16.89
C ARG A 68 -0.16 -15.86 17.67
N LYS A 69 0.58 -15.04 16.93
CA LYS A 69 1.51 -14.09 17.54
C LYS A 69 0.91 -13.49 18.81
N HIS A 70 -0.33 -13.02 18.70
CA HIS A 70 -1.02 -12.42 19.84
C HIS A 70 -0.99 -13.35 21.05
N THR A 71 -1.27 -14.63 20.81
CA THR A 71 -1.29 -15.63 21.87
C THR A 71 0.08 -16.28 22.03
N GLY A 72 1.13 -15.51 21.73
CA GLY A 72 2.48 -16.03 21.86
C GLY A 72 3.01 -15.92 23.27
N ALA A 73 3.60 -14.77 23.60
CA ALA A 73 4.15 -14.53 24.93
C ALA A 73 4.24 -13.05 25.23
N LYS A 74 4.20 -12.71 26.52
CA LYS A 74 4.26 -11.32 26.95
C LYS A 74 5.14 -11.18 28.20
N PRO A 75 6.35 -10.62 28.01
CA PRO A 75 7.29 -10.42 29.11
C PRO A 75 6.84 -9.34 30.07
N PHE A 76 6.00 -8.42 29.59
CA PHE A 76 5.50 -7.33 30.40
C PHE A 76 4.15 -6.85 29.88
N GLN A 77 3.14 -6.89 30.76
CA GLN A 77 1.79 -6.47 30.40
C GLN A 77 1.29 -5.39 31.35
N CYS A 78 0.69 -4.35 30.79
CA CYS A 78 0.16 -3.24 31.60
C CYS A 78 -1.15 -3.65 32.28
N GLY A 79 -1.71 -2.74 33.07
CA GLY A 79 -2.95 -3.02 33.77
C GLY A 79 -4.10 -2.20 33.24
N VAL A 80 -4.00 -0.88 33.37
CA VAL A 80 -5.05 0.02 32.90
C VAL A 80 -5.37 -0.23 31.43
N CYS A 81 -4.37 -0.12 30.58
CA CYS A 81 -4.55 -0.33 29.14
C CYS A 81 -4.34 -1.79 28.79
N ASN A 82 -3.54 -2.49 29.58
CA ASN A 82 -3.26 -3.90 29.35
C ASN A 82 -2.53 -4.11 28.03
N ARG A 83 -1.43 -3.38 27.86
CA ARG A 83 -0.64 -3.48 26.63
C ARG A 83 0.68 -4.23 26.90
N SER A 84 1.17 -4.92 25.88
CA SER A 84 2.41 -5.67 26.00
C SER A 84 3.60 -4.83 25.55
N PHE A 85 4.73 -4.98 26.24
CA PHE A 85 5.94 -4.24 25.91
C PHE A 85 7.12 -5.18 25.70
N SER A 86 8.17 -4.66 25.08
CA SER A 86 9.37 -5.47 24.82
C SER A 86 10.32 -5.44 26.01
N ARG A 87 10.68 -4.24 26.46
CA ARG A 87 11.58 -4.10 27.60
C ARG A 87 10.81 -3.64 28.83
N SER A 88 11.45 -3.77 29.99
CA SER A 88 10.82 -3.38 31.25
C SER A 88 10.88 -1.86 31.44
N ASP A 89 12.07 -1.29 31.25
CA ASP A 89 12.26 0.14 31.39
C ASP A 89 11.11 0.91 30.74
N HIS A 90 10.73 0.49 29.54
CA HIS A 90 9.65 1.14 28.81
C HIS A 90 8.35 1.09 29.61
N LEU A 91 8.07 -0.07 30.20
CA LEU A 91 6.87 -0.24 31.00
C LEU A 91 6.82 0.75 32.16
N ALA A 92 7.92 0.86 32.89
CA ALA A 92 8.00 1.77 34.01
C ALA A 92 7.61 3.19 33.60
N LEU A 93 8.24 3.68 32.54
CA LEU A 93 7.96 5.03 32.05
C LEU A 93 6.52 5.14 31.56
N HIS A 94 5.96 4.02 31.11
CA HIS A 94 4.58 3.99 30.62
C HIS A 94 3.60 4.13 31.78
N MET A 95 4.00 3.67 32.96
CA MET A 95 3.15 3.75 34.14
C MET A 95 2.97 5.20 34.58
N LYS A 96 4.07 5.94 34.65
CA LYS A 96 4.03 7.34 35.06
C LYS A 96 2.80 8.04 34.48
N ARG A 97 2.50 7.74 33.22
CA ARG A 97 1.35 8.34 32.55
C ARG A 97 0.05 7.84 33.16
N HIS A 98 -0.07 6.53 33.32
CA HIS A 98 -1.27 5.93 33.90
C HIS A 98 -1.54 6.49 35.29
N GLN A 99 -0.53 6.44 36.15
CA GLN A 99 -0.64 6.94 37.52
C GLN A 99 -0.71 8.46 37.53
N ASN A 100 -1.58 9.00 38.39
CA ASN A 100 -1.74 10.44 38.50
C ASN A 100 -1.34 10.92 39.90
N GLY A 1 43.18 45.81 -15.96
CA GLY A 1 42.01 45.68 -15.10
C GLY A 1 41.46 44.27 -15.08
N SER A 2 40.71 43.95 -14.02
CA SER A 2 40.13 42.62 -13.88
C SER A 2 38.93 42.66 -12.93
N SER A 3 38.24 41.52 -12.82
CA SER A 3 37.08 41.42 -11.94
C SER A 3 36.62 39.98 -11.82
N GLY A 4 35.61 39.75 -10.99
CA GLY A 4 35.09 38.41 -10.78
C GLY A 4 33.98 38.36 -9.76
N SER A 5 33.08 37.39 -9.92
CA SER A 5 31.95 37.24 -9.00
C SER A 5 31.23 35.92 -9.24
N SER A 6 30.71 35.33 -8.16
CA SER A 6 30.00 34.06 -8.25
C SER A 6 28.74 34.08 -7.38
N GLY A 7 27.93 33.03 -7.51
CA GLY A 7 26.71 32.95 -6.73
C GLY A 7 26.24 31.52 -6.54
N PRO A 8 26.08 31.11 -5.28
CA PRO A 8 25.64 29.76 -4.93
C PRO A 8 24.17 29.52 -5.30
N ASP A 9 23.70 28.30 -5.06
CA ASP A 9 22.31 27.95 -5.36
C ASP A 9 21.81 26.88 -4.39
N LEU A 10 20.50 26.60 -4.47
CA LEU A 10 19.89 25.60 -3.60
C LEU A 10 18.66 24.99 -4.26
N GLU A 11 18.11 23.96 -3.63
CA GLU A 11 16.93 23.28 -4.16
C GLU A 11 16.24 22.48 -3.06
N LYS A 12 14.91 22.35 -3.18
CA LYS A 12 14.13 21.60 -2.20
C LYS A 12 13.47 20.39 -2.86
N ARG A 13 13.57 19.24 -2.20
CA ARG A 13 12.98 18.01 -2.72
C ARG A 13 11.48 17.96 -2.42
N ARG A 14 10.68 17.86 -3.47
CA ARG A 14 9.23 17.80 -3.33
C ARG A 14 8.80 16.50 -2.67
N ILE A 15 7.55 16.43 -2.25
CA ILE A 15 7.01 15.24 -1.60
C ILE A 15 5.62 14.91 -2.14
N HIS A 16 5.32 13.61 -2.23
CA HIS A 16 4.03 13.16 -2.72
C HIS A 16 3.00 13.11 -1.59
N TYR A 17 1.76 13.45 -1.92
CA TYR A 17 0.69 13.46 -0.93
C TYR A 17 -0.37 12.41 -1.28
N CYS A 18 -0.45 11.36 -0.46
CA CYS A 18 -1.41 10.30 -0.67
C CYS A 18 -2.70 10.84 -1.30
N ASP A 19 -3.10 10.24 -2.41
CA ASP A 19 -4.32 10.66 -3.10
C ASP A 19 -5.55 10.01 -2.48
N TYR A 20 -5.51 9.83 -1.17
CA TYR A 20 -6.63 9.21 -0.45
C TYR A 20 -7.30 10.22 0.47
N PRO A 21 -8.64 10.20 0.49
CA PRO A 21 -9.44 11.11 1.32
C PRO A 21 -9.33 10.78 2.81
N GLY A 22 -8.98 11.78 3.61
CA GLY A 22 -8.84 11.58 5.04
C GLY A 22 -7.41 11.27 5.44
N CYS A 23 -6.80 10.31 4.75
CA CYS A 23 -5.42 9.92 5.04
C CYS A 23 -4.45 11.04 4.68
N THR A 24 -3.48 11.26 5.55
CA THR A 24 -2.48 12.30 5.33
C THR A 24 -1.08 11.71 5.20
N LYS A 25 -0.98 10.60 4.48
CA LYS A 25 0.29 9.93 4.28
C LYS A 25 1.08 10.58 3.14
N VAL A 26 2.39 10.66 3.30
CA VAL A 26 3.25 11.26 2.28
C VAL A 26 4.55 10.48 2.13
N TYR A 27 5.18 10.62 0.97
CA TYR A 27 6.43 9.93 0.70
C TYR A 27 7.30 10.72 -0.27
N THR A 28 8.43 11.23 0.24
CA THR A 28 9.35 12.01 -0.57
C THR A 28 9.43 11.46 -2.00
N LYS A 29 9.62 10.15 -2.11
CA LYS A 29 9.72 9.50 -3.41
C LYS A 29 8.39 8.86 -3.79
N SER A 30 8.20 8.65 -5.09
CA SER A 30 6.96 8.05 -5.59
C SER A 30 6.96 6.55 -5.33
N SER A 31 8.04 5.87 -5.70
CA SER A 31 8.15 4.44 -5.50
C SER A 31 7.59 4.02 -4.15
N HIS A 32 7.96 4.77 -3.12
CA HIS A 32 7.49 4.48 -1.76
C HIS A 32 5.97 4.64 -1.67
N LEU A 33 5.45 5.71 -2.25
CA LEU A 33 4.02 5.98 -2.23
C LEU A 33 3.24 4.79 -2.76
N LYS A 34 3.60 4.32 -3.94
CA LYS A 34 2.94 3.18 -4.56
C LYS A 34 2.67 2.09 -3.52
N ALA A 35 3.68 1.76 -2.73
CA ALA A 35 3.54 0.74 -1.70
C ALA A 35 2.35 1.02 -0.80
N HIS A 36 2.12 2.30 -0.52
CA HIS A 36 1.00 2.70 0.34
C HIS A 36 -0.33 2.42 -0.34
N LEU A 37 -0.51 2.95 -1.54
CA LEU A 37 -1.74 2.75 -2.30
C LEU A 37 -2.21 1.31 -2.22
N ARG A 38 -1.26 0.38 -2.33
CA ARG A 38 -1.57 -1.05 -2.27
C ARG A 38 -2.66 -1.32 -1.24
N THR A 39 -2.60 -0.60 -0.12
CA THR A 39 -3.59 -0.76 0.95
C THR A 39 -4.86 0.00 0.64
N HIS A 40 -4.72 1.17 0.02
CA HIS A 40 -5.86 2.00 -0.34
C HIS A 40 -6.60 1.42 -1.54
N THR A 41 -6.18 0.24 -1.98
CA THR A 41 -6.81 -0.42 -3.12
C THR A 41 -8.29 -0.66 -2.88
N GLY A 42 -9.06 -0.73 -3.95
CA GLY A 42 -10.49 -0.96 -3.82
C GLY A 42 -10.81 -2.17 -2.97
N GLU A 43 -11.19 -3.27 -3.62
CA GLU A 43 -11.51 -4.49 -2.91
C GLU A 43 -10.77 -5.69 -3.49
N LYS A 44 -10.77 -5.78 -4.82
CA LYS A 44 -10.08 -6.87 -5.51
C LYS A 44 -8.57 -6.79 -5.30
N PRO A 45 -8.03 -7.76 -4.54
CA PRO A 45 -6.60 -7.83 -4.26
C PRO A 45 -5.77 -8.18 -5.49
N TYR A 46 -6.23 -9.18 -6.23
CA TYR A 46 -5.53 -9.62 -7.43
C TYR A 46 -5.70 -8.61 -8.56
N LYS A 47 -4.59 -8.06 -9.04
CA LYS A 47 -4.62 -7.08 -10.12
C LYS A 47 -3.66 -7.47 -11.24
N CYS A 48 -3.81 -6.83 -12.39
CA CYS A 48 -2.96 -7.12 -13.54
C CYS A 48 -1.74 -6.20 -13.54
N THR A 49 -0.57 -6.77 -13.25
CA THR A 49 0.68 -6.01 -13.22
C THR A 49 1.23 -5.82 -14.63
N TRP A 50 0.35 -5.48 -15.57
CA TRP A 50 0.76 -5.27 -16.96
C TRP A 50 0.71 -3.79 -17.31
N GLU A 51 1.56 -3.38 -18.25
CA GLU A 51 1.61 -2.00 -18.69
C GLU A 51 0.27 -1.56 -19.29
N GLY A 52 -0.28 -0.47 -18.76
CA GLY A 52 -1.55 0.02 -19.27
C GLY A 52 -2.73 -0.71 -18.67
N CYS A 53 -2.73 -2.03 -18.77
CA CYS A 53 -3.81 -2.85 -18.24
C CYS A 53 -3.97 -2.62 -16.74
N ASP A 54 -5.22 -2.40 -16.31
CA ASP A 54 -5.50 -2.16 -14.90
C ASP A 54 -6.71 -2.98 -14.45
N TRP A 55 -6.88 -4.16 -15.04
CA TRP A 55 -8.00 -5.03 -14.71
C TRP A 55 -7.67 -5.89 -13.49
N ARG A 56 -8.62 -5.99 -12.57
CA ARG A 56 -8.44 -6.78 -11.36
C ARG A 56 -9.41 -7.97 -11.33
N PHE A 57 -9.18 -8.89 -10.40
CA PHE A 57 -10.03 -10.07 -10.26
C PHE A 57 -10.16 -10.48 -8.80
N ALA A 58 -11.32 -11.01 -8.44
CA ALA A 58 -11.57 -11.44 -7.08
C ALA A 58 -10.84 -12.74 -6.77
N ARG A 59 -10.90 -13.68 -7.72
CA ARG A 59 -10.24 -14.97 -7.56
C ARG A 59 -8.81 -14.93 -8.10
N SER A 60 -7.96 -15.80 -7.59
CA SER A 60 -6.57 -15.87 -8.02
C SER A 60 -6.46 -16.47 -9.42
N ASP A 61 -7.09 -17.64 -9.60
CA ASP A 61 -7.06 -18.32 -10.89
C ASP A 61 -7.44 -17.36 -12.02
N GLU A 62 -8.53 -16.64 -11.83
CA GLU A 62 -9.00 -15.69 -12.84
C GLU A 62 -7.85 -14.85 -13.37
N LEU A 63 -7.19 -14.12 -12.47
CA LEU A 63 -6.07 -13.27 -12.84
C LEU A 63 -5.04 -14.06 -13.66
N THR A 64 -4.55 -15.16 -13.09
CA THR A 64 -3.57 -15.99 -13.75
C THR A 64 -3.95 -16.23 -15.21
N ARG A 65 -5.19 -16.66 -15.43
CA ARG A 65 -5.67 -16.94 -16.78
C ARG A 65 -5.64 -15.67 -17.63
N HIS A 66 -6.06 -14.55 -17.05
CA HIS A 66 -6.07 -13.28 -17.76
C HIS A 66 -4.66 -12.89 -18.20
N TYR A 67 -3.72 -12.92 -17.26
CA TYR A 67 -2.34 -12.57 -17.55
C TYR A 67 -1.82 -13.33 -18.77
N ARG A 68 -2.13 -14.62 -18.81
CA ARG A 68 -1.69 -15.46 -19.93
C ARG A 68 -2.00 -14.80 -21.26
N LYS A 69 -3.22 -14.31 -21.41
CA LYS A 69 -3.64 -13.65 -22.64
C LYS A 69 -2.56 -12.69 -23.14
N HIS A 70 -2.01 -11.91 -22.21
CA HIS A 70 -0.98 -10.94 -22.56
C HIS A 70 0.28 -11.65 -23.06
N THR A 71 0.62 -12.77 -22.42
CA THR A 71 1.79 -13.55 -22.79
C THR A 71 1.48 -14.50 -23.94
N GLY A 72 0.57 -14.09 -24.81
CA GLY A 72 0.20 -14.91 -25.94
C GLY A 72 -0.68 -16.08 -25.55
N ALA A 73 -1.10 -16.85 -26.54
CA ALA A 73 -1.95 -18.02 -26.29
C ALA A 73 -1.27 -19.30 -26.75
N LYS A 74 -1.78 -20.43 -26.27
CA LYS A 74 -1.21 -21.73 -26.63
C LYS A 74 -2.30 -22.65 -27.19
N PRO A 75 -2.51 -22.58 -28.51
CA PRO A 75 -3.51 -23.41 -29.20
C PRO A 75 -3.13 -24.87 -29.24
N PHE A 76 -1.95 -25.20 -28.70
CA PHE A 76 -1.47 -26.57 -28.67
C PHE A 76 -1.24 -27.04 -27.23
N GLN A 77 -2.27 -27.61 -26.62
CA GLN A 77 -2.18 -28.10 -25.25
C GLN A 77 -2.32 -29.61 -25.21
N CYS A 78 -1.34 -30.28 -24.62
CA CYS A 78 -1.35 -31.73 -24.50
C CYS A 78 -2.17 -32.18 -23.30
N GLY A 79 -2.36 -33.48 -23.16
CA GLY A 79 -3.12 -34.02 -22.05
C GLY A 79 -2.24 -34.66 -20.99
N VAL A 80 -1.53 -35.71 -21.37
CA VAL A 80 -0.64 -36.41 -20.45
C VAL A 80 0.34 -35.44 -19.79
N CYS A 81 1.21 -34.85 -20.59
CA CYS A 81 2.19 -33.91 -20.09
C CYS A 81 1.56 -32.55 -19.80
N ASN A 82 0.49 -32.24 -20.53
CA ASN A 82 -0.22 -30.97 -20.34
C ASN A 82 0.70 -29.79 -20.62
N ARG A 83 1.53 -29.93 -21.65
CA ARG A 83 2.47 -28.87 -22.02
C ARG A 83 1.92 -28.04 -23.17
N SER A 84 2.67 -27.02 -23.57
CA SER A 84 2.26 -26.15 -24.66
C SER A 84 3.29 -26.16 -25.79
N PHE A 85 2.82 -26.03 -27.02
CA PHE A 85 3.70 -26.02 -28.19
C PHE A 85 3.40 -24.83 -29.09
N SER A 86 4.25 -24.62 -30.09
CA SER A 86 4.07 -23.51 -31.03
C SER A 86 3.57 -24.01 -32.38
N ARG A 87 4.20 -25.06 -32.88
CA ARG A 87 3.82 -25.64 -34.16
C ARG A 87 2.93 -26.86 -33.97
N SER A 88 2.01 -27.07 -34.91
CA SER A 88 1.10 -28.21 -34.84
C SER A 88 1.86 -29.53 -34.90
N ASP A 89 2.64 -29.71 -35.97
CA ASP A 89 3.42 -30.92 -36.16
C ASP A 89 4.11 -31.33 -34.86
N HIS A 90 4.69 -30.34 -34.17
CA HIS A 90 5.38 -30.59 -32.91
C HIS A 90 4.47 -31.35 -31.94
N LEU A 91 3.23 -30.91 -31.84
CA LEU A 91 2.26 -31.55 -30.94
C LEU A 91 1.89 -32.93 -31.44
N ALA A 92 1.29 -32.99 -32.63
CA ALA A 92 0.89 -34.26 -33.23
C ALA A 92 2.00 -35.29 -33.12
N LEU A 93 3.20 -34.92 -33.51
CA LEU A 93 4.36 -35.81 -33.46
C LEU A 93 4.72 -36.15 -32.02
N HIS A 94 4.74 -35.13 -31.16
CA HIS A 94 5.07 -35.31 -29.76
C HIS A 94 4.18 -36.39 -29.13
N MET A 95 2.88 -36.32 -29.41
CA MET A 95 1.94 -37.28 -28.88
C MET A 95 2.50 -38.70 -28.94
N LYS A 96 3.10 -39.05 -30.08
CA LYS A 96 3.68 -40.37 -30.27
C LYS A 96 4.65 -40.70 -29.13
N ARG A 97 5.50 -39.73 -28.79
CA ARG A 97 6.48 -39.92 -27.72
C ARG A 97 5.84 -40.56 -26.49
N HIS A 98 4.74 -39.96 -26.04
CA HIS A 98 4.03 -40.47 -24.86
C HIS A 98 3.86 -41.98 -24.95
N GLN A 99 3.51 -42.47 -26.14
CA GLN A 99 3.31 -43.90 -26.35
C GLN A 99 4.65 -44.64 -26.40
N ASN A 100 5.18 -44.97 -25.23
CA ASN A 100 6.45 -45.67 -25.13
C ASN A 100 6.31 -46.94 -24.31
N GLY A 1 42.15 21.17 -32.18
CA GLY A 1 40.86 21.18 -32.83
C GLY A 1 39.71 21.12 -31.84
N SER A 2 38.48 21.18 -32.34
CA SER A 2 37.30 21.14 -31.50
C SER A 2 36.06 20.76 -32.31
N SER A 3 35.32 19.78 -31.82
CA SER A 3 34.11 19.32 -32.50
C SER A 3 32.91 20.16 -32.09
N GLY A 4 32.61 20.15 -30.79
CA GLY A 4 31.47 20.91 -30.29
C GLY A 4 31.10 20.53 -28.86
N SER A 5 29.83 20.66 -28.53
CA SER A 5 29.35 20.34 -27.19
C SER A 5 27.82 20.33 -27.15
N SER A 6 27.28 19.97 -25.99
CA SER A 6 25.83 19.92 -25.81
C SER A 6 25.43 20.39 -24.42
N GLY A 7 24.13 20.48 -24.18
CA GLY A 7 23.64 20.92 -22.89
C GLY A 7 23.09 19.78 -22.06
N PRO A 8 23.54 19.69 -20.80
CA PRO A 8 23.10 18.64 -19.87
C PRO A 8 21.64 18.81 -19.45
N ASP A 9 21.19 17.95 -18.55
CA ASP A 9 19.81 18.01 -18.06
C ASP A 9 19.78 18.42 -16.59
N LEU A 10 18.58 18.71 -16.09
CA LEU A 10 18.41 19.12 -14.70
C LEU A 10 17.35 18.27 -14.00
N GLU A 11 17.16 18.51 -12.71
CA GLU A 11 16.17 17.77 -11.94
C GLU A 11 15.74 18.56 -10.71
N LYS A 12 14.70 18.08 -10.04
CA LYS A 12 14.18 18.74 -8.85
C LYS A 12 13.65 17.72 -7.84
N ARG A 13 13.28 18.20 -6.67
CA ARG A 13 12.76 17.32 -5.61
C ARG A 13 11.41 17.82 -5.11
N ARG A 14 10.46 16.91 -5.00
CA ARG A 14 9.12 17.26 -4.53
C ARG A 14 8.58 16.20 -3.58
N ILE A 15 7.40 16.46 -3.02
CA ILE A 15 6.77 15.51 -2.09
C ILE A 15 5.47 14.97 -2.67
N HIS A 16 5.22 13.68 -2.43
CA HIS A 16 4.01 13.04 -2.93
C HIS A 16 2.99 12.87 -1.79
N TYR A 17 1.86 13.55 -1.92
CA TYR A 17 0.82 13.48 -0.90
C TYR A 17 -0.24 12.46 -1.30
N CYS A 18 -0.40 11.42 -0.48
CA CYS A 18 -1.37 10.38 -0.74
C CYS A 18 -2.64 10.95 -1.35
N ASP A 19 -3.02 10.45 -2.51
CA ASP A 19 -4.21 10.91 -3.20
C ASP A 19 -5.47 10.24 -2.63
N TYR A 20 -5.51 10.11 -1.31
CA TYR A 20 -6.64 9.49 -0.64
C TYR A 20 -7.30 10.46 0.34
N PRO A 21 -8.63 10.57 0.26
CA PRO A 21 -9.41 11.46 1.13
C PRO A 21 -9.44 10.98 2.57
N GLY A 22 -8.85 11.77 3.46
CA GLY A 22 -8.82 11.40 4.87
C GLY A 22 -7.43 11.02 5.33
N CYS A 23 -6.77 10.14 4.58
CA CYS A 23 -5.44 9.68 4.92
C CYS A 23 -4.43 10.83 4.85
N THR A 24 -3.55 10.91 5.85
CA THR A 24 -2.54 11.95 5.90
C THR A 24 -1.14 11.38 5.77
N LYS A 25 -0.98 10.43 4.85
CA LYS A 25 0.31 9.81 4.62
C LYS A 25 1.00 10.40 3.39
N VAL A 26 2.30 10.68 3.52
CA VAL A 26 3.06 11.25 2.43
C VAL A 26 4.42 10.57 2.30
N TYR A 27 4.96 10.54 1.09
CA TYR A 27 6.25 9.92 0.83
C TYR A 27 7.09 10.78 -0.10
N THR A 28 8.34 11.03 0.29
CA THR A 28 9.25 11.84 -0.51
C THR A 28 9.40 11.28 -1.92
N LYS A 29 9.61 9.98 -2.01
CA LYS A 29 9.76 9.32 -3.30
C LYS A 29 8.43 8.69 -3.75
N SER A 30 8.18 8.74 -5.05
CA SER A 30 6.95 8.18 -5.61
C SER A 30 6.92 6.66 -5.46
N SER A 31 8.06 6.03 -5.77
CA SER A 31 8.16 4.58 -5.67
C SER A 31 7.59 4.08 -4.34
N HIS A 32 7.95 4.75 -3.26
CA HIS A 32 7.47 4.37 -1.93
C HIS A 32 5.96 4.54 -1.83
N LEU A 33 5.46 5.70 -2.25
CA LEU A 33 4.04 5.99 -2.21
C LEU A 33 3.23 4.78 -2.70
N LYS A 34 3.51 4.35 -3.93
CA LYS A 34 2.82 3.22 -4.52
C LYS A 34 2.61 2.11 -3.49
N ALA A 35 3.68 1.73 -2.81
CA ALA A 35 3.63 0.69 -1.80
C ALA A 35 2.48 0.94 -0.82
N HIS A 36 2.36 2.19 -0.36
CA HIS A 36 1.31 2.55 0.57
C HIS A 36 -0.07 2.39 -0.06
N LEU A 37 -0.28 3.05 -1.20
CA LEU A 37 -1.55 2.98 -1.89
C LEU A 37 -2.13 1.57 -1.84
N ARG A 38 -1.28 0.57 -2.11
CA ARG A 38 -1.69 -0.81 -2.10
C ARG A 38 -2.69 -1.07 -0.97
N THR A 39 -2.29 -0.71 0.25
CA THR A 39 -3.14 -0.91 1.42
C THR A 39 -4.53 -0.32 1.19
N HIS A 40 -4.57 0.92 0.70
CA HIS A 40 -5.83 1.59 0.43
C HIS A 40 -6.72 0.75 -0.48
N THR A 41 -6.13 0.20 -1.54
CA THR A 41 -6.85 -0.62 -2.50
C THR A 41 -6.22 -2.00 -2.64
N GLY A 42 -6.66 -2.94 -1.81
CA GLY A 42 -6.12 -4.28 -1.86
C GLY A 42 -6.99 -5.23 -2.68
N GLU A 43 -7.48 -4.74 -3.82
CA GLU A 43 -8.33 -5.56 -4.68
C GLU A 43 -7.56 -6.04 -5.90
N LYS A 44 -6.33 -6.51 -5.68
CA LYS A 44 -5.49 -7.00 -6.76
C LYS A 44 -4.93 -8.37 -6.42
N PRO A 45 -5.80 -9.39 -6.46
CA PRO A 45 -5.41 -10.78 -6.17
C PRO A 45 -4.50 -11.36 -7.24
N TYR A 46 -4.67 -10.90 -8.47
CA TYR A 46 -3.88 -11.39 -9.60
C TYR A 46 -2.55 -10.63 -9.70
N LYS A 47 -1.45 -11.38 -9.72
CA LYS A 47 -0.13 -10.79 -9.80
C LYS A 47 0.68 -11.42 -10.93
N CYS A 48 1.66 -10.69 -11.44
CA CYS A 48 2.51 -11.19 -12.51
C CYS A 48 3.54 -12.19 -11.97
N THR A 49 3.40 -13.45 -12.39
CA THR A 49 4.32 -14.50 -11.94
C THR A 49 5.62 -14.45 -12.72
N TRP A 50 6.15 -13.25 -12.92
CA TRP A 50 7.40 -13.07 -13.65
C TRP A 50 8.53 -12.70 -12.71
N GLU A 51 9.76 -13.02 -13.12
CA GLU A 51 10.94 -12.72 -12.31
C GLU A 51 11.29 -11.24 -12.40
N GLY A 52 11.05 -10.51 -11.31
CA GLY A 52 11.35 -9.09 -11.29
C GLY A 52 10.10 -8.23 -11.31
N CYS A 53 9.17 -8.57 -12.21
CA CYS A 53 7.92 -7.82 -12.33
C CYS A 53 7.03 -8.04 -11.12
N ASP A 54 6.54 -6.97 -10.53
CA ASP A 54 5.67 -7.05 -9.37
C ASP A 54 4.38 -6.25 -9.58
N TRP A 55 3.89 -6.25 -10.82
CA TRP A 55 2.68 -5.52 -11.17
C TRP A 55 1.46 -6.42 -11.05
N ARG A 56 0.42 -5.91 -10.38
CA ARG A 56 -0.81 -6.67 -10.21
C ARG A 56 -1.97 -6.00 -10.91
N PHE A 57 -3.03 -6.76 -11.17
CA PHE A 57 -4.22 -6.23 -11.83
C PHE A 57 -5.49 -6.64 -11.10
N ALA A 58 -6.44 -5.73 -11.02
CA ALA A 58 -7.70 -5.99 -10.33
C ALA A 58 -8.42 -7.18 -10.97
N ARG A 59 -8.48 -7.19 -12.29
CA ARG A 59 -9.15 -8.27 -13.02
C ARG A 59 -8.12 -9.21 -13.65
N SER A 60 -8.49 -10.48 -13.78
CA SER A 60 -7.60 -11.48 -14.35
C SER A 60 -7.25 -11.12 -15.79
N ASP A 61 -8.28 -10.99 -16.63
CA ASP A 61 -8.08 -10.65 -18.03
C ASP A 61 -7.01 -9.58 -18.19
N GLU A 62 -7.12 -8.51 -17.41
CA GLU A 62 -6.15 -7.41 -17.47
C GLU A 62 -4.73 -7.95 -17.44
N LEU A 63 -4.42 -8.76 -16.43
CA LEU A 63 -3.09 -9.34 -16.28
C LEU A 63 -2.69 -10.10 -17.54
N THR A 64 -3.62 -10.87 -18.09
CA THR A 64 -3.36 -11.65 -19.30
C THR A 64 -2.81 -10.77 -20.41
N ARG A 65 -3.40 -9.59 -20.58
CA ARG A 65 -2.96 -8.65 -21.61
C ARG A 65 -1.53 -8.19 -21.35
N HIS A 66 -1.23 -7.89 -20.09
CA HIS A 66 0.10 -7.43 -19.70
C HIS A 66 1.13 -8.54 -19.90
N TYR A 67 0.77 -9.76 -19.49
CA TYR A 67 1.66 -10.90 -19.61
C TYR A 67 2.13 -11.07 -21.05
N ARG A 68 1.20 -10.94 -21.99
CA ARG A 68 1.52 -11.08 -23.41
C ARG A 68 2.79 -10.32 -23.76
N LYS A 69 2.91 -9.10 -23.23
CA LYS A 69 4.08 -8.28 -23.49
C LYS A 69 5.36 -9.00 -23.09
N HIS A 70 5.36 -9.57 -21.88
CA HIS A 70 6.53 -10.29 -21.39
C HIS A 70 7.01 -11.31 -22.41
N THR A 71 6.08 -12.08 -22.97
CA THR A 71 6.41 -13.09 -23.96
C THR A 71 6.37 -12.52 -25.37
N GLY A 72 6.66 -11.23 -25.49
CA GLY A 72 6.65 -10.58 -26.79
C GLY A 72 7.26 -9.20 -26.76
N ALA A 73 6.42 -8.17 -26.76
CA ALA A 73 6.90 -6.80 -26.72
C ALA A 73 7.99 -6.61 -25.68
N LYS A 74 8.88 -5.66 -25.92
CA LYS A 74 9.98 -5.38 -24.99
C LYS A 74 9.46 -5.22 -23.56
N PRO A 75 10.29 -5.62 -22.59
CA PRO A 75 9.93 -5.53 -21.17
C PRO A 75 9.89 -4.10 -20.67
N PHE A 76 10.41 -3.17 -21.47
CA PHE A 76 10.42 -1.76 -21.12
C PHE A 76 9.39 -0.99 -21.92
N GLN A 77 8.18 -0.86 -21.36
CA GLN A 77 7.10 -0.15 -22.03
C GLN A 77 6.44 0.86 -21.09
N CYS A 78 6.64 2.14 -21.38
CA CYS A 78 6.06 3.20 -20.55
C CYS A 78 4.54 3.05 -20.47
N GLY A 79 3.92 3.86 -19.61
CA GLY A 79 2.49 3.81 -19.45
C GLY A 79 1.79 5.01 -20.05
N VAL A 80 2.21 6.21 -19.64
CA VAL A 80 1.62 7.45 -20.14
C VAL A 80 1.78 7.55 -21.65
N CYS A 81 3.03 7.59 -22.10
CA CYS A 81 3.33 7.69 -23.53
C CYS A 81 3.25 6.33 -24.19
N ASN A 82 3.51 5.28 -23.42
CA ASN A 82 3.48 3.92 -23.95
C ASN A 82 4.54 3.71 -25.01
N ARG A 83 5.79 4.03 -24.67
CA ARG A 83 6.90 3.89 -25.61
C ARG A 83 7.62 2.56 -25.39
N SER A 84 8.69 2.34 -26.14
CA SER A 84 9.47 1.12 -26.03
C SER A 84 10.96 1.42 -25.93
N PHE A 85 11.68 0.59 -25.17
CA PHE A 85 13.11 0.77 -25.00
C PHE A 85 13.80 -0.56 -24.72
N SER A 86 15.09 -0.64 -25.04
CA SER A 86 15.85 -1.86 -24.83
C SER A 86 17.01 -1.61 -23.86
N ARG A 87 16.74 -0.83 -22.82
CA ARG A 87 17.76 -0.52 -21.82
C ARG A 87 17.12 0.05 -20.56
N SER A 88 17.20 -0.70 -19.47
CA SER A 88 16.63 -0.28 -18.19
C SER A 88 16.99 1.17 -17.89
N ASP A 89 18.28 1.46 -17.90
CA ASP A 89 18.77 2.82 -17.64
C ASP A 89 18.08 3.83 -18.52
N HIS A 90 17.94 3.49 -19.80
CA HIS A 90 17.29 4.39 -20.76
C HIS A 90 15.86 4.71 -20.32
N LEU A 91 15.10 3.67 -20.00
CA LEU A 91 13.72 3.85 -19.57
C LEU A 91 13.64 4.72 -18.32
N ALA A 92 14.36 4.32 -17.28
CA ALA A 92 14.37 5.07 -16.03
C ALA A 92 14.44 6.57 -16.30
N LEU A 93 15.53 7.00 -16.93
CA LEU A 93 15.74 8.41 -17.24
C LEU A 93 14.55 8.96 -18.02
N HIS A 94 14.08 8.20 -19.00
CA HIS A 94 12.95 8.61 -19.82
C HIS A 94 11.74 8.93 -18.95
N MET A 95 11.41 8.02 -18.04
CA MET A 95 10.27 8.20 -17.15
C MET A 95 10.30 9.59 -16.51
N LYS A 96 11.48 10.02 -16.08
CA LYS A 96 11.65 11.33 -15.45
C LYS A 96 10.71 12.35 -16.08
N ARG A 97 10.56 12.28 -17.41
CA ARG A 97 9.69 13.19 -18.12
C ARG A 97 8.29 13.21 -17.53
N HIS A 98 7.71 12.03 -17.37
CA HIS A 98 6.37 11.90 -16.80
C HIS A 98 6.40 12.04 -15.28
N GLN A 99 7.22 11.21 -14.64
CA GLN A 99 7.35 11.23 -13.19
C GLN A 99 7.38 12.67 -12.67
N ASN A 100 6.31 13.07 -11.97
CA ASN A 100 6.21 14.41 -11.43
C ASN A 100 6.93 14.51 -10.08
N GLY A 1 41.64 38.33 -25.02
CA GLY A 1 40.41 38.43 -24.25
C GLY A 1 40.11 37.15 -23.48
N SER A 2 39.47 37.29 -22.33
CA SER A 2 39.12 36.14 -21.50
C SER A 2 38.14 36.52 -20.41
N SER A 3 37.14 35.68 -20.18
CA SER A 3 36.13 35.95 -19.16
C SER A 3 35.36 34.68 -18.82
N GLY A 4 34.53 34.75 -17.78
CA GLY A 4 33.74 33.60 -17.37
C GLY A 4 33.00 33.84 -16.08
N SER A 5 31.88 33.15 -15.90
CA SER A 5 31.07 33.29 -14.69
C SER A 5 30.19 32.06 -14.48
N SER A 6 29.83 31.82 -13.23
CA SER A 6 28.99 30.67 -12.88
C SER A 6 28.27 30.91 -11.56
N GLY A 7 27.11 30.27 -11.41
CA GLY A 7 26.33 30.42 -10.19
C GLY A 7 25.14 29.48 -10.14
N PRO A 8 25.42 28.17 -10.10
CA PRO A 8 24.37 27.14 -10.05
C PRO A 8 23.63 27.13 -8.72
N ASP A 9 22.32 27.35 -8.77
CA ASP A 9 21.50 27.35 -7.56
C ASP A 9 20.15 26.70 -7.82
N LEU A 10 19.96 25.51 -7.26
CA LEU A 10 18.70 24.77 -7.42
C LEU A 10 18.10 24.41 -6.07
N GLU A 11 16.78 24.44 -6.00
CA GLU A 11 16.07 24.11 -4.76
C GLU A 11 14.64 23.68 -5.04
N LYS A 12 14.27 22.50 -4.56
CA LYS A 12 12.93 21.98 -4.77
C LYS A 12 12.61 20.90 -3.73
N ARG A 13 11.32 20.61 -3.58
CA ARG A 13 10.88 19.60 -2.62
C ARG A 13 10.00 18.55 -3.30
N ARG A 14 10.57 17.40 -3.58
CA ARG A 14 9.83 16.31 -4.23
C ARG A 14 9.07 15.49 -3.20
N ILE A 15 7.80 15.84 -3.00
CA ILE A 15 6.95 15.12 -2.04
C ILE A 15 5.59 14.80 -2.65
N HIS A 16 5.18 13.55 -2.53
CA HIS A 16 3.89 13.11 -3.06
C HIS A 16 2.85 13.01 -1.94
N TYR A 17 1.75 13.73 -2.11
CA TYR A 17 0.68 13.72 -1.12
C TYR A 17 -0.38 12.69 -1.48
N CYS A 18 -0.51 11.66 -0.64
CA CYS A 18 -1.49 10.61 -0.88
C CYS A 18 -2.76 11.18 -1.50
N ASP A 19 -3.27 10.51 -2.53
CA ASP A 19 -4.48 10.94 -3.21
C ASP A 19 -5.71 10.26 -2.62
N TYR A 20 -5.71 10.08 -1.30
CA TYR A 20 -6.83 9.44 -0.61
C TYR A 20 -7.48 10.40 0.37
N PRO A 21 -8.83 10.41 0.39
CA PRO A 21 -9.60 11.28 1.27
C PRO A 21 -9.49 10.84 2.73
N GLY A 22 -9.04 11.76 3.59
CA GLY A 22 -8.91 11.46 5.00
C GLY A 22 -7.50 11.03 5.37
N CYS A 23 -6.87 10.24 4.50
CA CYS A 23 -5.52 9.77 4.74
C CYS A 23 -4.54 10.94 4.89
N THR A 24 -3.52 10.74 5.71
CA THR A 24 -2.52 11.79 5.95
C THR A 24 -1.11 11.24 5.80
N LYS A 25 -0.96 10.23 4.94
CA LYS A 25 0.34 9.61 4.70
C LYS A 25 0.98 10.18 3.44
N VAL A 26 2.30 10.38 3.49
CA VAL A 26 3.04 10.91 2.36
C VAL A 26 4.47 10.41 2.34
N TYR A 27 5.09 10.46 1.16
CA TYR A 27 6.48 9.99 1.01
C TYR A 27 7.23 10.85 0.01
N THR A 28 8.50 11.13 0.31
CA THR A 28 9.32 11.94 -0.58
C THR A 28 9.37 11.36 -1.99
N LYS A 29 9.77 10.09 -2.08
CA LYS A 29 9.86 9.42 -3.37
C LYS A 29 8.50 8.85 -3.78
N SER A 30 8.34 8.60 -5.07
CA SER A 30 7.08 8.06 -5.59
C SER A 30 7.01 6.56 -5.37
N SER A 31 8.05 5.85 -5.80
CA SER A 31 8.10 4.39 -5.65
C SER A 31 7.54 3.97 -4.29
N HIS A 32 7.98 4.66 -3.23
CA HIS A 32 7.52 4.35 -1.89
C HIS A 32 6.02 4.57 -1.76
N LEU A 33 5.55 5.71 -2.24
CA LEU A 33 4.13 6.05 -2.18
C LEU A 33 3.29 4.92 -2.75
N LYS A 34 3.72 4.37 -3.88
CA LYS A 34 3.01 3.28 -4.53
C LYS A 34 2.72 2.15 -3.55
N ALA A 35 3.74 1.77 -2.79
CA ALA A 35 3.59 0.71 -1.80
C ALA A 35 2.51 1.04 -0.77
N HIS A 36 2.42 2.33 -0.43
CA HIS A 36 1.43 2.79 0.54
C HIS A 36 0.01 2.65 -0.02
N LEU A 37 -0.23 3.30 -1.14
CA LEU A 37 -1.54 3.26 -1.78
C LEU A 37 -2.16 1.88 -1.67
N ARG A 38 -1.34 0.85 -1.84
CA ARG A 38 -1.80 -0.54 -1.75
C ARG A 38 -2.81 -0.69 -0.62
N THR A 39 -2.46 -0.17 0.55
CA THR A 39 -3.34 -0.25 1.71
C THR A 39 -4.79 0.05 1.34
N HIS A 40 -5.02 1.22 0.77
CA HIS A 40 -6.37 1.62 0.35
C HIS A 40 -6.95 0.61 -0.62
N THR A 41 -6.12 0.09 -1.50
CA THR A 41 -6.56 -0.89 -2.49
C THR A 41 -5.58 -2.06 -2.60
N GLY A 42 -5.91 -3.16 -1.94
CA GLY A 42 -5.05 -4.32 -1.96
C GLY A 42 -5.58 -5.46 -1.11
N GLU A 43 -5.85 -6.60 -1.74
CA GLU A 43 -6.36 -7.76 -1.02
C GLU A 43 -5.37 -8.22 0.06
N LYS A 44 -5.75 -8.04 1.32
CA LYS A 44 -4.91 -8.43 2.44
C LYS A 44 -5.63 -9.43 3.34
N PRO A 45 -5.75 -10.68 2.86
CA PRO A 45 -6.42 -11.74 3.62
C PRO A 45 -5.62 -12.18 4.84
N TYR A 46 -4.41 -11.63 4.98
CA TYR A 46 -3.54 -11.96 6.10
C TYR A 46 -3.92 -11.17 7.34
N LYS A 47 -4.85 -11.70 8.13
CA LYS A 47 -5.31 -11.02 9.34
C LYS A 47 -4.55 -11.55 10.56
N CYS A 48 -3.95 -10.62 11.31
CA CYS A 48 -3.19 -10.99 12.50
C CYS A 48 -3.94 -12.04 13.32
N THR A 49 -3.23 -13.09 13.70
CA THR A 49 -3.83 -14.17 14.50
C THR A 49 -3.92 -13.79 15.96
N TRP A 50 -4.28 -12.53 16.22
CA TRP A 50 -4.41 -12.04 17.59
C TRP A 50 -5.87 -11.83 17.96
N GLU A 51 -6.15 -11.82 19.26
CA GLU A 51 -7.51 -11.63 19.75
C GLU A 51 -7.88 -10.15 19.76
N GLY A 52 -8.81 -9.77 18.89
CA GLY A 52 -9.24 -8.38 18.82
C GLY A 52 -8.59 -7.64 17.66
N CYS A 53 -7.28 -7.81 17.51
CA CYS A 53 -6.55 -7.15 16.44
C CYS A 53 -7.37 -7.11 15.15
N ASP A 54 -7.38 -5.96 14.49
CA ASP A 54 -8.13 -5.81 13.24
C ASP A 54 -7.19 -5.41 12.10
N TRP A 55 -5.92 -5.79 12.22
CA TRP A 55 -4.93 -5.48 11.20
C TRP A 55 -4.83 -6.61 10.19
N ARG A 56 -4.51 -6.26 8.94
CA ARG A 56 -4.36 -7.25 7.88
C ARG A 56 -3.11 -6.97 7.05
N PHE A 57 -2.78 -7.91 6.17
CA PHE A 57 -1.60 -7.78 5.31
C PHE A 57 -1.77 -8.59 4.03
N ALA A 58 -0.76 -8.54 3.17
CA ALA A 58 -0.79 -9.26 1.92
C ALA A 58 0.26 -10.37 1.90
N ARG A 59 1.37 -10.14 2.60
CA ARG A 59 2.46 -11.11 2.67
C ARG A 59 2.64 -11.63 4.09
N SER A 60 3.56 -12.58 4.26
CA SER A 60 3.83 -13.15 5.56
C SER A 60 4.70 -12.23 6.39
N ASP A 61 5.95 -12.04 5.96
CA ASP A 61 6.89 -11.18 6.66
C ASP A 61 6.17 -9.96 7.25
N GLU A 62 5.38 -9.28 6.42
CA GLU A 62 4.65 -8.11 6.85
C GLU A 62 3.92 -8.37 8.17
N LEU A 63 3.16 -9.45 8.21
CA LEU A 63 2.42 -9.82 9.40
C LEU A 63 3.35 -10.37 10.48
N THR A 64 4.08 -11.43 10.14
CA THR A 64 5.01 -12.04 11.07
C THR A 64 5.71 -11.01 11.92
N ARG A 65 6.28 -10.00 11.27
CA ARG A 65 6.99 -8.93 11.97
C ARG A 65 6.07 -8.24 12.99
N HIS A 66 4.85 -7.96 12.56
CA HIS A 66 3.87 -7.30 13.43
C HIS A 66 3.50 -8.21 14.61
N TYR A 67 3.32 -9.49 14.33
CA TYR A 67 2.97 -10.47 15.35
C TYR A 67 3.93 -10.39 16.53
N ARG A 68 5.19 -10.10 16.24
CA ARG A 68 6.21 -9.99 17.28
C ARG A 68 5.82 -8.96 18.33
N LYS A 69 5.51 -7.75 17.86
CA LYS A 69 5.12 -6.66 18.77
C LYS A 69 4.19 -7.18 19.85
N HIS A 70 3.11 -7.83 19.45
CA HIS A 70 2.13 -8.37 20.39
C HIS A 70 2.83 -9.12 21.52
N THR A 71 3.76 -10.00 21.14
CA THR A 71 4.50 -10.79 22.13
C THR A 71 5.54 -9.94 22.84
N GLY A 72 6.02 -8.90 22.16
CA GLY A 72 7.02 -8.03 22.74
C GLY A 72 6.50 -7.29 23.96
N ALA A 73 7.29 -7.29 25.02
CA ALA A 73 6.91 -6.61 26.26
C ALA A 73 7.02 -5.10 26.11
N LYS A 74 6.02 -4.48 25.50
CA LYS A 74 6.01 -3.04 25.30
C LYS A 74 5.91 -2.31 26.63
N PRO A 75 6.39 -1.05 26.64
CA PRO A 75 6.37 -0.21 27.85
C PRO A 75 4.96 0.21 28.24
N PHE A 76 3.98 -0.20 27.44
CA PHE A 76 2.59 0.13 27.71
C PHE A 76 1.69 -1.08 27.48
N GLN A 77 1.07 -1.55 28.56
CA GLN A 77 0.18 -2.70 28.48
C GLN A 77 -1.14 -2.43 29.21
N CYS A 78 -2.25 -2.64 28.52
CA CYS A 78 -3.57 -2.41 29.10
C CYS A 78 -3.80 -3.33 30.30
N GLY A 79 -4.95 -3.18 30.93
CA GLY A 79 -5.28 -4.00 32.08
C GLY A 79 -6.41 -4.98 31.81
N VAL A 80 -7.55 -4.45 31.40
CA VAL A 80 -8.71 -5.29 31.10
C VAL A 80 -8.40 -6.29 30.00
N CYS A 81 -7.93 -5.78 28.86
CA CYS A 81 -7.58 -6.63 27.73
C CYS A 81 -6.12 -7.05 27.79
N ASN A 82 -5.30 -6.24 28.44
CA ASN A 82 -3.87 -6.53 28.57
C ASN A 82 -3.20 -6.56 27.20
N ARG A 83 -3.44 -5.53 26.41
CA ARG A 83 -2.85 -5.43 25.07
C ARG A 83 -1.62 -4.53 25.08
N SER A 84 -0.72 -4.76 24.14
CA SER A 84 0.50 -3.98 24.04
C SER A 84 0.34 -2.85 23.02
N PHE A 85 1.00 -1.73 23.28
CA PHE A 85 0.92 -0.58 22.39
C PHE A 85 2.31 -0.01 22.11
N SER A 86 2.39 0.89 21.14
CA SER A 86 3.67 1.51 20.77
C SER A 86 3.85 2.84 21.47
N ARG A 87 2.85 3.71 21.37
CA ARG A 87 2.89 5.03 21.99
C ARG A 87 2.04 5.06 23.26
N SER A 88 2.22 6.11 24.06
CA SER A 88 1.46 6.26 25.29
C SER A 88 0.04 6.72 25.01
N ASP A 89 -0.09 7.90 24.42
CA ASP A 89 -1.39 8.46 24.09
C ASP A 89 -2.33 7.37 23.56
N HIS A 90 -1.79 6.50 22.72
CA HIS A 90 -2.57 5.41 22.14
C HIS A 90 -3.24 4.59 23.23
N LEU A 91 -2.50 4.30 24.29
CA LEU A 91 -3.02 3.51 25.40
C LEU A 91 -4.25 4.17 26.01
N ALA A 92 -4.18 5.49 26.18
CA ALA A 92 -5.29 6.24 26.75
C ALA A 92 -6.50 6.23 25.81
N LEU A 93 -6.31 6.73 24.60
CA LEU A 93 -7.39 6.77 23.61
C LEU A 93 -8.08 5.42 23.50
N HIS A 94 -7.34 4.36 23.79
CA HIS A 94 -7.88 3.00 23.73
C HIS A 94 -8.59 2.64 25.03
N MET A 95 -7.94 2.93 26.15
CA MET A 95 -8.50 2.64 27.47
C MET A 95 -9.98 3.00 27.52
N LYS A 96 -10.27 4.28 27.29
CA LYS A 96 -11.64 4.77 27.31
C LYS A 96 -12.52 3.96 26.35
N ARG A 97 -11.90 3.43 25.31
CA ARG A 97 -12.62 2.63 24.32
C ARG A 97 -13.31 1.43 24.98
N HIS A 98 -12.78 1.00 26.11
CA HIS A 98 -13.34 -0.13 26.84
C HIS A 98 -14.70 0.21 27.42
N GLN A 99 -14.73 1.20 28.30
CA GLN A 99 -15.98 1.63 28.93
C GLN A 99 -16.87 2.36 27.93
N ASN A 100 -18.14 2.00 27.88
CA ASN A 100 -19.09 2.63 26.97
C ASN A 100 -19.77 3.82 27.65
N GLY A 1 43.29 33.00 -31.00
CA GLY A 1 42.58 31.86 -30.46
C GLY A 1 41.80 32.20 -29.21
N SER A 2 41.00 31.24 -28.74
CA SER A 2 40.19 31.45 -27.54
C SER A 2 39.52 30.14 -27.10
N SER A 3 38.86 30.19 -25.95
CA SER A 3 38.17 29.01 -25.42
C SER A 3 37.30 29.38 -24.23
N GLY A 4 36.55 28.40 -23.73
CA GLY A 4 35.68 28.65 -22.59
C GLY A 4 35.12 27.36 -22.00
N SER A 5 34.28 27.50 -20.98
CA SER A 5 33.69 26.35 -20.33
C SER A 5 32.62 26.78 -19.32
N SER A 6 31.80 25.83 -18.89
CA SER A 6 30.74 26.10 -17.93
C SER A 6 30.19 24.82 -17.34
N GLY A 7 29.43 24.94 -16.25
CA GLY A 7 28.85 23.79 -15.60
C GLY A 7 27.84 24.15 -14.54
N PRO A 8 26.58 24.35 -14.96
CA PRO A 8 25.49 24.71 -14.05
C PRO A 8 25.11 23.57 -13.11
N ASP A 9 24.07 23.79 -12.32
CA ASP A 9 23.60 22.77 -11.38
C ASP A 9 22.09 22.88 -11.19
N LEU A 10 21.49 21.78 -10.72
CA LEU A 10 20.05 21.75 -10.49
C LEU A 10 19.72 20.93 -9.25
N GLU A 11 19.06 21.55 -8.28
CA GLU A 11 18.69 20.88 -7.05
C GLU A 11 17.28 21.30 -6.60
N LYS A 12 16.43 20.31 -6.35
CA LYS A 12 15.06 20.57 -5.92
C LYS A 12 14.59 19.53 -4.92
N ARG A 13 13.39 19.71 -4.39
CA ARG A 13 12.83 18.78 -3.42
C ARG A 13 11.30 18.86 -3.40
N ARG A 14 10.64 17.73 -3.64
CA ARG A 14 9.19 17.68 -3.66
C ARG A 14 8.68 16.41 -2.97
N ILE A 15 7.54 16.53 -2.31
CA ILE A 15 6.95 15.39 -1.61
C ILE A 15 5.64 14.97 -2.26
N HIS A 16 5.46 13.65 -2.40
CA HIS A 16 4.25 13.12 -3.02
C HIS A 16 3.08 13.18 -2.04
N TYR A 17 1.95 13.69 -2.52
CA TYR A 17 0.76 13.81 -1.69
C TYR A 17 -0.29 12.76 -2.08
N CYS A 18 -0.71 11.99 -1.09
CA CYS A 18 -1.71 10.94 -1.31
C CYS A 18 -3.09 11.55 -1.58
N ASP A 19 -3.63 11.28 -2.76
CA ASP A 19 -4.93 11.78 -3.14
C ASP A 19 -6.05 10.90 -2.58
N TYR A 20 -5.88 10.44 -1.34
CA TYR A 20 -6.86 9.59 -0.70
C TYR A 20 -7.43 10.25 0.55
N PRO A 21 -8.75 10.11 0.75
CA PRO A 21 -9.44 10.69 1.90
C PRO A 21 -9.08 9.98 3.21
N GLY A 22 -9.38 10.63 4.33
CA GLY A 22 -9.08 10.04 5.62
C GLY A 22 -7.64 9.58 5.73
N CYS A 23 -6.79 10.05 4.81
CA CYS A 23 -5.39 9.68 4.81
C CYS A 23 -4.51 10.88 4.52
N THR A 24 -3.61 11.19 5.45
CA THR A 24 -2.71 12.33 5.30
C THR A 24 -1.25 11.87 5.30
N LYS A 25 -1.00 10.72 4.69
CA LYS A 25 0.36 10.18 4.62
C LYS A 25 1.06 10.63 3.34
N VAL A 26 2.33 10.98 3.48
CA VAL A 26 3.12 11.43 2.33
C VAL A 26 4.54 10.88 2.38
N TYR A 27 5.24 10.97 1.26
CA TYR A 27 6.61 10.47 1.18
C TYR A 27 7.39 11.17 0.07
N THR A 28 8.70 11.29 0.25
CA THR A 28 9.55 11.95 -0.73
C THR A 28 10.08 10.94 -1.75
N LYS A 29 9.38 9.82 -1.89
CA LYS A 29 9.79 8.79 -2.83
C LYS A 29 8.61 8.34 -3.69
N SER A 30 8.90 7.96 -4.93
CA SER A 30 7.86 7.51 -5.86
C SER A 30 7.48 6.06 -5.58
N SER A 31 8.48 5.18 -5.56
CA SER A 31 8.25 3.76 -5.31
C SER A 31 7.42 3.56 -4.04
N HIS A 32 7.82 4.25 -2.98
CA HIS A 32 7.11 4.15 -1.70
C HIS A 32 5.63 4.46 -1.86
N LEU A 33 5.34 5.65 -2.37
CA LEU A 33 3.96 6.08 -2.58
C LEU A 33 3.10 4.91 -3.08
N LYS A 34 3.48 4.36 -4.22
CA LYS A 34 2.74 3.24 -4.80
C LYS A 34 2.50 2.15 -3.75
N ALA A 35 3.54 1.80 -3.02
CA ALA A 35 3.45 0.78 -1.99
C ALA A 35 2.44 1.17 -0.92
N HIS A 36 2.45 2.45 -0.54
CA HIS A 36 1.53 2.95 0.47
C HIS A 36 0.08 2.82 0.01
N LEU A 37 -0.19 3.33 -1.19
CA LEU A 37 -1.55 3.28 -1.75
C LEU A 37 -2.16 1.89 -1.55
N ARG A 38 -1.34 0.86 -1.70
CA ARG A 38 -1.80 -0.51 -1.54
C ARG A 38 -2.69 -0.64 -0.31
N THR A 39 -2.18 -0.19 0.83
CA THR A 39 -2.93 -0.27 2.08
C THR A 39 -4.40 0.09 1.87
N HIS A 40 -4.64 1.09 1.03
CA HIS A 40 -6.00 1.54 0.73
C HIS A 40 -6.79 0.43 0.05
N THR A 41 -6.15 -0.25 -0.90
CA THR A 41 -6.79 -1.33 -1.63
C THR A 41 -6.86 -2.60 -0.79
N GLY A 42 -7.99 -3.29 -0.86
CA GLY A 42 -8.17 -4.51 -0.10
C GLY A 42 -8.58 -5.68 -0.98
N GLU A 43 -7.68 -6.12 -1.84
CA GLU A 43 -7.95 -7.23 -2.74
C GLU A 43 -7.03 -8.41 -2.45
N LYS A 44 -7.41 -9.21 -1.46
CA LYS A 44 -6.62 -10.38 -1.07
C LYS A 44 -7.48 -11.63 -1.06
N PRO A 45 -7.50 -12.35 -2.19
CA PRO A 45 -8.27 -13.59 -2.33
C PRO A 45 -7.70 -14.73 -1.51
N TYR A 46 -6.41 -14.63 -1.19
CA TYR A 46 -5.74 -15.67 -0.41
C TYR A 46 -5.79 -15.34 1.08
N LYS A 47 -6.39 -16.24 1.86
CA LYS A 47 -6.50 -16.04 3.30
C LYS A 47 -6.08 -17.31 4.05
N CYS A 48 -5.63 -17.14 5.28
CA CYS A 48 -5.20 -18.26 6.11
C CYS A 48 -6.41 -19.08 6.58
N THR A 49 -6.44 -20.34 6.18
CA THR A 49 -7.53 -21.23 6.56
C THR A 49 -7.32 -21.81 7.95
N TRP A 50 -6.90 -20.96 8.89
CA TRP A 50 -6.67 -21.38 10.26
C TRP A 50 -7.75 -20.86 11.19
N GLU A 51 -7.87 -21.49 12.36
CA GLU A 51 -8.87 -21.09 13.34
C GLU A 51 -8.43 -19.82 14.08
N GLY A 52 -9.28 -18.81 14.04
CA GLY A 52 -8.96 -17.56 14.71
C GLY A 52 -8.23 -16.59 13.80
N CYS A 53 -7.22 -17.08 13.09
CA CYS A 53 -6.44 -16.25 12.19
C CYS A 53 -7.34 -15.58 11.15
N ASP A 54 -7.16 -14.27 10.98
CA ASP A 54 -7.95 -13.51 10.03
C ASP A 54 -7.05 -12.70 9.11
N TRP A 55 -5.85 -13.21 8.85
CA TRP A 55 -4.89 -12.52 7.99
C TRP A 55 -5.03 -13.00 6.55
N ARG A 56 -4.77 -12.10 5.60
CA ARG A 56 -4.86 -12.43 4.19
C ARG A 56 -3.63 -11.93 3.43
N PHE A 57 -3.57 -12.25 2.15
CA PHE A 57 -2.44 -11.84 1.32
C PHE A 57 -2.87 -11.64 -0.13
N ALA A 58 -1.99 -11.06 -0.94
CA ALA A 58 -2.29 -10.82 -2.34
C ALA A 58 -1.92 -12.03 -3.20
N ARG A 59 -0.73 -12.58 -2.95
CA ARG A 59 -0.26 -13.75 -3.69
C ARG A 59 -0.35 -15.01 -2.85
N SER A 60 -0.18 -16.16 -3.49
CA SER A 60 -0.24 -17.44 -2.79
C SER A 60 1.00 -17.67 -1.94
N ASP A 61 2.17 -17.40 -2.52
CA ASP A 61 3.43 -17.57 -1.82
C ASP A 61 3.40 -16.89 -0.45
N GLU A 62 3.18 -15.58 -0.46
CA GLU A 62 3.11 -14.81 0.78
C GLU A 62 2.39 -15.60 1.87
N LEU A 63 1.24 -16.15 1.54
CA LEU A 63 0.44 -16.93 2.48
C LEU A 63 1.15 -18.23 2.83
N THR A 64 1.46 -19.02 1.81
CA THR A 64 2.13 -20.31 2.01
C THR A 64 3.17 -20.20 3.12
N ARG A 65 3.98 -19.15 3.08
CA ARG A 65 5.01 -18.93 4.08
C ARG A 65 4.41 -18.73 5.46
N HIS A 66 3.38 -17.89 5.53
CA HIS A 66 2.70 -17.61 6.80
C HIS A 66 2.09 -18.87 7.37
N TYR A 67 1.43 -19.66 6.52
CA TYR A 67 0.79 -20.89 6.96
C TYR A 67 1.79 -21.80 7.67
N ARG A 68 2.92 -22.05 7.02
CA ARG A 68 3.95 -22.90 7.59
C ARG A 68 4.14 -22.61 9.08
N LYS A 69 4.27 -21.34 9.41
CA LYS A 69 4.45 -20.92 10.80
C LYS A 69 3.44 -21.62 11.71
N HIS A 70 2.17 -21.56 11.32
CA HIS A 70 1.10 -22.18 12.10
C HIS A 70 1.42 -23.65 12.38
N THR A 71 1.79 -24.38 11.33
CA THR A 71 2.12 -25.79 11.47
C THR A 71 3.46 -25.98 12.17
N GLY A 72 4.29 -24.93 12.16
CA GLY A 72 5.59 -25.00 12.79
C GLY A 72 5.51 -24.90 14.29
N ALA A 73 6.09 -25.87 14.98
CA ALA A 73 6.09 -25.89 16.44
C ALA A 73 6.61 -24.58 17.01
N LYS A 74 6.26 -24.30 18.25
CA LYS A 74 6.69 -23.07 18.92
C LYS A 74 6.97 -23.32 20.40
N PRO A 75 7.77 -22.43 21.00
CA PRO A 75 8.14 -22.54 22.42
C PRO A 75 6.95 -22.25 23.35
N PHE A 76 5.88 -21.70 22.78
CA PHE A 76 4.69 -21.38 23.55
C PHE A 76 3.43 -21.78 22.79
N GLN A 77 2.64 -22.66 23.39
CA GLN A 77 1.41 -23.14 22.77
C GLN A 77 0.27 -23.15 23.78
N CYS A 78 -0.86 -22.57 23.39
CA CYS A 78 -2.03 -22.51 24.26
C CYS A 78 -2.47 -23.91 24.67
N GLY A 79 -3.43 -23.98 25.59
CA GLY A 79 -3.92 -25.26 26.05
C GLY A 79 -5.26 -25.63 25.44
N VAL A 80 -6.13 -24.63 25.27
CA VAL A 80 -7.45 -24.85 24.69
C VAL A 80 -7.38 -24.81 23.17
N CYS A 81 -7.23 -23.61 22.61
CA CYS A 81 -7.16 -23.43 21.17
C CYS A 81 -5.80 -23.90 20.63
N ASN A 82 -4.89 -24.21 21.54
CA ASN A 82 -3.57 -24.67 21.16
C ASN A 82 -2.97 -23.77 20.07
N ARG A 83 -2.91 -22.48 20.36
CA ARG A 83 -2.36 -21.50 19.41
C ARG A 83 -0.83 -21.48 19.49
N SER A 84 -0.24 -20.53 18.78
CA SER A 84 1.22 -20.40 18.76
C SER A 84 1.63 -18.94 18.97
N PHE A 85 2.58 -18.72 19.87
CA PHE A 85 3.06 -17.38 20.17
C PHE A 85 4.58 -17.32 20.08
N SER A 86 5.12 -16.10 20.03
CA SER A 86 6.56 -15.91 19.94
C SER A 86 7.16 -15.61 21.31
N ARG A 87 6.29 -15.32 22.28
CA ARG A 87 6.73 -15.02 23.63
C ARG A 87 5.83 -15.70 24.66
N SER A 88 6.21 -15.60 25.94
CA SER A 88 5.44 -16.21 27.01
C SER A 88 4.34 -15.26 27.50
N ASP A 89 4.75 -14.12 28.03
CA ASP A 89 3.81 -13.12 28.54
C ASP A 89 2.60 -12.99 27.60
N HIS A 90 2.88 -12.92 26.30
CA HIS A 90 1.83 -12.79 25.30
C HIS A 90 0.80 -13.91 25.45
N LEU A 91 1.28 -15.12 25.69
CA LEU A 91 0.40 -16.28 25.86
C LEU A 91 -0.47 -16.13 27.10
N ALA A 92 0.16 -15.74 28.21
CA ALA A 92 -0.56 -15.56 29.46
C ALA A 92 -1.72 -14.58 29.30
N LEU A 93 -1.46 -13.48 28.62
CA LEU A 93 -2.49 -12.46 28.39
C LEU A 93 -3.65 -13.03 27.58
N HIS A 94 -3.35 -14.03 26.75
CA HIS A 94 -4.37 -14.66 25.92
C HIS A 94 -5.22 -15.61 26.76
N MET A 95 -4.58 -16.34 27.67
CA MET A 95 -5.29 -17.28 28.52
C MET A 95 -6.56 -16.66 29.09
N LYS A 96 -6.47 -15.41 29.52
CA LYS A 96 -7.61 -14.70 30.08
C LYS A 96 -8.80 -14.76 29.13
N ARG A 97 -8.54 -14.58 27.84
CA ARG A 97 -9.60 -14.62 26.84
C ARG A 97 -10.52 -15.82 27.06
N HIS A 98 -9.92 -17.00 27.15
CA HIS A 98 -10.68 -18.23 27.36
C HIS A 98 -11.49 -18.15 28.65
N GLN A 99 -10.80 -18.26 29.78
CA GLN A 99 -11.46 -18.20 31.08
C GLN A 99 -12.31 -16.95 31.20
N ASN A 100 -13.29 -17.00 32.10
CA ASN A 100 -14.19 -15.86 32.32
C ASN A 100 -14.39 -15.59 33.81
N GLY A 1 49.49 41.73 -2.64
CA GLY A 1 48.68 40.73 -1.96
C GLY A 1 47.21 40.85 -2.29
N SER A 2 46.46 39.77 -2.08
CA SER A 2 45.04 39.75 -2.37
C SER A 2 44.40 38.43 -1.94
N SER A 3 43.09 38.34 -2.08
CA SER A 3 42.36 37.14 -1.69
C SER A 3 40.90 37.22 -2.12
N GLY A 4 40.19 36.12 -1.99
CA GLY A 4 38.78 36.08 -2.36
C GLY A 4 38.22 34.67 -2.37
N SER A 5 36.89 34.57 -2.37
CA SER A 5 36.22 33.27 -2.38
C SER A 5 34.73 33.43 -2.67
N SER A 6 34.08 32.33 -3.02
CA SER A 6 32.66 32.34 -3.34
C SER A 6 32.15 30.93 -3.60
N GLY A 7 30.85 30.82 -3.83
CA GLY A 7 30.25 29.52 -4.10
C GLY A 7 28.74 29.59 -4.23
N PRO A 8 28.21 29.11 -5.36
CA PRO A 8 26.77 29.11 -5.62
C PRO A 8 26.02 28.11 -4.74
N ASP A 9 24.73 27.97 -4.99
CA ASP A 9 23.89 27.05 -4.22
C ASP A 9 22.63 26.68 -4.99
N LEU A 10 21.97 25.60 -4.55
CA LEU A 10 20.76 25.13 -5.20
C LEU A 10 19.99 24.18 -4.30
N GLU A 11 18.73 23.93 -4.65
CA GLU A 11 17.89 23.04 -3.87
C GLU A 11 16.76 22.46 -4.73
N LYS A 12 16.23 21.32 -4.31
CA LYS A 12 15.15 20.66 -5.03
C LYS A 12 13.97 20.37 -4.10
N ARG A 13 12.77 20.36 -4.66
CA ARG A 13 11.57 20.08 -3.88
C ARG A 13 10.69 19.05 -4.59
N ARG A 14 10.78 17.81 -4.15
CA ARG A 14 9.99 16.73 -4.75
C ARG A 14 9.27 15.93 -3.67
N ILE A 15 7.96 16.11 -3.58
CA ILE A 15 7.15 15.41 -2.59
C ILE A 15 6.00 14.66 -3.26
N HIS A 16 5.50 13.62 -2.59
CA HIS A 16 4.40 12.83 -3.11
C HIS A 16 3.32 12.65 -2.06
N TYR A 17 2.32 13.52 -2.09
CA TYR A 17 1.22 13.47 -1.14
C TYR A 17 0.20 12.40 -1.54
N CYS A 18 -0.35 11.71 -0.55
CA CYS A 18 -1.33 10.68 -0.79
C CYS A 18 -2.65 11.26 -1.28
N ASP A 19 -3.06 10.87 -2.47
CA ASP A 19 -4.31 11.37 -3.06
C ASP A 19 -5.50 10.57 -2.53
N TYR A 20 -5.48 10.27 -1.23
CA TYR A 20 -6.56 9.51 -0.61
C TYR A 20 -7.26 10.34 0.46
N PRO A 21 -8.60 10.31 0.44
CA PRO A 21 -9.42 11.05 1.40
C PRO A 21 -9.33 10.48 2.81
N GLY A 22 -9.16 11.37 3.79
CA GLY A 22 -9.05 10.93 5.17
C GLY A 22 -7.61 10.63 5.58
N CYS A 23 -6.91 9.89 4.73
CA CYS A 23 -5.52 9.53 5.01
C CYS A 23 -4.62 10.76 4.95
N THR A 24 -3.77 10.91 5.96
CA THR A 24 -2.84 12.04 6.02
C THR A 24 -1.39 11.57 5.98
N LYS A 25 -1.11 10.64 5.08
CA LYS A 25 0.24 10.10 4.93
C LYS A 25 0.88 10.60 3.65
N VAL A 26 2.08 11.16 3.76
CA VAL A 26 2.80 11.67 2.61
C VAL A 26 4.22 11.09 2.53
N TYR A 27 4.73 10.94 1.31
CA TYR A 27 6.07 10.39 1.11
C TYR A 27 6.91 11.32 0.23
N THR A 28 8.22 11.21 0.36
CA THR A 28 9.14 12.04 -0.41
C THR A 28 9.33 11.47 -1.81
N LYS A 29 9.50 10.16 -1.90
CA LYS A 29 9.68 9.49 -3.19
C LYS A 29 8.37 8.90 -3.69
N SER A 30 8.34 8.55 -4.97
CA SER A 30 7.15 7.97 -5.59
C SER A 30 7.09 6.47 -5.35
N SER A 31 8.18 5.78 -5.68
CA SER A 31 8.26 4.34 -5.51
C SER A 31 7.58 3.90 -4.21
N HIS A 32 7.95 4.56 -3.12
CA HIS A 32 7.39 4.24 -1.81
C HIS A 32 5.87 4.42 -1.82
N LEU A 33 5.41 5.47 -2.50
CA LEU A 33 3.99 5.77 -2.59
C LEU A 33 3.21 4.56 -3.10
N LYS A 34 3.60 4.07 -4.28
CA LYS A 34 2.93 2.92 -4.88
C LYS A 34 2.51 1.92 -3.81
N ALA A 35 3.47 1.49 -2.99
CA ALA A 35 3.19 0.54 -1.93
C ALA A 35 2.13 1.07 -0.97
N HIS A 36 2.34 2.29 -0.49
CA HIS A 36 1.40 2.91 0.43
C HIS A 36 -0.02 2.86 -0.12
N LEU A 37 -0.14 2.91 -1.43
CA LEU A 37 -1.45 2.86 -2.08
C LEU A 37 -1.99 1.43 -2.13
N ARG A 38 -1.08 0.48 -2.32
CA ARG A 38 -1.46 -0.92 -2.38
C ARG A 38 -1.94 -1.42 -1.02
N THR A 39 -1.36 -0.87 0.04
CA THR A 39 -1.73 -1.26 1.40
C THR A 39 -3.10 -0.73 1.77
N HIS A 40 -3.49 0.38 1.17
CA HIS A 40 -4.78 1.00 1.43
C HIS A 40 -5.91 0.01 1.14
N THR A 41 -5.86 -0.63 -0.02
CA THR A 41 -6.87 -1.60 -0.42
C THR A 41 -7.40 -2.36 0.79
N GLY A 42 -8.70 -2.63 0.78
CA GLY A 42 -9.32 -3.35 1.89
C GLY A 42 -8.92 -2.79 3.23
N GLU A 43 -9.68 -1.80 3.72
CA GLU A 43 -9.39 -1.18 5.00
C GLU A 43 -10.63 -1.17 5.88
N LYS A 44 -11.80 -1.10 5.26
CA LYS A 44 -13.07 -1.09 5.97
C LYS A 44 -13.89 -2.32 5.65
N PRO A 45 -13.82 -3.34 6.52
CA PRO A 45 -14.56 -4.60 6.34
C PRO A 45 -16.06 -4.42 6.54
N TYR A 46 -16.42 -3.52 7.46
CA TYR A 46 -17.82 -3.25 7.75
C TYR A 46 -18.42 -2.28 6.73
N LYS A 47 -19.46 -2.73 6.04
CA LYS A 47 -20.12 -1.91 5.04
C LYS A 47 -21.62 -1.82 5.31
N CYS A 48 -22.24 -0.74 4.84
CA CYS A 48 -23.67 -0.54 5.03
C CYS A 48 -24.48 -1.42 4.08
N THR A 49 -25.14 -2.43 4.63
CA THR A 49 -25.95 -3.35 3.83
C THR A 49 -27.33 -2.77 3.56
N TRP A 50 -27.37 -1.49 3.19
CA TRP A 50 -28.63 -0.82 2.91
C TRP A 50 -28.79 -0.57 1.41
N GLU A 51 -30.03 -0.39 0.97
CA GLU A 51 -30.32 -0.14 -0.44
C GLU A 51 -29.73 1.20 -0.88
N GLY A 52 -28.92 1.15 -1.94
CA GLY A 52 -28.31 2.38 -2.45
C GLY A 52 -27.09 2.79 -1.65
N CYS A 53 -27.26 2.87 -0.33
CA CYS A 53 -26.15 3.27 0.55
C CYS A 53 -24.95 2.35 0.36
N ASP A 54 -23.78 2.95 0.21
CA ASP A 54 -22.55 2.19 0.02
C ASP A 54 -21.44 2.70 0.96
N TRP A 55 -21.84 3.14 2.14
CA TRP A 55 -20.88 3.66 3.12
C TRP A 55 -20.10 2.53 3.76
N ARG A 56 -19.06 2.88 4.52
CA ARG A 56 -18.23 1.89 5.19
C ARG A 56 -17.61 2.47 6.45
N PHE A 57 -17.19 1.59 7.36
CA PHE A 57 -16.57 2.02 8.61
C PHE A 57 -15.61 0.97 9.13
N ALA A 58 -14.39 1.39 9.47
CA ALA A 58 -13.38 0.48 9.97
C ALA A 58 -13.83 -0.19 11.27
N ARG A 59 -14.53 0.57 12.11
CA ARG A 59 -15.02 0.05 13.38
C ARG A 59 -16.52 -0.23 13.30
N SER A 60 -16.93 -1.41 13.78
CA SER A 60 -18.32 -1.80 13.76
C SER A 60 -19.19 -0.74 14.42
N ASP A 61 -18.80 -0.32 15.62
CA ASP A 61 -19.55 0.70 16.35
C ASP A 61 -19.91 1.87 15.45
N GLU A 62 -18.93 2.37 14.70
CA GLU A 62 -19.16 3.49 13.79
C GLU A 62 -20.38 3.23 12.90
N LEU A 63 -20.36 2.10 12.21
CA LEU A 63 -21.47 1.73 11.32
C LEU A 63 -22.79 1.72 12.08
N THR A 64 -22.88 0.89 13.11
CA THR A 64 -24.09 0.78 13.90
C THR A 64 -24.75 2.15 14.08
N ARG A 65 -23.95 3.14 14.44
CA ARG A 65 -24.46 4.50 14.64
C ARG A 65 -25.04 5.06 13.34
N HIS A 66 -24.33 4.83 12.24
CA HIS A 66 -24.78 5.32 10.94
C HIS A 66 -26.07 4.62 10.51
N TYR A 67 -26.12 3.31 10.71
CA TYR A 67 -27.30 2.53 10.34
C TYR A 67 -28.53 3.00 11.12
N ARG A 68 -28.34 3.23 12.42
CA ARG A 68 -29.43 3.68 13.28
C ARG A 68 -30.19 4.84 12.63
N LYS A 69 -29.46 5.71 11.96
CA LYS A 69 -30.06 6.87 11.31
C LYS A 69 -31.11 6.43 10.29
N HIS A 70 -30.78 5.41 9.50
CA HIS A 70 -31.69 4.90 8.49
C HIS A 70 -33.05 4.58 9.10
N THR A 71 -33.04 3.82 10.20
CA THR A 71 -34.26 3.44 10.88
C THR A 71 -34.83 4.60 11.70
N GLY A 72 -33.94 5.50 12.12
CA GLY A 72 -34.37 6.64 12.91
C GLY A 72 -35.18 7.63 12.09
N ALA A 73 -34.49 8.54 11.42
CA ALA A 73 -35.15 9.54 10.59
C ALA A 73 -34.81 9.36 9.11
N LYS A 74 -35.45 10.16 8.27
CA LYS A 74 -35.20 10.08 6.83
C LYS A 74 -34.80 11.45 6.27
N PRO A 75 -33.82 11.44 5.35
CA PRO A 75 -33.32 12.68 4.73
C PRO A 75 -34.33 13.29 3.78
N PHE A 76 -35.09 12.43 3.10
CA PHE A 76 -36.11 12.89 2.15
C PHE A 76 -37.48 12.35 2.52
N GLN A 77 -38.51 13.15 2.28
CA GLN A 77 -39.88 12.74 2.59
C GLN A 77 -40.84 13.20 1.49
N CYS A 78 -41.54 12.24 0.89
CA CYS A 78 -42.49 12.54 -0.17
C CYS A 78 -43.43 13.66 0.24
N GLY A 79 -44.36 14.00 -0.65
CA GLY A 79 -45.31 15.07 -0.36
C GLY A 79 -46.72 14.54 -0.16
N VAL A 80 -47.22 13.80 -1.14
CA VAL A 80 -48.57 13.24 -1.07
C VAL A 80 -48.65 12.16 -0.01
N CYS A 81 -48.11 10.99 -0.33
CA CYS A 81 -48.11 9.85 0.59
C CYS A 81 -47.17 10.11 1.77
N ASN A 82 -46.11 10.85 1.51
CA ASN A 82 -45.13 11.17 2.55
C ASN A 82 -44.30 9.94 2.90
N ARG A 83 -43.74 9.29 1.89
CA ARG A 83 -42.93 8.10 2.09
C ARG A 83 -41.52 8.47 2.56
N SER A 84 -40.65 7.48 2.66
CA SER A 84 -39.28 7.70 3.10
C SER A 84 -38.29 7.12 2.09
N PHE A 85 -37.16 7.80 1.93
CA PHE A 85 -36.13 7.34 1.00
C PHE A 85 -34.74 7.68 1.52
N SER A 86 -33.73 7.01 0.98
CA SER A 86 -32.35 7.25 1.38
C SER A 86 -31.71 8.36 0.56
N ARG A 87 -31.90 8.31 -0.76
CA ARG A 87 -31.35 9.30 -1.66
C ARG A 87 -32.45 10.20 -2.21
N SER A 88 -32.05 11.23 -2.96
CA SER A 88 -33.00 12.17 -3.54
C SER A 88 -33.57 11.61 -4.84
N ASP A 89 -32.70 11.26 -5.77
CA ASP A 89 -33.12 10.72 -7.06
C ASP A 89 -34.23 9.68 -6.88
N HIS A 90 -34.05 8.80 -5.89
CA HIS A 90 -35.03 7.75 -5.62
C HIS A 90 -36.41 8.36 -5.41
N LEU A 91 -36.47 9.48 -4.69
CA LEU A 91 -37.72 10.16 -4.42
C LEU A 91 -38.39 10.62 -5.71
N ALA A 92 -37.66 11.42 -6.49
CA ALA A 92 -38.18 11.92 -7.75
C ALA A 92 -38.73 10.79 -8.62
N LEU A 93 -38.11 9.62 -8.51
CA LEU A 93 -38.52 8.46 -9.29
C LEU A 93 -39.88 7.95 -8.81
N HIS A 94 -40.15 8.11 -7.52
CA HIS A 94 -41.42 7.67 -6.95
C HIS A 94 -42.57 8.57 -7.41
N MET A 95 -42.30 9.86 -7.46
CA MET A 95 -43.31 10.82 -7.89
C MET A 95 -44.11 10.29 -9.07
N LYS A 96 -43.40 9.76 -10.07
CA LYS A 96 -44.05 9.21 -11.25
C LYS A 96 -45.36 8.54 -10.90
N ARG A 97 -45.34 7.71 -9.85
CA ARG A 97 -46.53 7.00 -9.40
C ARG A 97 -47.66 7.97 -9.10
N HIS A 98 -47.36 8.97 -8.26
CA HIS A 98 -48.36 9.97 -7.89
C HIS A 98 -48.93 10.66 -9.13
N GLN A 99 -48.04 11.12 -10.00
CA GLN A 99 -48.45 11.80 -11.23
C GLN A 99 -49.41 10.93 -12.04
N ASN A 100 -50.71 11.12 -11.83
CA ASN A 100 -51.72 10.35 -12.54
C ASN A 100 -52.74 11.27 -13.20
#